data_7H3J
# 
_entry.id   7H3J 
# 
_audit_conform.dict_name       mmcif_pdbx.dic 
_audit_conform.dict_version    5.397 
_audit_conform.dict_location   http://mmcif.pdb.org/dictionaries/ascii/mmcif_pdbx.dic 
# 
loop_
_database_2.database_id 
_database_2.database_code 
_database_2.pdbx_database_accession 
_database_2.pdbx_DOI 
PDB   7H3J         pdb_00007h3j 10.2210/pdb7h3j/pdb 
WWPDB D_1001406978 ?            ?                   
# 
loop_
_pdbx_audit_revision_history.ordinal 
_pdbx_audit_revision_history.data_content_type 
_pdbx_audit_revision_history.major_revision 
_pdbx_audit_revision_history.minor_revision 
_pdbx_audit_revision_history.revision_date 
1 'Structure model' 1 0 2024-04-24 
2 'Structure model' 1 1 2024-10-16 
# 
_pdbx_audit_revision_details.ordinal             1 
_pdbx_audit_revision_details.revision_ordinal    1 
_pdbx_audit_revision_details.data_content_type   'Structure model' 
_pdbx_audit_revision_details.provider            repository 
_pdbx_audit_revision_details.type                'Initial release' 
_pdbx_audit_revision_details.description         ? 
_pdbx_audit_revision_details.details             ? 
# 
loop_
_pdbx_audit_revision_group.ordinal 
_pdbx_audit_revision_group.revision_ordinal 
_pdbx_audit_revision_group.data_content_type 
_pdbx_audit_revision_group.group 
1 2 'Structure model' 'Database references' 
2 2 'Structure model' 'Structure summary'   
# 
loop_
_pdbx_audit_revision_category.ordinal 
_pdbx_audit_revision_category.revision_ordinal 
_pdbx_audit_revision_category.data_content_type 
_pdbx_audit_revision_category.category 
1 2 'Structure model' citation           
2 2 'Structure model' citation_author    
3 2 'Structure model' pdbx_entry_details 
# 
loop_
_pdbx_audit_revision_item.ordinal 
_pdbx_audit_revision_item.revision_ordinal 
_pdbx_audit_revision_item.data_content_type 
_pdbx_audit_revision_item.item 
1 2 'Structure model' '_citation.country'                 
2 2 'Structure model' '_citation.journal_abbrev'          
3 2 'Structure model' '_citation.journal_id_CSD'          
4 2 'Structure model' '_citation.journal_id_ISSN'         
5 2 'Structure model' '_citation.pdbx_database_id_DOI'    
6 2 'Structure model' '_citation.pdbx_database_id_PubMed' 
7 2 'Structure model' '_citation.title'                   
8 2 'Structure model' '_citation.year'                    
# 
_pdbx_database_status.entry_id                        7H3J 
_pdbx_database_status.status_code                     REL 
_pdbx_database_status.status_code_sf                  REL 
_pdbx_database_status.status_code_mr                  ? 
_pdbx_database_status.status_code_cs                  ? 
_pdbx_database_status.recvd_initial_deposition_date   2024-04-04 
_pdbx_database_status.status_code_nmr_data            ? 
_pdbx_database_status.deposit_site                    RCSB 
_pdbx_database_status.process_site                    RCSB 
_pdbx_database_status.SG_entry                        ? 
_pdbx_database_status.pdb_format_compatible           Y 
_pdbx_database_status.methods_development_category    ? 
# 
_pdbx_contact_author.id                 1 
_pdbx_contact_author.email              frank.von-delft@diamond.ac.uk 
_pdbx_contact_author.name_first         Frank 
_pdbx_contact_author.name_last          'von Delft' 
_pdbx_contact_author.role               'principal investigator/group leader' 
_pdbx_contact_author.identifier_ORCID   0000-0003-0378-0017 
_pdbx_contact_author.name_mi            ? 
# 
loop_
_audit_author.name 
_audit_author.pdbx_ordinal 
'Lithgo, R.M.'        1  
'Fairhead, M.'        2  
'Koekemoer, L.'       3  
'Balcomb, B.H.'       4  
'Capkin, E.'          5  
'Chandran, A.V.'      6  
'Golding, M.'         7  
'Godoy, A.S.'         8  
'Aschenbrenner, J.C.' 9  
'Marples, P.G.'       10 
'Ni, X.'              11 
'Thompson, W.'        12 
'Tomlinson, C.W.E.'   13 
'Wild, C.'            14 
'Winokan, M.'         15 
'Xavier, M.-A.E.'     16 
'Fearon, D.'          17 
'von Delft, F.'       18 
# 
_citation.id                        primary 
_citation.title                     
;Crystallographic Fragment Screen of Coxsackievirus A16 2A Protease identifies new opportunities for the development of broad-spectrum anti-enterovirals.
;
_citation.journal_abbrev            Biorxiv 
_citation.journal_volume            ? 
_citation.page_first                ? 
_citation.page_last                 ? 
_citation.year                      2024 
_citation.journal_id_ASTM           ? 
_citation.country                   US 
_citation.journal_id_ISSN           2692-8205 
_citation.journal_id_CSD            ? 
_citation.book_publisher            ? 
_citation.pdbx_database_id_PubMed   38746446 
_citation.pdbx_database_id_DOI      10.1101/2024.04.29.591684 
# 
loop_
_citation_author.citation_id 
_citation_author.name 
_citation_author.identifier_ORCID 
_citation_author.ordinal 
primary 'Lithgo, R.M.'        0000-0002-4706-9916 1  
primary 'Tomlinson, C.W.E.'   0000-0002-1845-6028 2  
primary 'Fairhead, M.'        0000-0001-5361-3933 3  
primary 'Winokan, M.'         ?                   4  
primary 'Thompson, W.'        0000-0003-1474-7810 5  
primary 'Wild, C.'            0000-0003-0654-8141 6  
primary 'Aschenbrenner, J.C.' 0000-0002-4318-0481 7  
primary 'Balcomb, B.H.'       0000-0001-7599-8467 8  
primary 'Marples, P.G.'       0000-0002-8787-7969 9  
primary 'Chandran, A.V.'      0000-0001-9942-2614 10 
primary 'Golding, M.'         0009-0004-7472-8333 11 
primary 'Koekemoer, L.'       0000-0001-9226-9127 12 
primary 'Williams, E.P.'      0000-0002-1331-9518 13 
primary 'Wang, S.'            ?                   14 
primary 'Ni, X.'              0000-0002-7769-8297 15 
primary 'MacLean, E.'         0000-0003-1680-4292 16 
primary 'Giroud, C.'          0000-0002-1629-1581 17 
primary 'Godoy, A.S.'         0000-0002-0613-9164 18 
primary 'Xavier, M.A.'        0000-0002-1709-9479 19 
primary 'Walsh, M.'           0000-0001-5683-1151 20 
primary 'Fearon, D.'          0000-0003-3529-7863 21 
primary 'von Delft, F.'       0000-0003-0378-0017 22 
# 
loop_
_entity.id 
_entity.type 
_entity.src_method 
_entity.pdbx_description 
_entity.formula_weight 
_entity.pdbx_number_of_molecules 
_entity.pdbx_ec 
_entity.pdbx_mutation 
_entity.pdbx_fragment 
_entity.details 
1 polymer     man 'Protease 2A'                               16493.311 1   3.4.22.29 ? ? ? 
2 non-polymer man '~{N}-(1-ethylbenzimidazol-2-yl)ethanamide' 203.240   1   ?         ? ? ? 
3 non-polymer syn 'ZINC ION'                                  65.409    1   ?         ? ? ? 
4 non-polymer syn 'DIMETHYL SULFOXIDE'                        78.133    4   ?         ? ? ? 
5 non-polymer syn 'SULFATE ION'                               96.063    1   ?         ? ? ? 
6 water       nat water                                       18.015    256 ?         ? ? ? 
# 
_entity_name_com.entity_id   1 
_entity_name_com.name        'P2A,Picornain 2A,Protein 2A' 
# 
_entity_poly.entity_id                      1 
_entity_poly.type                           'polypeptide(L)' 
_entity_poly.nstd_linkage                   no 
_entity_poly.nstd_monomer                   no 
_entity_poly.pdbx_seq_one_letter_code       
;QEQTGGSGAIYVGNYRVVNRHLATHNDWANLVWEDSSRDLLVSSTTAQGCDTIARCDCQTGVYYCSSRRKHYPVSFSKPS
LIFVEASEYYPARYQSHLMLAVGHSEPGDCGGILRCQHGVVGIVSTGGNGLVGFADVRDLLWLDEEAMEQ
;
_entity_poly.pdbx_seq_one_letter_code_can   
;QEQTGGSGAIYVGNYRVVNRHLATHNDWANLVWEDSSRDLLVSSTTAQGCDTIARCDCQTGVYYCSSRRKHYPVSFSKPS
LIFVEASEYYPARYQSHLMLAVGHSEPGDCGGILRCQHGVVGIVSTGGNGLVGFADVRDLLWLDEEAMEQ
;
_entity_poly.pdbx_strand_id                 A 
_entity_poly.pdbx_target_identifier         ? 
# 
loop_
_pdbx_entity_nonpoly.entity_id 
_pdbx_entity_nonpoly.name 
_pdbx_entity_nonpoly.comp_id 
2 '~{N}-(1-ethylbenzimidazol-2-yl)ethanamide' TEK 
3 'ZINC ION'                                  ZN  
4 'DIMETHYL SULFOXIDE'                        DMS 
5 'SULFATE ION'                               SO4 
6 water                                       HOH 
# 
loop_
_entity_poly_seq.entity_id 
_entity_poly_seq.num 
_entity_poly_seq.mon_id 
_entity_poly_seq.hetero 
1 1   GLN n 
1 2   GLU n 
1 3   GLN n 
1 4   THR n 
1 5   GLY n 
1 6   GLY n 
1 7   SER n 
1 8   GLY n 
1 9   ALA n 
1 10  ILE n 
1 11  TYR n 
1 12  VAL n 
1 13  GLY n 
1 14  ASN n 
1 15  TYR n 
1 16  ARG n 
1 17  VAL n 
1 18  VAL n 
1 19  ASN n 
1 20  ARG n 
1 21  HIS n 
1 22  LEU n 
1 23  ALA n 
1 24  THR n 
1 25  HIS n 
1 26  ASN n 
1 27  ASP n 
1 28  TRP n 
1 29  ALA n 
1 30  ASN n 
1 31  LEU n 
1 32  VAL n 
1 33  TRP n 
1 34  GLU n 
1 35  ASP n 
1 36  SER n 
1 37  SER n 
1 38  ARG n 
1 39  ASP n 
1 40  LEU n 
1 41  LEU n 
1 42  VAL n 
1 43  SER n 
1 44  SER n 
1 45  THR n 
1 46  THR n 
1 47  ALA n 
1 48  GLN n 
1 49  GLY n 
1 50  CYS n 
1 51  ASP n 
1 52  THR n 
1 53  ILE n 
1 54  ALA n 
1 55  ARG n 
1 56  CYS n 
1 57  ASP n 
1 58  CYS n 
1 59  GLN n 
1 60  THR n 
1 61  GLY n 
1 62  VAL n 
1 63  TYR n 
1 64  TYR n 
1 65  CYS n 
1 66  SER n 
1 67  SER n 
1 68  ARG n 
1 69  ARG n 
1 70  LYS n 
1 71  HIS n 
1 72  TYR n 
1 73  PRO n 
1 74  VAL n 
1 75  SER n 
1 76  PHE n 
1 77  SER n 
1 78  LYS n 
1 79  PRO n 
1 80  SER n 
1 81  LEU n 
1 82  ILE n 
1 83  PHE n 
1 84  VAL n 
1 85  GLU n 
1 86  ALA n 
1 87  SER n 
1 88  GLU n 
1 89  TYR n 
1 90  TYR n 
1 91  PRO n 
1 92  ALA n 
1 93  ARG n 
1 94  TYR n 
1 95  GLN n 
1 96  SER n 
1 97  HIS n 
1 98  LEU n 
1 99  MET n 
1 100 LEU n 
1 101 ALA n 
1 102 VAL n 
1 103 GLY n 
1 104 HIS n 
1 105 SER n 
1 106 GLU n 
1 107 PRO n 
1 108 GLY n 
1 109 ASP n 
1 110 CYS n 
1 111 GLY n 
1 112 GLY n 
1 113 ILE n 
1 114 LEU n 
1 115 ARG n 
1 116 CYS n 
1 117 GLN n 
1 118 HIS n 
1 119 GLY n 
1 120 VAL n 
1 121 VAL n 
1 122 GLY n 
1 123 ILE n 
1 124 VAL n 
1 125 SER n 
1 126 THR n 
1 127 GLY n 
1 128 GLY n 
1 129 ASN n 
1 130 GLY n 
1 131 LEU n 
1 132 VAL n 
1 133 GLY n 
1 134 PHE n 
1 135 ALA n 
1 136 ASP n 
1 137 VAL n 
1 138 ARG n 
1 139 ASP n 
1 140 LEU n 
1 141 LEU n 
1 142 TRP n 
1 143 LEU n 
1 144 ASP n 
1 145 GLU n 
1 146 GLU n 
1 147 ALA n 
1 148 MET n 
1 149 GLU n 
1 150 GLN n 
# 
loop_
_entity_src_gen.entity_id 
_entity_src_gen.pdbx_src_id 
_entity_src_gen.pdbx_alt_source_flag 
_entity_src_gen.pdbx_seq_type 
_entity_src_gen.pdbx_beg_seq_num 
_entity_src_gen.pdbx_end_seq_num 
_entity_src_gen.gene_src_common_name 
_entity_src_gen.gene_src_genus 
_entity_src_gen.pdbx_gene_src_gene 
_entity_src_gen.gene_src_species 
_entity_src_gen.gene_src_strain 
_entity_src_gen.gene_src_tissue 
_entity_src_gen.gene_src_tissue_fraction 
_entity_src_gen.gene_src_details 
_entity_src_gen.pdbx_gene_src_fragment 
_entity_src_gen.pdbx_gene_src_scientific_name 
_entity_src_gen.pdbx_gene_src_ncbi_taxonomy_id 
_entity_src_gen.pdbx_gene_src_variant 
_entity_src_gen.pdbx_gene_src_cell_line 
_entity_src_gen.pdbx_gene_src_atcc 
_entity_src_gen.pdbx_gene_src_organ 
_entity_src_gen.pdbx_gene_src_organelle 
_entity_src_gen.pdbx_gene_src_cell 
_entity_src_gen.pdbx_gene_src_cellular_location 
_entity_src_gen.host_org_common_name 
_entity_src_gen.pdbx_host_org_scientific_name 
_entity_src_gen.pdbx_host_org_ncbi_taxonomy_id 
_entity_src_gen.host_org_genus 
_entity_src_gen.pdbx_host_org_gene 
_entity_src_gen.pdbx_host_org_organ 
_entity_src_gen.host_org_species 
_entity_src_gen.pdbx_host_org_tissue 
_entity_src_gen.pdbx_host_org_tissue_fraction 
_entity_src_gen.pdbx_host_org_strain 
_entity_src_gen.pdbx_host_org_variant 
_entity_src_gen.pdbx_host_org_cell_line 
_entity_src_gen.pdbx_host_org_atcc 
_entity_src_gen.pdbx_host_org_culture_collection 
_entity_src_gen.pdbx_host_org_cell 
_entity_src_gen.pdbx_host_org_organelle 
_entity_src_gen.pdbx_host_org_cellular_location 
_entity_src_gen.pdbx_host_org_vector_type 
_entity_src_gen.pdbx_host_org_vector 
_entity_src_gen.host_org_details 
_entity_src_gen.expression_system_id 
_entity_src_gen.plasmid_name 
_entity_src_gen.plasmid_details 
_entity_src_gen.pdbx_description 
1 1 sample 'Biological sequence' 1 150 ? ? ? ? ? ? ? ? ? 'Coxsackievirus A16' 31704 ? ? ? ? ? ? ? ? 'Escherichia coli' 562 ? ? ? ? 
? ? ? ? ? ? ? ? ? ? ? ? ? ? ? ? ? 
2 1 sample ?                     ? ?   ? ? ? ? ? ? ? ? ? 'Coxsackievirus A16' 31704 ? ? ? ? ? ? ? ? 'Escherichia coli' 562 ? ? ? ? 
? ? ? ? ? ? ? ? ? ? ? ? ? ? ? ? ? 
# 
loop_
_chem_comp.id 
_chem_comp.type 
_chem_comp.mon_nstd_flag 
_chem_comp.name 
_chem_comp.pdbx_synonyms 
_chem_comp.formula 
_chem_comp.formula_weight 
ALA 'L-peptide linking' y ALANINE                                     ? 'C3 H7 N O2'     89.093  
ARG 'L-peptide linking' y ARGININE                                    ? 'C6 H15 N4 O2 1' 175.209 
ASN 'L-peptide linking' y ASPARAGINE                                  ? 'C4 H8 N2 O3'    132.118 
ASP 'L-peptide linking' y 'ASPARTIC ACID'                             ? 'C4 H7 N O4'     133.103 
CYS 'L-peptide linking' y CYSTEINE                                    ? 'C3 H7 N O2 S'   121.158 
DMS non-polymer         . 'DIMETHYL SULFOXIDE'                        ? 'C2 H6 O S'      78.133  
GLN 'L-peptide linking' y GLUTAMINE                                   ? 'C5 H10 N2 O3'   146.144 
GLU 'L-peptide linking' y 'GLUTAMIC ACID'                             ? 'C5 H9 N O4'     147.129 
GLY 'peptide linking'   y GLYCINE                                     ? 'C2 H5 N O2'     75.067  
HIS 'L-peptide linking' y HISTIDINE                                   ? 'C6 H10 N3 O2 1' 156.162 
HOH non-polymer         . WATER                                       ? 'H2 O'           18.015  
ILE 'L-peptide linking' y ISOLEUCINE                                  ? 'C6 H13 N O2'    131.173 
LEU 'L-peptide linking' y LEUCINE                                     ? 'C6 H13 N O2'    131.173 
LYS 'L-peptide linking' y LYSINE                                      ? 'C6 H15 N2 O2 1' 147.195 
MET 'L-peptide linking' y METHIONINE                                  ? 'C5 H11 N O2 S'  149.211 
PHE 'L-peptide linking' y PHENYLALANINE                               ? 'C9 H11 N O2'    165.189 
PRO 'L-peptide linking' y PROLINE                                     ? 'C5 H9 N O2'     115.130 
SER 'L-peptide linking' y SERINE                                      ? 'C3 H7 N O3'     105.093 
SO4 non-polymer         . 'SULFATE ION'                               ? 'O4 S -2'        96.063  
TEK non-polymer         . '~{N}-(1-ethylbenzimidazol-2-yl)ethanamide' ? 'C11 H13 N3 O'   203.240 
THR 'L-peptide linking' y THREONINE                                   ? 'C4 H9 N O3'     119.119 
TRP 'L-peptide linking' y TRYPTOPHAN                                  ? 'C11 H12 N2 O2'  204.225 
TYR 'L-peptide linking' y TYROSINE                                    ? 'C9 H11 N O3'    181.189 
VAL 'L-peptide linking' y VALINE                                      ? 'C5 H11 N O2'    117.146 
ZN  non-polymer         . 'ZINC ION'                                  ? 'Zn 2'           65.409  
# 
loop_
_pdbx_poly_seq_scheme.asym_id 
_pdbx_poly_seq_scheme.entity_id 
_pdbx_poly_seq_scheme.seq_id 
_pdbx_poly_seq_scheme.mon_id 
_pdbx_poly_seq_scheme.ndb_seq_num 
_pdbx_poly_seq_scheme.pdb_seq_num 
_pdbx_poly_seq_scheme.auth_seq_num 
_pdbx_poly_seq_scheme.pdb_mon_id 
_pdbx_poly_seq_scheme.auth_mon_id 
_pdbx_poly_seq_scheme.pdb_strand_id 
_pdbx_poly_seq_scheme.pdb_ins_code 
_pdbx_poly_seq_scheme.hetero 
A 1 1   GLN 1   1   ?   ?   ?   A . n 
A 1 2   GLU 2   2   ?   ?   ?   A . n 
A 1 3   GLN 3   3   ?   ?   ?   A . n 
A 1 4   THR 4   4   ?   ?   ?   A . n 
A 1 5   GLY 5   5   ?   ?   ?   A . n 
A 1 6   GLY 6   6   ?   ?   ?   A . n 
A 1 7   SER 7   7   7   SER SER A . n 
A 1 8   GLY 8   8   8   GLY GLY A . n 
A 1 9   ALA 9   9   9   ALA ALA A . n 
A 1 10  ILE 10  10  10  ILE ILE A . n 
A 1 11  TYR 11  11  11  TYR TYR A . n 
A 1 12  VAL 12  12  12  VAL VAL A . n 
A 1 13  GLY 13  13  13  GLY GLY A . n 
A 1 14  ASN 14  14  14  ASN ASN A . n 
A 1 15  TYR 15  15  15  TYR TYR A . n 
A 1 16  ARG 16  16  16  ARG ARG A . n 
A 1 17  VAL 17  17  17  VAL VAL A . n 
A 1 18  VAL 18  18  18  VAL VAL A . n 
A 1 19  ASN 19  19  19  ASN ASN A . n 
A 1 20  ARG 20  20  20  ARG ARG A . n 
A 1 21  HIS 21  21  21  HIS HIS A . n 
A 1 22  LEU 22  22  22  LEU LEU A . n 
A 1 23  ALA 23  23  23  ALA ALA A . n 
A 1 24  THR 24  24  24  THR THR A . n 
A 1 25  HIS 25  25  25  HIS HIS A . n 
A 1 26  ASN 26  26  26  ASN ASN A . n 
A 1 27  ASP 27  27  27  ASP ASP A . n 
A 1 28  TRP 28  28  28  TRP TRP A . n 
A 1 29  ALA 29  29  29  ALA ALA A . n 
A 1 30  ASN 30  30  30  ASN ASN A . n 
A 1 31  LEU 31  31  31  LEU LEU A . n 
A 1 32  VAL 32  32  32  VAL VAL A . n 
A 1 33  TRP 33  33  33  TRP TRP A . n 
A 1 34  GLU 34  34  34  GLU GLU A . n 
A 1 35  ASP 35  35  35  ASP ASP A . n 
A 1 36  SER 36  36  36  SER SER A . n 
A 1 37  SER 37  37  37  SER SER A . n 
A 1 38  ARG 38  38  38  ARG ARG A . n 
A 1 39  ASP 39  39  39  ASP ASP A . n 
A 1 40  LEU 40  40  40  LEU LEU A . n 
A 1 41  LEU 41  41  41  LEU LEU A . n 
A 1 42  VAL 42  42  42  VAL VAL A . n 
A 1 43  SER 43  43  43  SER SER A . n 
A 1 44  SER 44  44  44  SER SER A . n 
A 1 45  THR 45  45  45  THR THR A . n 
A 1 46  THR 46  46  46  THR THR A . n 
A 1 47  ALA 47  47  47  ALA ALA A . n 
A 1 48  GLN 48  48  48  GLN GLN A . n 
A 1 49  GLY 49  49  49  GLY GLY A . n 
A 1 50  CYS 50  50  50  CYS CYS A . n 
A 1 51  ASP 51  51  51  ASP ASP A . n 
A 1 52  THR 52  52  52  THR THR A . n 
A 1 53  ILE 53  53  53  ILE ILE A . n 
A 1 54  ALA 54  54  54  ALA ALA A . n 
A 1 55  ARG 55  55  55  ARG ARG A . n 
A 1 56  CYS 56  56  56  CYS CYS A . n 
A 1 57  ASP 57  57  57  ASP ASP A . n 
A 1 58  CYS 58  58  58  CYS CYS A . n 
A 1 59  GLN 59  59  59  GLN GLN A . n 
A 1 60  THR 60  60  60  THR THR A . n 
A 1 61  GLY 61  61  61  GLY GLY A . n 
A 1 62  VAL 62  62  62  VAL VAL A . n 
A 1 63  TYR 63  63  63  TYR TYR A . n 
A 1 64  TYR 64  64  64  TYR TYR A . n 
A 1 65  CYS 65  65  65  CYS CYS A . n 
A 1 66  SER 66  66  66  SER SER A . n 
A 1 67  SER 67  67  67  SER SER A . n 
A 1 68  ARG 68  68  68  ARG ARG A . n 
A 1 69  ARG 69  69  69  ARG ARG A . n 
A 1 70  LYS 70  70  70  LYS LYS A . n 
A 1 71  HIS 71  71  71  HIS HIS A . n 
A 1 72  TYR 72  72  72  TYR TYR A . n 
A 1 73  PRO 73  73  73  PRO PRO A . n 
A 1 74  VAL 74  74  74  VAL VAL A . n 
A 1 75  SER 75  75  75  SER SER A . n 
A 1 76  PHE 76  76  76  PHE PHE A . n 
A 1 77  SER 77  77  77  SER SER A . n 
A 1 78  LYS 78  78  78  LYS LYS A . n 
A 1 79  PRO 79  79  79  PRO PRO A . n 
A 1 80  SER 80  80  80  SER SER A . n 
A 1 81  LEU 81  81  81  LEU LEU A . n 
A 1 82  ILE 82  82  82  ILE ILE A . n 
A 1 83  PHE 83  83  83  PHE PHE A . n 
A 1 84  VAL 84  84  84  VAL VAL A . n 
A 1 85  GLU 85  85  85  GLU GLU A . n 
A 1 86  ALA 86  86  86  ALA ALA A . n 
A 1 87  SER 87  87  87  SER SER A . n 
A 1 88  GLU 88  88  88  GLU GLU A . n 
A 1 89  TYR 89  89  89  TYR TYR A . n 
A 1 90  TYR 90  90  90  TYR TYR A . n 
A 1 91  PRO 91  91  91  PRO PRO A . n 
A 1 92  ALA 92  92  92  ALA ALA A . n 
A 1 93  ARG 93  93  93  ARG ARG A . n 
A 1 94  TYR 94  94  94  TYR TYR A . n 
A 1 95  GLN 95  95  95  GLN GLN A . n 
A 1 96  SER 96  96  96  SER SER A . n 
A 1 97  HIS 97  97  97  HIS HIS A . n 
A 1 98  LEU 98  98  98  LEU LEU A . n 
A 1 99  MET 99  99  99  MET MET A . n 
A 1 100 LEU 100 100 100 LEU LEU A . n 
A 1 101 ALA 101 101 101 ALA ALA A . n 
A 1 102 VAL 102 102 102 VAL VAL A . n 
A 1 103 GLY 103 103 103 GLY GLY A . n 
A 1 104 HIS 104 104 104 HIS HIS A . n 
A 1 105 SER 105 105 105 SER SER A . n 
A 1 106 GLU 106 106 106 GLU GLU A . n 
A 1 107 PRO 107 107 107 PRO PRO A . n 
A 1 108 GLY 108 108 108 GLY GLY A . n 
A 1 109 ASP 109 109 109 ASP ASP A . n 
A 1 110 CYS 110 110 110 CYS CYS A . n 
A 1 111 GLY 111 111 111 GLY GLY A . n 
A 1 112 GLY 112 112 112 GLY GLY A . n 
A 1 113 ILE 113 113 113 ILE ILE A . n 
A 1 114 LEU 114 114 114 LEU LEU A . n 
A 1 115 ARG 115 115 115 ARG ARG A . n 
A 1 116 CYS 116 116 116 CYS CYS A . n 
A 1 117 GLN 117 117 117 GLN GLN A . n 
A 1 118 HIS 118 118 118 HIS HIS A . n 
A 1 119 GLY 119 119 119 GLY GLY A . n 
A 1 120 VAL 120 120 120 VAL VAL A . n 
A 1 121 VAL 121 121 121 VAL VAL A . n 
A 1 122 GLY 122 122 122 GLY GLY A . n 
A 1 123 ILE 123 123 123 ILE ILE A . n 
A 1 124 VAL 124 124 124 VAL VAL A . n 
A 1 125 SER 125 125 125 SER SER A . n 
A 1 126 THR 126 126 126 THR THR A . n 
A 1 127 GLY 127 127 127 GLY GLY A . n 
A 1 128 GLY 128 128 128 GLY GLY A . n 
A 1 129 ASN 129 129 129 ASN ASN A . n 
A 1 130 GLY 130 130 130 GLY GLY A . n 
A 1 131 LEU 131 131 131 LEU LEU A . n 
A 1 132 VAL 132 132 132 VAL VAL A . n 
A 1 133 GLY 133 133 133 GLY GLY A . n 
A 1 134 PHE 134 134 134 PHE PHE A . n 
A 1 135 ALA 135 135 135 ALA ALA A . n 
A 1 136 ASP 136 136 136 ASP ASP A . n 
A 1 137 VAL 137 137 137 VAL VAL A . n 
A 1 138 ARG 138 138 138 ARG ARG A . n 
A 1 139 ASP 139 139 139 ASP ASP A . n 
A 1 140 LEU 140 140 140 LEU LEU A . n 
A 1 141 LEU 141 141 141 LEU LEU A . n 
A 1 142 TRP 142 142 142 TRP TRP A . n 
A 1 143 LEU 143 143 143 LEU LEU A . n 
A 1 144 ASP 144 144 144 ASP ASP A . n 
A 1 145 GLU 145 145 145 GLU GLU A . n 
A 1 146 GLU 146 146 146 GLU GLU A . n 
A 1 147 ALA 147 147 ?   ?   ?   A . n 
A 1 148 MET 148 148 ?   ?   ?   A . n 
A 1 149 GLU 149 149 ?   ?   ?   A . n 
A 1 150 GLN 150 150 ?   ?   ?   A . n 
# 
loop_
_pdbx_nonpoly_scheme.asym_id 
_pdbx_nonpoly_scheme.entity_id 
_pdbx_nonpoly_scheme.mon_id 
_pdbx_nonpoly_scheme.ndb_seq_num 
_pdbx_nonpoly_scheme.pdb_seq_num 
_pdbx_nonpoly_scheme.auth_seq_num 
_pdbx_nonpoly_scheme.pdb_mon_id 
_pdbx_nonpoly_scheme.auth_mon_id 
_pdbx_nonpoly_scheme.pdb_strand_id 
_pdbx_nonpoly_scheme.pdb_ins_code 
B 2 TEK 1   201 147 TEK LIG A . 
C 3 ZN  1   202 1   ZN  ZN  A . 
D 4 DMS 1   203 0   DMS DMS A . 
E 4 DMS 1   204 1   DMS DMS A . 
F 4 DMS 1   205 3   DMS DMS A . 
G 4 DMS 1   206 6   DMS DMS A . 
H 5 SO4 1   207 1   SO4 SO4 A . 
I 6 HOH 1   301 255 HOH HOH A . 
I 6 HOH 2   302 3   HOH HOH A . 
I 6 HOH 3   303 234 HOH HOH A . 
I 6 HOH 4   304 137 HOH HOH A . 
I 6 HOH 5   305 227 HOH HOH A . 
I 6 HOH 6   306 77  HOH HOH A . 
I 6 HOH 7   307 238 HOH HOH A . 
I 6 HOH 8   308 46  HOH HOH A . 
I 6 HOH 9   309 34  HOH HOH A . 
I 6 HOH 10  310 278 HOH HOH A . 
I 6 HOH 11  311 94  HOH HOH A . 
I 6 HOH 12  312 215 HOH HOH A . 
I 6 HOH 13  313 147 HOH HOH A . 
I 6 HOH 14  314 131 HOH HOH A . 
I 6 HOH 15  315 229 HOH HOH A . 
I 6 HOH 16  316 79  HOH HOH A . 
I 6 HOH 17  317 107 HOH HOH A . 
I 6 HOH 18  318 193 HOH HOH A . 
I 6 HOH 19  319 103 HOH HOH A . 
I 6 HOH 20  320 205 HOH HOH A . 
I 6 HOH 21  321 219 HOH HOH A . 
I 6 HOH 22  322 181 HOH HOH A . 
I 6 HOH 23  323 30  HOH HOH A . 
I 6 HOH 24  324 217 HOH HOH A . 
I 6 HOH 25  325 68  HOH HOH A . 
I 6 HOH 26  326 4   HOH HOH A . 
I 6 HOH 27  327 277 HOH HOH A . 
I 6 HOH 28  328 183 HOH HOH A . 
I 6 HOH 29  329 133 HOH HOH A . 
I 6 HOH 30  330 57  HOH HOH A . 
I 6 HOH 31  331 47  HOH HOH A . 
I 6 HOH 32  332 39  HOH HOH A . 
I 6 HOH 33  333 60  HOH HOH A . 
I 6 HOH 34  334 59  HOH HOH A . 
I 6 HOH 35  335 173 HOH HOH A . 
I 6 HOH 36  336 21  HOH HOH A . 
I 6 HOH 37  337 161 HOH HOH A . 
I 6 HOH 38  338 71  HOH HOH A . 
I 6 HOH 39  339 29  HOH HOH A . 
I 6 HOH 40  340 16  HOH HOH A . 
I 6 HOH 41  341 182 HOH HOH A . 
I 6 HOH 42  342 104 HOH HOH A . 
I 6 HOH 43  343 37  HOH HOH A . 
I 6 HOH 44  344 148 HOH HOH A . 
I 6 HOH 45  345 281 HOH HOH A . 
I 6 HOH 46  346 245 HOH HOH A . 
I 6 HOH 47  347 24  HOH HOH A . 
I 6 HOH 48  348 180 HOH HOH A . 
I 6 HOH 49  349 7   HOH HOH A . 
I 6 HOH 50  350 43  HOH HOH A . 
I 6 HOH 51  351 48  HOH HOH A . 
I 6 HOH 52  352 109 HOH HOH A . 
I 6 HOH 53  353 178 HOH HOH A . 
I 6 HOH 54  354 211 HOH HOH A . 
I 6 HOH 55  355 168 HOH HOH A . 
I 6 HOH 56  356 2   HOH HOH A . 
I 6 HOH 57  357 216 HOH HOH A . 
I 6 HOH 58  358 152 HOH HOH A . 
I 6 HOH 59  359 13  HOH HOH A . 
I 6 HOH 60  360 124 HOH HOH A . 
I 6 HOH 61  361 67  HOH HOH A . 
I 6 HOH 62  362 33  HOH HOH A . 
I 6 HOH 63  363 167 HOH HOH A . 
I 6 HOH 64  364 110 HOH HOH A . 
I 6 HOH 65  365 19  HOH HOH A . 
I 6 HOH 66  366 88  HOH HOH A . 
I 6 HOH 67  367 97  HOH HOH A . 
I 6 HOH 68  368 28  HOH HOH A . 
I 6 HOH 69  369 52  HOH HOH A . 
I 6 HOH 70  370 121 HOH HOH A . 
I 6 HOH 71  371 212 HOH HOH A . 
I 6 HOH 72  372 82  HOH HOH A . 
I 6 HOH 73  373 81  HOH HOH A . 
I 6 HOH 74  374 111 HOH HOH A . 
I 6 HOH 75  375 5   HOH HOH A . 
I 6 HOH 76  376 84  HOH HOH A . 
I 6 HOH 77  377 72  HOH HOH A . 
I 6 HOH 78  378 267 HOH HOH A . 
I 6 HOH 79  379 25  HOH HOH A . 
I 6 HOH 80  380 9   HOH HOH A . 
I 6 HOH 81  381 55  HOH HOH A . 
I 6 HOH 82  382 106 HOH HOH A . 
I 6 HOH 83  383 12  HOH HOH A . 
I 6 HOH 84  384 179 HOH HOH A . 
I 6 HOH 85  385 50  HOH HOH A . 
I 6 HOH 86  386 197 HOH HOH A . 
I 6 HOH 87  387 250 HOH HOH A . 
I 6 HOH 88  388 53  HOH HOH A . 
I 6 HOH 89  389 90  HOH HOH A . 
I 6 HOH 90  390 49  HOH HOH A . 
I 6 HOH 91  391 204 HOH HOH A . 
I 6 HOH 92  392 45  HOH HOH A . 
I 6 HOH 93  393 184 HOH HOH A . 
I 6 HOH 94  394 174 HOH HOH A . 
I 6 HOH 95  395 62  HOH HOH A . 
I 6 HOH 96  396 119 HOH HOH A . 
I 6 HOH 97  397 169 HOH HOH A . 
I 6 HOH 98  398 120 HOH HOH A . 
I 6 HOH 99  399 113 HOH HOH A . 
I 6 HOH 100 400 14  HOH HOH A . 
I 6 HOH 101 401 63  HOH HOH A . 
I 6 HOH 102 402 18  HOH HOH A . 
I 6 HOH 103 403 297 HOH HOH A . 
I 6 HOH 104 404 100 HOH HOH A . 
I 6 HOH 105 405 287 HOH HOH A . 
I 6 HOH 106 406 36  HOH HOH A . 
I 6 HOH 107 407 26  HOH HOH A . 
I 6 HOH 108 408 141 HOH HOH A . 
I 6 HOH 109 409 17  HOH HOH A . 
I 6 HOH 110 410 42  HOH HOH A . 
I 6 HOH 111 411 126 HOH HOH A . 
I 6 HOH 112 412 15  HOH HOH A . 
I 6 HOH 113 413 198 HOH HOH A . 
I 6 HOH 114 414 256 HOH HOH A . 
I 6 HOH 115 415 40  HOH HOH A . 
I 6 HOH 116 416 8   HOH HOH A . 
I 6 HOH 117 417 41  HOH HOH A . 
I 6 HOH 118 418 112 HOH HOH A . 
I 6 HOH 119 419 69  HOH HOH A . 
I 6 HOH 120 420 177 HOH HOH A . 
I 6 HOH 121 421 144 HOH HOH A . 
I 6 HOH 122 422 78  HOH HOH A . 
I 6 HOH 123 423 155 HOH HOH A . 
I 6 HOH 124 424 214 HOH HOH A . 
I 6 HOH 125 425 38  HOH HOH A . 
I 6 HOH 126 426 54  HOH HOH A . 
I 6 HOH 127 427 96  HOH HOH A . 
I 6 HOH 128 428 170 HOH HOH A . 
I 6 HOH 129 429 237 HOH HOH A . 
I 6 HOH 130 430 31  HOH HOH A . 
I 6 HOH 131 431 64  HOH HOH A . 
I 6 HOH 132 432 70  HOH HOH A . 
I 6 HOH 133 433 102 HOH HOH A . 
I 6 HOH 134 434 58  HOH HOH A . 
I 6 HOH 135 435 20  HOH HOH A . 
I 6 HOH 136 436 195 HOH HOH A . 
I 6 HOH 137 437 176 HOH HOH A . 
I 6 HOH 138 438 95  HOH HOH A . 
I 6 HOH 139 439 66  HOH HOH A . 
I 6 HOH 140 440 132 HOH HOH A . 
I 6 HOH 141 441 85  HOH HOH A . 
I 6 HOH 142 442 80  HOH HOH A . 
I 6 HOH 143 443 203 HOH HOH A . 
I 6 HOH 144 444 146 HOH HOH A . 
I 6 HOH 145 445 11  HOH HOH A . 
I 6 HOH 146 446 105 HOH HOH A . 
I 6 HOH 147 447 10  HOH HOH A . 
I 6 HOH 148 448 251 HOH HOH A . 
I 6 HOH 149 449 51  HOH HOH A . 
I 6 HOH 150 450 271 HOH HOH A . 
I 6 HOH 151 451 136 HOH HOH A . 
I 6 HOH 152 452 23  HOH HOH A . 
I 6 HOH 153 453 123 HOH HOH A . 
I 6 HOH 154 454 89  HOH HOH A . 
I 6 HOH 155 455 6   HOH HOH A . 
I 6 HOH 156 456 192 HOH HOH A . 
I 6 HOH 157 457 233 HOH HOH A . 
I 6 HOH 158 458 118 HOH HOH A . 
I 6 HOH 159 459 61  HOH HOH A . 
I 6 HOH 160 460 265 HOH HOH A . 
I 6 HOH 161 461 159 HOH HOH A . 
I 6 HOH 162 462 224 HOH HOH A . 
I 6 HOH 163 463 76  HOH HOH A . 
I 6 HOH 164 464 230 HOH HOH A . 
I 6 HOH 165 465 128 HOH HOH A . 
I 6 HOH 166 466 246 HOH HOH A . 
I 6 HOH 167 467 108 HOH HOH A . 
I 6 HOH 168 468 258 HOH HOH A . 
I 6 HOH 169 469 65  HOH HOH A . 
I 6 HOH 170 470 262 HOH HOH A . 
I 6 HOH 171 471 296 HOH HOH A . 
I 6 HOH 172 472 218 HOH HOH A . 
I 6 HOH 173 473 93  HOH HOH A . 
I 6 HOH 174 474 213 HOH HOH A . 
I 6 HOH 175 475 220 HOH HOH A . 
I 6 HOH 176 476 98  HOH HOH A . 
I 6 HOH 177 477 288 HOH HOH A . 
I 6 HOH 178 478 22  HOH HOH A . 
I 6 HOH 179 479 259 HOH HOH A . 
I 6 HOH 180 480 257 HOH HOH A . 
I 6 HOH 181 481 135 HOH HOH A . 
I 6 HOH 182 482 154 HOH HOH A . 
I 6 HOH 183 483 117 HOH HOH A . 
I 6 HOH 184 484 282 HOH HOH A . 
I 6 HOH 185 485 210 HOH HOH A . 
I 6 HOH 186 486 294 HOH HOH A . 
I 6 HOH 187 487 171 HOH HOH A . 
I 6 HOH 188 488 200 HOH HOH A . 
I 6 HOH 189 489 158 HOH HOH A . 
I 6 HOH 190 490 175 HOH HOH A . 
I 6 HOH 191 491 260 HOH HOH A . 
I 6 HOH 192 492 87  HOH HOH A . 
I 6 HOH 193 493 151 HOH HOH A . 
I 6 HOH 194 494 232 HOH HOH A . 
I 6 HOH 195 495 228 HOH HOH A . 
I 6 HOH 196 496 300 HOH HOH A . 
I 6 HOH 197 497 127 HOH HOH A . 
I 6 HOH 198 498 201 HOH HOH A . 
I 6 HOH 199 499 231 HOH HOH A . 
I 6 HOH 200 500 207 HOH HOH A . 
I 6 HOH 201 501 309 HOH HOH A . 
I 6 HOH 202 502 264 HOH HOH A . 
I 6 HOH 203 503 261 HOH HOH A . 
I 6 HOH 204 504 240 HOH HOH A . 
I 6 HOH 205 505 99  HOH HOH A . 
I 6 HOH 206 506 284 HOH HOH A . 
I 6 HOH 207 507 266 HOH HOH A . 
I 6 HOH 208 508 289 HOH HOH A . 
I 6 HOH 209 509 190 HOH HOH A . 
I 6 HOH 210 510 274 HOH HOH A . 
I 6 HOH 211 511 134 HOH HOH A . 
I 6 HOH 212 512 122 HOH HOH A . 
I 6 HOH 213 513 73  HOH HOH A . 
I 6 HOH 214 514 83  HOH HOH A . 
I 6 HOH 215 515 189 HOH HOH A . 
I 6 HOH 216 516 163 HOH HOH A . 
I 6 HOH 217 517 268 HOH HOH A . 
I 6 HOH 218 518 225 HOH HOH A . 
I 6 HOH 219 519 86  HOH HOH A . 
I 6 HOH 220 520 172 HOH HOH A . 
I 6 HOH 221 521 226 HOH HOH A . 
I 6 HOH 222 522 310 HOH HOH A . 
I 6 HOH 223 523 32  HOH HOH A . 
I 6 HOH 224 524 140 HOH HOH A . 
I 6 HOH 225 525 185 HOH HOH A . 
I 6 HOH 226 526 283 HOH HOH A . 
I 6 HOH 227 527 202 HOH HOH A . 
I 6 HOH 228 528 241 HOH HOH A . 
I 6 HOH 229 529 209 HOH HOH A . 
I 6 HOH 230 530 221 HOH HOH A . 
I 6 HOH 231 531 236 HOH HOH A . 
I 6 HOH 232 532 223 HOH HOH A . 
I 6 HOH 233 533 75  HOH HOH A . 
I 6 HOH 234 534 298 HOH HOH A . 
I 6 HOH 235 535 129 HOH HOH A . 
I 6 HOH 236 536 56  HOH HOH A . 
I 6 HOH 237 537 165 HOH HOH A . 
I 6 HOH 238 538 272 HOH HOH A . 
I 6 HOH 239 539 187 HOH HOH A . 
I 6 HOH 240 540 286 HOH HOH A . 
I 6 HOH 241 541 305 HOH HOH A . 
I 6 HOH 242 542 306 HOH HOH A . 
I 6 HOH 243 543 304 HOH HOH A . 
I 6 HOH 244 544 235 HOH HOH A . 
I 6 HOH 245 545 153 HOH HOH A . 
I 6 HOH 246 546 199 HOH HOH A . 
I 6 HOH 247 547 206 HOH HOH A . 
I 6 HOH 248 548 114 HOH HOH A . 
I 6 HOH 249 549 222 HOH HOH A . 
I 6 HOH 250 550 125 HOH HOH A . 
I 6 HOH 251 551 280 HOH HOH A . 
I 6 HOH 252 552 285 HOH HOH A . 
I 6 HOH 253 553 242 HOH HOH A . 
I 6 HOH 254 554 275 HOH HOH A . 
I 6 HOH 255 555 164 HOH HOH A . 
I 6 HOH 256 556 244 HOH HOH A . 
# 
loop_
_software.classification 
_software.name 
_software.version 
_software.citation_id 
_software.pdbx_ordinal 
refinement       REFMAC  5.8.0267 ? 1 
refinement       REFMAC5 .        ? 2 
'data scaling'   Aimless .        ? 3 
phasing          PHASER  .        ? 4 
'data reduction' XDS     .        ? 5 
# 
_cell.entry_id           7H3J 
_cell.length_a           86.238 
_cell.length_b           56.445 
_cell.length_c           32.418 
_cell.angle_alpha        90.00 
_cell.angle_beta         95.07 
_cell.angle_gamma        90.00 
_cell.Z_PDB              4 
_cell.pdbx_unique_axis   ? 
# 
_symmetry.entry_id                         7H3J 
_symmetry.space_group_name_H-M             'C 1 2 1' 
_symmetry.pdbx_full_space_group_name_H-M   ? 
_symmetry.cell_setting                     ? 
_symmetry.Int_Tables_number                5 
# 
_exptl.entry_id          7H3J 
_exptl.method            'X-RAY DIFFRACTION' 
_exptl.crystals_number   1 
# 
_exptl_crystal.id                    1 
_exptl_crystal.density_meas          ? 
_exptl_crystal.density_Matthews      2.38 
_exptl_crystal.density_percent_sol   48.37 
_exptl_crystal.description           ? 
# 
_exptl_crystal_grow.crystal_id      1 
_exptl_crystal_grow.method          'VAPOR DIFFUSION, SITTING DROP' 
_exptl_crystal_grow.pH              6.05 
_exptl_crystal_grow.temp            293.15 
_exptl_crystal_grow.pdbx_details    '0.1 M MES, pH 6.05, 16 % PEG 20,000' 
_exptl_crystal_grow.temp_details    ? 
_exptl_crystal_grow.pdbx_pH_range   ? 
# 
_diffrn.id                     1 
_diffrn.ambient_temp           100 
_diffrn.crystal_id             1 
_diffrn.ambient_temp_details   ? 
# 
_diffrn_detector.detector               PIXEL 
_diffrn_detector.type                   'DECTRIS EIGER2 XE 16M' 
_diffrn_detector.pdbx_collection_date   2023-10-10 
_diffrn_detector.diffrn_id              1 
_diffrn_detector.details                ? 
# 
_diffrn_radiation.diffrn_id                        1 
_diffrn_radiation.wavelength_id                    1 
_diffrn_radiation.pdbx_diffrn_protocol             'SINGLE WAVELENGTH' 
_diffrn_radiation.pdbx_monochromatic_or_laue_m_l   ? 
_diffrn_radiation.monochromator                    ? 
_diffrn_radiation.pdbx_scattering_type             x-ray 
# 
_diffrn_radiation_wavelength.id           1 
_diffrn_radiation_wavelength.wavelength   0.94056 
_diffrn_radiation_wavelength.wt           1.0 
# 
_diffrn_source.diffrn_id                   1 
_diffrn_source.source                      SYNCHROTRON 
_diffrn_source.type                        'DIAMOND BEAMLINE I03' 
_diffrn_source.pdbx_wavelength_list        0.94056 
_diffrn_source.pdbx_synchrotron_site       Diamond 
_diffrn_source.pdbx_synchrotron_beamline   I03 
_diffrn_source.pdbx_wavelength             ? 
# 
_reflns.entry_id                     7H3J 
_reflns.pdbx_diffrn_id               1 
_reflns.pdbx_ordinal                 1 
_reflns.d_resolution_low             47.17 
_reflns.d_resolution_high            1.11 
_reflns.number_obs                   58783 
_reflns.percent_possible_obs         96.3 
_reflns.pdbx_Rmerge_I_obs            0.119 
_reflns.pdbx_netI_over_sigmaI        12.5 
_reflns.pdbx_redundancy              6.6 
_reflns.pdbx_Rrim_I_all              0.129 
_reflns.pdbx_Rpim_I_all              0.050 
_reflns.pdbx_CC_half                 0.993 
_reflns.pdbx_number_measured_all     389410 
_reflns.pdbx_chi_squared             0.88 
_reflns.observed_criterion_sigma_I   ? 
_reflns.observed_criterion_sigma_F   ? 
_reflns.number_all                   ? 
_reflns.pdbx_Rsym_value              ? 
_reflns.B_iso_Wilson_estimate        ? 
# 
_reflns_shell.pdbx_diffrn_id              1 
_reflns_shell.pdbx_ordinal                1 
_reflns_shell.d_res_high                  1.11 
_reflns_shell.d_res_low                   1.13 
_reflns_shell.number_measured_all         9670 
_reflns_shell.number_unique_obs           2048 
_reflns_shell.Rmerge_I_obs                1.924 
_reflns_shell.pdbx_chi_squared            0.35 
_reflns_shell.pdbx_redundancy             4.7 
_reflns_shell.percent_possible_obs        67.7 
_reflns_shell.pdbx_netI_over_sigmaI_obs   1.0 
_reflns_shell.pdbx_Rrim_I_all             2.171 
_reflns_shell.pdbx_Rpim_I_all             0.985 
_reflns_shell.pdbx_CC_half                0.333 
_reflns_shell.percent_possible_all        ? 
_reflns_shell.pdbx_Rsym_value             ? 
_reflns_shell.meanI_over_sigI_obs         ? 
# 
_refine.pdbx_refine_id                           'X-RAY DIFFRACTION' 
_refine.entry_id                                 7H3J 
_refine.pdbx_diffrn_id                           1 
_refine.pdbx_TLS_residual_ADP_flag               ? 
_refine.ls_number_reflns_obs                     55821 
_refine.ls_number_reflns_all                     ? 
_refine.pdbx_ls_sigma_I                          ? 
_refine.pdbx_ls_sigma_F                          ? 
_refine.pdbx_data_cutoff_high_absF               ? 
_refine.pdbx_data_cutoff_low_absF                ? 
_refine.pdbx_data_cutoff_high_rms_absF           ? 
_refine.ls_d_res_low                             47.17 
_refine.ls_d_res_high                            1.11 
_refine.ls_percent_reflns_obs                    96.09 
_refine.ls_R_factor_obs                          0.18288 
_refine.ls_R_factor_all                          ? 
_refine.ls_R_factor_R_work                       0.18186 
_refine.ls_R_factor_R_free                       0.20196 
_refine.ls_R_factor_R_free_error                 ? 
_refine.ls_R_factor_R_free_error_details         ? 
_refine.ls_percent_reflns_R_free                 4.9 
_refine.ls_number_reflns_R_free                  2888 
_refine.ls_number_parameters                     ? 
_refine.ls_number_restraints                     ? 
_refine.occupancy_min                            ? 
_refine.occupancy_max                            ? 
_refine.correlation_coeff_Fo_to_Fc               0.971 
_refine.correlation_coeff_Fo_to_Fc_free          0.964 
_refine.B_iso_mean                               16.474 
_refine.aniso_B[1][1]                            -0.08 
_refine.aniso_B[2][2]                            0.03 
_refine.aniso_B[3][3]                            0.08 
_refine.aniso_B[1][2]                            -0.00 
_refine.aniso_B[1][3]                            -0.18 
_refine.aniso_B[2][3]                            0.00 
_refine.solvent_model_details                    MASK 
_refine.solvent_model_param_ksol                 ? 
_refine.solvent_model_param_bsol                 ? 
_refine.pdbx_solvent_vdw_probe_radii             1.20 
_refine.pdbx_solvent_ion_probe_radii             0.80 
_refine.pdbx_solvent_shrinkage_radii             0.80 
_refine.pdbx_ls_cross_valid_method               THROUGHOUT 
_refine.details                                  'HYDROGENS HAVE BEEN ADDED IN THE RIDING POSITIONS' 
_refine.pdbx_starting_model                      ? 
_refine.pdbx_method_to_determine_struct          'MOLECULAR REPLACEMENT' 
_refine.pdbx_isotropic_thermal_model             ? 
_refine.pdbx_stereochemistry_target_values       'MAXIMUM LIKELIHOOD' 
_refine.pdbx_stereochem_target_val_spec_case     ? 
_refine.pdbx_R_Free_selection_details            RANDOM 
_refine.pdbx_overall_ESU_R                       0.038 
_refine.pdbx_overall_ESU_R_Free                  0.040 
_refine.overall_SU_ML                            ? 
_refine.pdbx_overall_phase_error                 ? 
_refine.overall_SU_B                             ? 
_refine.overall_SU_R_Cruickshank_DPI             ? 
_refine.pdbx_overall_SU_R_free_Cruickshank_DPI   ? 
_refine.pdbx_overall_SU_R_Blow_DPI               ? 
_refine.pdbx_overall_SU_R_free_Blow_DPI          ? 
# 
_refine_hist.pdbx_refine_id                   'X-RAY DIFFRACTION' 
_refine_hist.cycle_id                         1 
_refine_hist.pdbx_number_atoms_protein        1083 
_refine_hist.pdbx_number_atoms_nucleic_acid   0 
_refine_hist.pdbx_number_atoms_ligand         37 
_refine_hist.number_atoms_solvent             256 
_refine_hist.number_atoms_total               1376 
_refine_hist.d_res_high                       1.11 
_refine_hist.d_res_low                        47.17 
# 
loop_
_refine_ls_restr.type 
_refine_ls_restr.dev_ideal 
_refine_ls_restr.dev_ideal_target 
_refine_ls_restr.weight 
_refine_ls_restr.number 
_refine_ls_restr.pdbx_refine_id 
_refine_ls_restr.pdbx_restraint_function 
r_bond_refined_d             0.014  0.014  ? 1486 'X-RAY DIFFRACTION' ? 
r_bond_other_d               0.035  0.014  ? 1147 'X-RAY DIFFRACTION' ? 
r_angle_refined_deg          1.792  1.621  ? 1795 'X-RAY DIFFRACTION' ? 
r_angle_other_deg            2.389  1.608  ? 2631 'X-RAY DIFFRACTION' ? 
r_dihedral_angle_1_deg       6.324  5.000  ? 169  'X-RAY DIFFRACTION' ? 
r_dihedral_angle_2_deg       33.228 21.765 ? 68   'X-RAY DIFFRACTION' ? 
r_dihedral_angle_3_deg       12.397 15.000 ? 184  'X-RAY DIFFRACTION' ? 
r_dihedral_angle_4_deg       22.837 15.000 ? 9    'X-RAY DIFFRACTION' ? 
r_chiral_restr               0.083  0.200  ? 155  'X-RAY DIFFRACTION' ? 
r_gen_planes_refined         0.011  0.020  ? 1693 'X-RAY DIFFRACTION' ? 
r_gen_planes_other           0.019  0.020  ? 321  'X-RAY DIFFRACTION' ? 
r_nbd_refined                ?      ?      ? ?    'X-RAY DIFFRACTION' ? 
r_nbd_other                  ?      ?      ? ?    'X-RAY DIFFRACTION' ? 
r_nbtor_refined              ?      ?      ? ?    'X-RAY DIFFRACTION' ? 
r_nbtor_other                ?      ?      ? ?    'X-RAY DIFFRACTION' ? 
r_xyhbond_nbd_refined        ?      ?      ? ?    'X-RAY DIFFRACTION' ? 
r_xyhbond_nbd_other          ?      ?      ? ?    'X-RAY DIFFRACTION' ? 
r_metal_ion_refined          ?      ?      ? ?    'X-RAY DIFFRACTION' ? 
r_metal_ion_other            ?      ?      ? ?    'X-RAY DIFFRACTION' ? 
r_symmetry_vdw_refined       ?      ?      ? ?    'X-RAY DIFFRACTION' ? 
r_symmetry_vdw_other         ?      ?      ? ?    'X-RAY DIFFRACTION' ? 
r_symmetry_hbond_refined     ?      ?      ? ?    'X-RAY DIFFRACTION' ? 
r_symmetry_hbond_other       ?      ?      ? ?    'X-RAY DIFFRACTION' ? 
r_symmetry_metal_ion_refined ?      ?      ? ?    'X-RAY DIFFRACTION' ? 
r_symmetry_metal_ion_other   ?      ?      ? ?    'X-RAY DIFFRACTION' ? 
r_mcbond_it                  1.178  1.600  ? 752  'X-RAY DIFFRACTION' ? 
r_mcbond_other               1.244  1.352  ? 674  'X-RAY DIFFRACTION' ? 
r_mcangle_it                 1.962  2.006  ? 819  'X-RAY DIFFRACTION' ? 
r_mcangle_other              1.959  2.013  ? 818  'X-RAY DIFFRACTION' ? 
r_scbond_it                  1.633  1.843  ? 734  'X-RAY DIFFRACTION' ? 
r_scbond_other               1.661  1.665  ? 709  'X-RAY DIFFRACTION' ? 
r_scangle_it                 ?      ?      ? ?    'X-RAY DIFFRACTION' ? 
r_scangle_other              2.440  2.323  ? 953  'X-RAY DIFFRACTION' ? 
r_long_range_B_refined       5.712  19.580 ? 1597 'X-RAY DIFFRACTION' ? 
r_long_range_B_other         5.711  19.600 ? 1598 'X-RAY DIFFRACTION' ? 
r_rigid_bond_restr           ?      ?      ? ?    'X-RAY DIFFRACTION' ? 
r_sphericity_free            ?      ?      ? ?    'X-RAY DIFFRACTION' ? 
r_sphericity_bonded          ?      ?      ? ?    'X-RAY DIFFRACTION' ? 
# 
_refine_ls_shell.pdbx_refine_id                   'X-RAY DIFFRACTION' 
_refine_ls_shell.pdbx_total_number_of_bins_used   20 
_refine_ls_shell.d_res_high                       1.110 
_refine_ls_shell.d_res_low                        1.139 
_refine_ls_shell.number_reflns_R_work             2938 
_refine_ls_shell.R_factor_R_work                  0.296 
_refine_ls_shell.percent_reflns_obs               69.65 
_refine_ls_shell.R_factor_R_free                  0.301 
_refine_ls_shell.R_factor_R_free_error            ? 
_refine_ls_shell.percent_reflns_R_free            ? 
_refine_ls_shell.number_reflns_R_free             186 
_refine_ls_shell.number_reflns_all                ? 
_refine_ls_shell.R_factor_all                     ? 
# 
_struct.entry_id                  7H3J 
_struct.title                     
;Group deposition for crystallographic fragment screening of Coxsackievirus A16 (G-10) 2A protease -- Crystal structure of Coxsackievirus A16 (G-10) 2A protease in complex with Z68639747 (A71EV2A-x0412)
;
_struct.pdbx_model_details        ? 
_struct.pdbx_CASP_flag            ? 
_struct.pdbx_model_type_details   ? 
# 
_struct_keywords.entry_id        7H3J 
_struct_keywords.pdbx_keywords   HYDROLASE 
_struct_keywords.text            
;Diamond Light Source, I03, ASAP, Coxsackievirus A16, crystallographic fragment screening, PanDDA, Pandda2, XChemExplorer, viral protein, HYDROLASE
;
# 
loop_
_struct_asym.id 
_struct_asym.pdbx_blank_PDB_chainid_flag 
_struct_asym.pdbx_modified 
_struct_asym.entity_id 
_struct_asym.details 
A N N 1 ? 
B N N 2 ? 
C N N 3 ? 
D N N 4 ? 
E N N 4 ? 
F N N 4 ? 
G N N 4 ? 
H N N 5 ? 
I N N 6 ? 
# 
_struct_ref.id                         1 
_struct_ref.db_name                    UNP 
_struct_ref.db_code                    POLG_CX16G 
_struct_ref.pdbx_db_accession          Q65900 
_struct_ref.pdbx_db_isoform            ? 
_struct_ref.entity_id                  1 
_struct_ref.pdbx_seq_one_letter_code   
;SGAIYVGNYRVVNRHLATHNDWANLVWEDSSRDLLVSSTTAQGCDTIARCDCQTGVYYCSSRRKHYPVSFSKPSLIFVEA
SEYYPARYQSHLMLAVGHSEPGDCGGILRCQHGVVGIVSTGGNGLVGFADVRDLLWLDEEAMEQ
;
_struct_ref.pdbx_align_begin           869 
# 
_struct_ref_seq.align_id                      1 
_struct_ref_seq.ref_id                        1 
_struct_ref_seq.pdbx_PDB_id_code              7H3J 
_struct_ref_seq.pdbx_strand_id                A 
_struct_ref_seq.seq_align_beg                 7 
_struct_ref_seq.pdbx_seq_align_beg_ins_code   ? 
_struct_ref_seq.seq_align_end                 150 
_struct_ref_seq.pdbx_seq_align_end_ins_code   ? 
_struct_ref_seq.pdbx_db_accession             Q65900 
_struct_ref_seq.db_align_beg                  869 
_struct_ref_seq.pdbx_db_align_beg_ins_code    ? 
_struct_ref_seq.db_align_end                  1012 
_struct_ref_seq.pdbx_db_align_end_ins_code    ? 
_struct_ref_seq.pdbx_auth_seq_align_beg       7 
_struct_ref_seq.pdbx_auth_seq_align_end       150 
# 
loop_
_struct_ref_seq_dif.align_id 
_struct_ref_seq_dif.pdbx_pdb_id_code 
_struct_ref_seq_dif.mon_id 
_struct_ref_seq_dif.pdbx_pdb_strand_id 
_struct_ref_seq_dif.seq_num 
_struct_ref_seq_dif.pdbx_pdb_ins_code 
_struct_ref_seq_dif.pdbx_seq_db_name 
_struct_ref_seq_dif.pdbx_seq_db_accession_code 
_struct_ref_seq_dif.db_mon_id 
_struct_ref_seq_dif.pdbx_seq_db_seq_num 
_struct_ref_seq_dif.details 
_struct_ref_seq_dif.pdbx_auth_seq_num 
_struct_ref_seq_dif.pdbx_ordinal 
1 7H3J GLN A 1 ? UNP Q65900 ? ? 'expression tag' 1 1 
1 7H3J GLU A 2 ? UNP Q65900 ? ? 'expression tag' 2 2 
1 7H3J GLN A 3 ? UNP Q65900 ? ? 'expression tag' 3 3 
1 7H3J THR A 4 ? UNP Q65900 ? ? 'expression tag' 4 4 
1 7H3J GLY A 5 ? UNP Q65900 ? ? 'expression tag' 5 5 
1 7H3J GLY A 6 ? UNP Q65900 ? ? 'expression tag' 6 6 
# 
_pdbx_struct_assembly.id                   1 
_pdbx_struct_assembly.details              author_and_software_defined_assembly 
_pdbx_struct_assembly.method_details       PISA 
_pdbx_struct_assembly.oligomeric_details   monomeric 
_pdbx_struct_assembly.oligomeric_count     1 
# 
loop_
_pdbx_struct_assembly_prop.biol_id 
_pdbx_struct_assembly_prop.type 
_pdbx_struct_assembly_prop.value 
_pdbx_struct_assembly_prop.details 
1 'ABSA (A^2)' 650  ? 
1 MORE         -6   ? 
1 'SSA (A^2)'  7640 ? 
# 
_pdbx_struct_assembly_gen.assembly_id       1 
_pdbx_struct_assembly_gen.oper_expression   1 
_pdbx_struct_assembly_gen.asym_id_list      A,B,C,D,E,F,G,H,I 
# 
_pdbx_struct_oper_list.id                   1 
_pdbx_struct_oper_list.type                 'identity operation' 
_pdbx_struct_oper_list.name                 1_555 
_pdbx_struct_oper_list.symmetry_operation   x,y,z 
_pdbx_struct_oper_list.matrix[1][1]         1.0000000000 
_pdbx_struct_oper_list.matrix[1][2]         0.0000000000 
_pdbx_struct_oper_list.matrix[1][3]         0.0000000000 
_pdbx_struct_oper_list.vector[1]            0.0000000000 
_pdbx_struct_oper_list.matrix[2][1]         0.0000000000 
_pdbx_struct_oper_list.matrix[2][2]         1.0000000000 
_pdbx_struct_oper_list.matrix[2][3]         0.0000000000 
_pdbx_struct_oper_list.vector[2]            0.0000000000 
_pdbx_struct_oper_list.matrix[3][1]         0.0000000000 
_pdbx_struct_oper_list.matrix[3][2]         0.0000000000 
_pdbx_struct_oper_list.matrix[3][3]         1.0000000000 
_pdbx_struct_oper_list.vector[3]            0.0000000000 
# 
loop_
_struct_conf.conf_type_id 
_struct_conf.id 
_struct_conf.pdbx_PDB_helix_id 
_struct_conf.beg_label_comp_id 
_struct_conf.beg_label_asym_id 
_struct_conf.beg_label_seq_id 
_struct_conf.pdbx_beg_PDB_ins_code 
_struct_conf.end_label_comp_id 
_struct_conf.end_label_asym_id 
_struct_conf.end_label_seq_id 
_struct_conf.pdbx_end_PDB_ins_code 
_struct_conf.beg_auth_comp_id 
_struct_conf.beg_auth_asym_id 
_struct_conf.beg_auth_seq_id 
_struct_conf.end_auth_comp_id 
_struct_conf.end_auth_asym_id 
_struct_conf.end_auth_seq_id 
_struct_conf.pdbx_PDB_helix_class 
_struct_conf.details 
_struct_conf.pdbx_PDB_helix_length 
HELX_P HELX_P1 AA1 HIS A 21  ? ALA A 23  ? HIS A 21  ALA A 23  5 ? 3 
HELX_P HELX_P2 AA2 THR A 24  ? ASN A 30  ? THR A 24  ASN A 30  1 ? 7 
HELX_P HELX_P3 AA3 SER A 36  ? ARG A 38  ? SER A 36  ARG A 38  5 ? 3 
HELX_P HELX_P4 AA4 SER A 66  ? ARG A 69  ? SER A 66  ARG A 69  5 ? 4 
HELX_P HELX_P5 AA5 GLU A 106 ? CYS A 110 ? GLU A 106 CYS A 110 5 ? 5 
HELX_P HELX_P6 AA6 LEU A 140 ? GLU A 145 ? LEU A 140 GLU A 145 5 ? 6 
# 
_struct_conf_type.id          HELX_P 
_struct_conf_type.criteria    ? 
_struct_conf_type.reference   ? 
# 
loop_
_struct_conn.id 
_struct_conn.conn_type_id 
_struct_conn.pdbx_leaving_atom_flag 
_struct_conn.pdbx_PDB_id 
_struct_conn.ptnr1_label_asym_id 
_struct_conn.ptnr1_label_comp_id 
_struct_conn.ptnr1_label_seq_id 
_struct_conn.ptnr1_label_atom_id 
_struct_conn.pdbx_ptnr1_label_alt_id 
_struct_conn.pdbx_ptnr1_PDB_ins_code 
_struct_conn.pdbx_ptnr1_standard_comp_id 
_struct_conn.ptnr1_symmetry 
_struct_conn.ptnr2_label_asym_id 
_struct_conn.ptnr2_label_comp_id 
_struct_conn.ptnr2_label_seq_id 
_struct_conn.ptnr2_label_atom_id 
_struct_conn.pdbx_ptnr2_label_alt_id 
_struct_conn.pdbx_ptnr2_PDB_ins_code 
_struct_conn.ptnr1_auth_asym_id 
_struct_conn.ptnr1_auth_comp_id 
_struct_conn.ptnr1_auth_seq_id 
_struct_conn.ptnr2_auth_asym_id 
_struct_conn.ptnr2_auth_comp_id 
_struct_conn.ptnr2_auth_seq_id 
_struct_conn.ptnr2_symmetry 
_struct_conn.pdbx_ptnr3_label_atom_id 
_struct_conn.pdbx_ptnr3_label_seq_id 
_struct_conn.pdbx_ptnr3_label_comp_id 
_struct_conn.pdbx_ptnr3_label_asym_id 
_struct_conn.pdbx_ptnr3_label_alt_id 
_struct_conn.pdbx_ptnr3_PDB_ins_code 
_struct_conn.details 
_struct_conn.pdbx_dist_value 
_struct_conn.pdbx_value_order 
_struct_conn.pdbx_role 
metalc1 metalc ? ? A CYS 56  SG  ? ? ? 1_555 C ZN . ZN ? ? A CYS 56  A ZN 202 1_555 ? ? ? ? ? ? ? 2.331 ? ? 
metalc2 metalc ? ? A CYS 58  SG  ? ? ? 1_555 C ZN . ZN ? ? A CYS 58  A ZN 202 1_555 ? ? ? ? ? ? ? 2.317 ? ? 
metalc3 metalc ? ? A CYS 116 SG  ? ? ? 1_555 C ZN . ZN ? ? A CYS 116 A ZN 202 1_555 ? ? ? ? ? ? ? 2.290 ? ? 
metalc4 metalc ? ? A HIS 118 ND1 ? ? ? 1_555 C ZN . ZN ? ? A HIS 118 A ZN 202 1_555 ? ? ? ? ? ? ? 2.044 ? ? 
# 
_struct_conn_type.id          metalc 
_struct_conn_type.criteria    ? 
_struct_conn_type.reference   ? 
# 
loop_
_pdbx_struct_conn_angle.id 
_pdbx_struct_conn_angle.ptnr1_label_atom_id 
_pdbx_struct_conn_angle.ptnr1_label_alt_id 
_pdbx_struct_conn_angle.ptnr1_label_asym_id 
_pdbx_struct_conn_angle.ptnr1_label_comp_id 
_pdbx_struct_conn_angle.ptnr1_label_seq_id 
_pdbx_struct_conn_angle.ptnr1_auth_atom_id 
_pdbx_struct_conn_angle.ptnr1_auth_asym_id 
_pdbx_struct_conn_angle.ptnr1_auth_comp_id 
_pdbx_struct_conn_angle.ptnr1_auth_seq_id 
_pdbx_struct_conn_angle.ptnr1_PDB_ins_code 
_pdbx_struct_conn_angle.ptnr1_symmetry 
_pdbx_struct_conn_angle.ptnr2_label_atom_id 
_pdbx_struct_conn_angle.ptnr2_label_alt_id 
_pdbx_struct_conn_angle.ptnr2_label_asym_id 
_pdbx_struct_conn_angle.ptnr2_label_comp_id 
_pdbx_struct_conn_angle.ptnr2_label_seq_id 
_pdbx_struct_conn_angle.ptnr2_auth_atom_id 
_pdbx_struct_conn_angle.ptnr2_auth_asym_id 
_pdbx_struct_conn_angle.ptnr2_auth_comp_id 
_pdbx_struct_conn_angle.ptnr2_auth_seq_id 
_pdbx_struct_conn_angle.ptnr2_PDB_ins_code 
_pdbx_struct_conn_angle.ptnr2_symmetry 
_pdbx_struct_conn_angle.ptnr3_label_atom_id 
_pdbx_struct_conn_angle.ptnr3_label_alt_id 
_pdbx_struct_conn_angle.ptnr3_label_asym_id 
_pdbx_struct_conn_angle.ptnr3_label_comp_id 
_pdbx_struct_conn_angle.ptnr3_label_seq_id 
_pdbx_struct_conn_angle.ptnr3_auth_atom_id 
_pdbx_struct_conn_angle.ptnr3_auth_asym_id 
_pdbx_struct_conn_angle.ptnr3_auth_comp_id 
_pdbx_struct_conn_angle.ptnr3_auth_seq_id 
_pdbx_struct_conn_angle.ptnr3_PDB_ins_code 
_pdbx_struct_conn_angle.ptnr3_symmetry 
_pdbx_struct_conn_angle.value 
_pdbx_struct_conn_angle.value_esd 
1 SG ? A CYS 56  ? A CYS 56  ? 1_555 ZN ? C ZN . ? A ZN 202 ? 1_555 SG  ? A CYS 58  ? A CYS 58  ? 1_555 110.2 ? 
2 SG ? A CYS 56  ? A CYS 56  ? 1_555 ZN ? C ZN . ? A ZN 202 ? 1_555 SG  ? A CYS 116 ? A CYS 116 ? 1_555 105.9 ? 
3 SG ? A CYS 58  ? A CYS 58  ? 1_555 ZN ? C ZN . ? A ZN 202 ? 1_555 SG  ? A CYS 116 ? A CYS 116 ? 1_555 117.2 ? 
4 SG ? A CYS 56  ? A CYS 56  ? 1_555 ZN ? C ZN . ? A ZN 202 ? 1_555 ND1 ? A HIS 118 ? A HIS 118 ? 1_555 106.2 ? 
5 SG ? A CYS 58  ? A CYS 58  ? 1_555 ZN ? C ZN . ? A ZN 202 ? 1_555 ND1 ? A HIS 118 ? A HIS 118 ? 1_555 100.8 ? 
6 SG ? A CYS 116 ? A CYS 116 ? 1_555 ZN ? C ZN . ? A ZN 202 ? 1_555 ND1 ? A HIS 118 ? A HIS 118 ? 1_555 116.1 ? 
# 
loop_
_struct_sheet.id 
_struct_sheet.type 
_struct_sheet.number_strands 
_struct_sheet.details 
AA1 ? 3 ? 
AA2 ? 7 ? 
# 
loop_
_struct_sheet_order.sheet_id 
_struct_sheet_order.range_id_1 
_struct_sheet_order.range_id_2 
_struct_sheet_order.offset 
_struct_sheet_order.sense 
AA1 1 2 ? anti-parallel 
AA1 2 3 ? anti-parallel 
AA2 1 2 ? anti-parallel 
AA2 2 3 ? anti-parallel 
AA2 3 4 ? anti-parallel 
AA2 4 5 ? anti-parallel 
AA2 5 6 ? anti-parallel 
AA2 6 7 ? anti-parallel 
# 
loop_
_struct_sheet_range.sheet_id 
_struct_sheet_range.id 
_struct_sheet_range.beg_label_comp_id 
_struct_sheet_range.beg_label_asym_id 
_struct_sheet_range.beg_label_seq_id 
_struct_sheet_range.pdbx_beg_PDB_ins_code 
_struct_sheet_range.end_label_comp_id 
_struct_sheet_range.end_label_asym_id 
_struct_sheet_range.end_label_seq_id 
_struct_sheet_range.pdbx_end_PDB_ins_code 
_struct_sheet_range.beg_auth_comp_id 
_struct_sheet_range.beg_auth_asym_id 
_struct_sheet_range.beg_auth_seq_id 
_struct_sheet_range.end_auth_comp_id 
_struct_sheet_range.end_auth_asym_id 
_struct_sheet_range.end_auth_seq_id 
AA1 1 LEU A 31  ? ASP A 35  ? LEU A 31  ASP A 35  
AA1 2 LEU A 40  ? CYS A 50  ? LEU A 40  CYS A 50  
AA1 3 ILE A 10  ? ASN A 19  ? ILE A 10  ASN A 19  
AA2 1 LYS A 70  ? SER A 75  ? LYS A 70  SER A 75  
AA2 2 THR A 60  ? CYS A 65  ? THR A 60  CYS A 65  
AA2 3 ILE A 113 ? CYS A 116 ? ILE A 113 CYS A 116 
AA2 4 GLY A 119 ? THR A 126 ? GLY A 119 THR A 126 
AA2 5 LEU A 131 ? ASP A 136 ? LEU A 131 ASP A 136 
AA2 6 ARG A 93  ? VAL A 102 ? ARG A 93  VAL A 102 
AA2 7 SER A 80  ? VAL A 84  ? SER A 80  VAL A 84  
# 
loop_
_pdbx_struct_sheet_hbond.sheet_id 
_pdbx_struct_sheet_hbond.range_id_1 
_pdbx_struct_sheet_hbond.range_id_2 
_pdbx_struct_sheet_hbond.range_1_label_atom_id 
_pdbx_struct_sheet_hbond.range_1_label_comp_id 
_pdbx_struct_sheet_hbond.range_1_label_asym_id 
_pdbx_struct_sheet_hbond.range_1_label_seq_id 
_pdbx_struct_sheet_hbond.range_1_PDB_ins_code 
_pdbx_struct_sheet_hbond.range_1_auth_atom_id 
_pdbx_struct_sheet_hbond.range_1_auth_comp_id 
_pdbx_struct_sheet_hbond.range_1_auth_asym_id 
_pdbx_struct_sheet_hbond.range_1_auth_seq_id 
_pdbx_struct_sheet_hbond.range_2_label_atom_id 
_pdbx_struct_sheet_hbond.range_2_label_comp_id 
_pdbx_struct_sheet_hbond.range_2_label_asym_id 
_pdbx_struct_sheet_hbond.range_2_label_seq_id 
_pdbx_struct_sheet_hbond.range_2_PDB_ins_code 
_pdbx_struct_sheet_hbond.range_2_auth_atom_id 
_pdbx_struct_sheet_hbond.range_2_auth_comp_id 
_pdbx_struct_sheet_hbond.range_2_auth_asym_id 
_pdbx_struct_sheet_hbond.range_2_auth_seq_id 
AA1 1 2 N TRP A 33  ? N TRP A 33  O VAL A 42  ? O VAL A 42  
AA1 2 3 N LEU A 41  ? N LEU A 41  O VAL A 18  ? O VAL A 18  
AA2 1 2 O LYS A 70  ? O LYS A 70  N CYS A 65  ? N CYS A 65  
AA2 2 3 N VAL A 62  ? N VAL A 62  O ARG A 115 ? O ARG A 115 
AA2 3 4 N LEU A 114 ? N LEU A 114 O VAL A 121 ? O VAL A 121 
AA2 4 5 N SER A 125 ? N SER A 125 O GLY A 133 ? O GLY A 133 
AA2 5 6 O PHE A 134 ? O PHE A 134 N MET A 99  ? N MET A 99  
AA2 6 7 O ARG A 93  ? O ARG A 93  N VAL A 84  ? N VAL A 84  
# 
_pdbx_entry_details.entry_id                   7H3J 
_pdbx_entry_details.compound_details           ? 
_pdbx_entry_details.source_details             ? 
_pdbx_entry_details.nonpolymer_details         ? 
_pdbx_entry_details.sequence_details           ? 
_pdbx_entry_details.has_ligand_of_interest     ? 
_pdbx_entry_details.has_protein_modification   N 
# 
loop_
_pdbx_validate_rmsd_angle.id 
_pdbx_validate_rmsd_angle.PDB_model_num 
_pdbx_validate_rmsd_angle.auth_atom_id_1 
_pdbx_validate_rmsd_angle.auth_asym_id_1 
_pdbx_validate_rmsd_angle.auth_comp_id_1 
_pdbx_validate_rmsd_angle.auth_seq_id_1 
_pdbx_validate_rmsd_angle.PDB_ins_code_1 
_pdbx_validate_rmsd_angle.label_alt_id_1 
_pdbx_validate_rmsd_angle.auth_atom_id_2 
_pdbx_validate_rmsd_angle.auth_asym_id_2 
_pdbx_validate_rmsd_angle.auth_comp_id_2 
_pdbx_validate_rmsd_angle.auth_seq_id_2 
_pdbx_validate_rmsd_angle.PDB_ins_code_2 
_pdbx_validate_rmsd_angle.label_alt_id_2 
_pdbx_validate_rmsd_angle.auth_atom_id_3 
_pdbx_validate_rmsd_angle.auth_asym_id_3 
_pdbx_validate_rmsd_angle.auth_comp_id_3 
_pdbx_validate_rmsd_angle.auth_seq_id_3 
_pdbx_validate_rmsd_angle.PDB_ins_code_3 
_pdbx_validate_rmsd_angle.label_alt_id_3 
_pdbx_validate_rmsd_angle.angle_value 
_pdbx_validate_rmsd_angle.angle_target_value 
_pdbx_validate_rmsd_angle.angle_deviation 
_pdbx_validate_rmsd_angle.angle_standard_deviation 
_pdbx_validate_rmsd_angle.linker_flag 
1 1 NE A ARG 20  ? ? CZ A ARG 20  ? ? NH1 A ARG 20  ? ? 123.84 120.30 3.54  0.50 N 
2 1 NE A ARG 93  ? ? CZ A ARG 93  ? ? NH2 A ARG 93  ? ? 117.04 120.30 -3.26 0.50 N 
3 1 NE A ARG 115 ? ? CZ A ARG 115 ? ? NH1 A ARG 115 ? ? 123.72 120.30 3.42  0.50 N 
# 
_pdbx_validate_torsion.id              1 
_pdbx_validate_torsion.PDB_model_num   1 
_pdbx_validate_torsion.auth_comp_id    ASN 
_pdbx_validate_torsion.auth_asym_id    A 
_pdbx_validate_torsion.auth_seq_id     14 
_pdbx_validate_torsion.PDB_ins_code    ? 
_pdbx_validate_torsion.label_alt_id    ? 
_pdbx_validate_torsion.phi             -109.27 
_pdbx_validate_torsion.psi             43.19 
# 
loop_
_pdbx_struct_special_symmetry.id 
_pdbx_struct_special_symmetry.PDB_model_num 
_pdbx_struct_special_symmetry.auth_asym_id 
_pdbx_struct_special_symmetry.auth_comp_id 
_pdbx_struct_special_symmetry.auth_seq_id 
_pdbx_struct_special_symmetry.PDB_ins_code 
_pdbx_struct_special_symmetry.label_asym_id 
_pdbx_struct_special_symmetry.label_comp_id 
_pdbx_struct_special_symmetry.label_seq_id 
1 1 A SO4 207 ? H SO4 . 
2 1 A HOH 491 ? I HOH . 
# 
_pdbx_distant_solvent_atoms.id                                1 
_pdbx_distant_solvent_atoms.PDB_model_num                     1 
_pdbx_distant_solvent_atoms.auth_atom_id                      O 
_pdbx_distant_solvent_atoms.label_alt_id                      ? 
_pdbx_distant_solvent_atoms.auth_asym_id                      A 
_pdbx_distant_solvent_atoms.auth_comp_id                      HOH 
_pdbx_distant_solvent_atoms.auth_seq_id                       556 
_pdbx_distant_solvent_atoms.PDB_ins_code                      ? 
_pdbx_distant_solvent_atoms.neighbor_macromolecule_distance   7.86 
_pdbx_distant_solvent_atoms.neighbor_ligand_distance          . 
# 
loop_
_pdbx_unobs_or_zero_occ_residues.id 
_pdbx_unobs_or_zero_occ_residues.PDB_model_num 
_pdbx_unobs_or_zero_occ_residues.polymer_flag 
_pdbx_unobs_or_zero_occ_residues.occupancy_flag 
_pdbx_unobs_or_zero_occ_residues.auth_asym_id 
_pdbx_unobs_or_zero_occ_residues.auth_comp_id 
_pdbx_unobs_or_zero_occ_residues.auth_seq_id 
_pdbx_unobs_or_zero_occ_residues.PDB_ins_code 
_pdbx_unobs_or_zero_occ_residues.label_asym_id 
_pdbx_unobs_or_zero_occ_residues.label_comp_id 
_pdbx_unobs_or_zero_occ_residues.label_seq_id 
1  1 Y 1 A GLN 1   ? A GLN 1   
2  1 Y 1 A GLU 2   ? A GLU 2   
3  1 Y 1 A GLN 3   ? A GLN 3   
4  1 Y 1 A THR 4   ? A THR 4   
5  1 Y 1 A GLY 5   ? A GLY 5   
6  1 Y 1 A GLY 6   ? A GLY 6   
7  1 Y 1 A ALA 147 ? A ALA 147 
8  1 Y 1 A MET 148 ? A MET 148 
9  1 Y 1 A GLU 149 ? A GLU 149 
10 1 Y 1 A GLN 150 ? A GLN 150 
# 
loop_
_chem_comp_atom.comp_id 
_chem_comp_atom.atom_id 
_chem_comp_atom.type_symbol 
_chem_comp_atom.pdbx_aromatic_flag 
_chem_comp_atom.pdbx_stereo_config 
_chem_comp_atom.pdbx_ordinal 
ALA N    N  N N 1   
ALA CA   C  N S 2   
ALA C    C  N N 3   
ALA O    O  N N 4   
ALA CB   C  N N 5   
ALA OXT  O  N N 6   
ALA H    H  N N 7   
ALA H2   H  N N 8   
ALA HA   H  N N 9   
ALA HB1  H  N N 10  
ALA HB2  H  N N 11  
ALA HB3  H  N N 12  
ALA HXT  H  N N 13  
ARG N    N  N N 14  
ARG CA   C  N S 15  
ARG C    C  N N 16  
ARG O    O  N N 17  
ARG CB   C  N N 18  
ARG CG   C  N N 19  
ARG CD   C  N N 20  
ARG NE   N  N N 21  
ARG CZ   C  N N 22  
ARG NH1  N  N N 23  
ARG NH2  N  N N 24  
ARG OXT  O  N N 25  
ARG H    H  N N 26  
ARG H2   H  N N 27  
ARG HA   H  N N 28  
ARG HB2  H  N N 29  
ARG HB3  H  N N 30  
ARG HG2  H  N N 31  
ARG HG3  H  N N 32  
ARG HD2  H  N N 33  
ARG HD3  H  N N 34  
ARG HE   H  N N 35  
ARG HH11 H  N N 36  
ARG HH12 H  N N 37  
ARG HH21 H  N N 38  
ARG HH22 H  N N 39  
ARG HXT  H  N N 40  
ASN N    N  N N 41  
ASN CA   C  N S 42  
ASN C    C  N N 43  
ASN O    O  N N 44  
ASN CB   C  N N 45  
ASN CG   C  N N 46  
ASN OD1  O  N N 47  
ASN ND2  N  N N 48  
ASN OXT  O  N N 49  
ASN H    H  N N 50  
ASN H2   H  N N 51  
ASN HA   H  N N 52  
ASN HB2  H  N N 53  
ASN HB3  H  N N 54  
ASN HD21 H  N N 55  
ASN HD22 H  N N 56  
ASN HXT  H  N N 57  
ASP N    N  N N 58  
ASP CA   C  N S 59  
ASP C    C  N N 60  
ASP O    O  N N 61  
ASP CB   C  N N 62  
ASP CG   C  N N 63  
ASP OD1  O  N N 64  
ASP OD2  O  N N 65  
ASP OXT  O  N N 66  
ASP H    H  N N 67  
ASP H2   H  N N 68  
ASP HA   H  N N 69  
ASP HB2  H  N N 70  
ASP HB3  H  N N 71  
ASP HD2  H  N N 72  
ASP HXT  H  N N 73  
CYS N    N  N N 74  
CYS CA   C  N R 75  
CYS C    C  N N 76  
CYS O    O  N N 77  
CYS CB   C  N N 78  
CYS SG   S  N N 79  
CYS OXT  O  N N 80  
CYS H    H  N N 81  
CYS H2   H  N N 82  
CYS HA   H  N N 83  
CYS HB2  H  N N 84  
CYS HB3  H  N N 85  
CYS HG   H  N N 86  
CYS HXT  H  N N 87  
DMS S    S  N N 88  
DMS O    O  N N 89  
DMS C1   C  N N 90  
DMS C2   C  N N 91  
DMS H11  H  N N 92  
DMS H12  H  N N 93  
DMS H13  H  N N 94  
DMS H21  H  N N 95  
DMS H22  H  N N 96  
DMS H23  H  N N 97  
GLN N    N  N N 98  
GLN CA   C  N S 99  
GLN C    C  N N 100 
GLN O    O  N N 101 
GLN CB   C  N N 102 
GLN CG   C  N N 103 
GLN CD   C  N N 104 
GLN OE1  O  N N 105 
GLN NE2  N  N N 106 
GLN OXT  O  N N 107 
GLN H    H  N N 108 
GLN H2   H  N N 109 
GLN HA   H  N N 110 
GLN HB2  H  N N 111 
GLN HB3  H  N N 112 
GLN HG2  H  N N 113 
GLN HG3  H  N N 114 
GLN HE21 H  N N 115 
GLN HE22 H  N N 116 
GLN HXT  H  N N 117 
GLU N    N  N N 118 
GLU CA   C  N S 119 
GLU C    C  N N 120 
GLU O    O  N N 121 
GLU CB   C  N N 122 
GLU CG   C  N N 123 
GLU CD   C  N N 124 
GLU OE1  O  N N 125 
GLU OE2  O  N N 126 
GLU OXT  O  N N 127 
GLU H    H  N N 128 
GLU H2   H  N N 129 
GLU HA   H  N N 130 
GLU HB2  H  N N 131 
GLU HB3  H  N N 132 
GLU HG2  H  N N 133 
GLU HG3  H  N N 134 
GLU HE2  H  N N 135 
GLU HXT  H  N N 136 
GLY N    N  N N 137 
GLY CA   C  N N 138 
GLY C    C  N N 139 
GLY O    O  N N 140 
GLY OXT  O  N N 141 
GLY H    H  N N 142 
GLY H2   H  N N 143 
GLY HA2  H  N N 144 
GLY HA3  H  N N 145 
GLY HXT  H  N N 146 
HIS N    N  N N 147 
HIS CA   C  N S 148 
HIS C    C  N N 149 
HIS O    O  N N 150 
HIS CB   C  N N 151 
HIS CG   C  Y N 152 
HIS ND1  N  Y N 153 
HIS CD2  C  Y N 154 
HIS CE1  C  Y N 155 
HIS NE2  N  Y N 156 
HIS OXT  O  N N 157 
HIS H    H  N N 158 
HIS H2   H  N N 159 
HIS HA   H  N N 160 
HIS HB2  H  N N 161 
HIS HB3  H  N N 162 
HIS HD1  H  N N 163 
HIS HD2  H  N N 164 
HIS HE1  H  N N 165 
HIS HE2  H  N N 166 
HIS HXT  H  N N 167 
HOH O    O  N N 168 
HOH H1   H  N N 169 
HOH H2   H  N N 170 
ILE N    N  N N 171 
ILE CA   C  N S 172 
ILE C    C  N N 173 
ILE O    O  N N 174 
ILE CB   C  N S 175 
ILE CG1  C  N N 176 
ILE CG2  C  N N 177 
ILE CD1  C  N N 178 
ILE OXT  O  N N 179 
ILE H    H  N N 180 
ILE H2   H  N N 181 
ILE HA   H  N N 182 
ILE HB   H  N N 183 
ILE HG12 H  N N 184 
ILE HG13 H  N N 185 
ILE HG21 H  N N 186 
ILE HG22 H  N N 187 
ILE HG23 H  N N 188 
ILE HD11 H  N N 189 
ILE HD12 H  N N 190 
ILE HD13 H  N N 191 
ILE HXT  H  N N 192 
LEU N    N  N N 193 
LEU CA   C  N S 194 
LEU C    C  N N 195 
LEU O    O  N N 196 
LEU CB   C  N N 197 
LEU CG   C  N N 198 
LEU CD1  C  N N 199 
LEU CD2  C  N N 200 
LEU OXT  O  N N 201 
LEU H    H  N N 202 
LEU H2   H  N N 203 
LEU HA   H  N N 204 
LEU HB2  H  N N 205 
LEU HB3  H  N N 206 
LEU HG   H  N N 207 
LEU HD11 H  N N 208 
LEU HD12 H  N N 209 
LEU HD13 H  N N 210 
LEU HD21 H  N N 211 
LEU HD22 H  N N 212 
LEU HD23 H  N N 213 
LEU HXT  H  N N 214 
LYS N    N  N N 215 
LYS CA   C  N S 216 
LYS C    C  N N 217 
LYS O    O  N N 218 
LYS CB   C  N N 219 
LYS CG   C  N N 220 
LYS CD   C  N N 221 
LYS CE   C  N N 222 
LYS NZ   N  N N 223 
LYS OXT  O  N N 224 
LYS H    H  N N 225 
LYS H2   H  N N 226 
LYS HA   H  N N 227 
LYS HB2  H  N N 228 
LYS HB3  H  N N 229 
LYS HG2  H  N N 230 
LYS HG3  H  N N 231 
LYS HD2  H  N N 232 
LYS HD3  H  N N 233 
LYS HE2  H  N N 234 
LYS HE3  H  N N 235 
LYS HZ1  H  N N 236 
LYS HZ2  H  N N 237 
LYS HZ3  H  N N 238 
LYS HXT  H  N N 239 
MET N    N  N N 240 
MET CA   C  N S 241 
MET C    C  N N 242 
MET O    O  N N 243 
MET CB   C  N N 244 
MET CG   C  N N 245 
MET SD   S  N N 246 
MET CE   C  N N 247 
MET OXT  O  N N 248 
MET H    H  N N 249 
MET H2   H  N N 250 
MET HA   H  N N 251 
MET HB2  H  N N 252 
MET HB3  H  N N 253 
MET HG2  H  N N 254 
MET HG3  H  N N 255 
MET HE1  H  N N 256 
MET HE2  H  N N 257 
MET HE3  H  N N 258 
MET HXT  H  N N 259 
PHE N    N  N N 260 
PHE CA   C  N S 261 
PHE C    C  N N 262 
PHE O    O  N N 263 
PHE CB   C  N N 264 
PHE CG   C  Y N 265 
PHE CD1  C  Y N 266 
PHE CD2  C  Y N 267 
PHE CE1  C  Y N 268 
PHE CE2  C  Y N 269 
PHE CZ   C  Y N 270 
PHE OXT  O  N N 271 
PHE H    H  N N 272 
PHE H2   H  N N 273 
PHE HA   H  N N 274 
PHE HB2  H  N N 275 
PHE HB3  H  N N 276 
PHE HD1  H  N N 277 
PHE HD2  H  N N 278 
PHE HE1  H  N N 279 
PHE HE2  H  N N 280 
PHE HZ   H  N N 281 
PHE HXT  H  N N 282 
PRO N    N  N N 283 
PRO CA   C  N S 284 
PRO C    C  N N 285 
PRO O    O  N N 286 
PRO CB   C  N N 287 
PRO CG   C  N N 288 
PRO CD   C  N N 289 
PRO OXT  O  N N 290 
PRO H    H  N N 291 
PRO HA   H  N N 292 
PRO HB2  H  N N 293 
PRO HB3  H  N N 294 
PRO HG2  H  N N 295 
PRO HG3  H  N N 296 
PRO HD2  H  N N 297 
PRO HD3  H  N N 298 
PRO HXT  H  N N 299 
SER N    N  N N 300 
SER CA   C  N S 301 
SER C    C  N N 302 
SER O    O  N N 303 
SER CB   C  N N 304 
SER OG   O  N N 305 
SER OXT  O  N N 306 
SER H    H  N N 307 
SER H2   H  N N 308 
SER HA   H  N N 309 
SER HB2  H  N N 310 
SER HB3  H  N N 311 
SER HG   H  N N 312 
SER HXT  H  N N 313 
SO4 S    S  N N 314 
SO4 O1   O  N N 315 
SO4 O2   O  N N 316 
SO4 O3   O  N N 317 
SO4 O4   O  N N 318 
TEK N12  N  N N 319 
TEK C13  C  N N 320 
TEK C15  C  N N 321 
TEK C01  C  N N 322 
TEK C02  C  N N 323 
TEK C04  C  Y N 324 
TEK C05  C  Y N 325 
TEK C06  C  Y N 326 
TEK C07  C  Y N 327 
TEK C08  C  Y N 328 
TEK C09  C  Y N 329 
TEK C11  C  Y N 330 
TEK N03  N  Y N 331 
TEK N10  N  Y N 332 
TEK O14  O  N N 333 
TEK H1   H  N N 334 
TEK H2   H  N N 335 
TEK H3   H  N N 336 
TEK H4   H  N N 337 
TEK H5   H  N N 338 
TEK H6   H  N N 339 
TEK H7   H  N N 340 
TEK H8   H  N N 341 
TEK H9   H  N N 342 
TEK H10  H  N N 343 
TEK H11  H  N N 344 
TEK H12  H  N N 345 
TEK H13  H  N N 346 
THR N    N  N N 347 
THR CA   C  N S 348 
THR C    C  N N 349 
THR O    O  N N 350 
THR CB   C  N R 351 
THR OG1  O  N N 352 
THR CG2  C  N N 353 
THR OXT  O  N N 354 
THR H    H  N N 355 
THR H2   H  N N 356 
THR HA   H  N N 357 
THR HB   H  N N 358 
THR HG1  H  N N 359 
THR HG21 H  N N 360 
THR HG22 H  N N 361 
THR HG23 H  N N 362 
THR HXT  H  N N 363 
TRP N    N  N N 364 
TRP CA   C  N S 365 
TRP C    C  N N 366 
TRP O    O  N N 367 
TRP CB   C  N N 368 
TRP CG   C  Y N 369 
TRP CD1  C  Y N 370 
TRP CD2  C  Y N 371 
TRP NE1  N  Y N 372 
TRP CE2  C  Y N 373 
TRP CE3  C  Y N 374 
TRP CZ2  C  Y N 375 
TRP CZ3  C  Y N 376 
TRP CH2  C  Y N 377 
TRP OXT  O  N N 378 
TRP H    H  N N 379 
TRP H2   H  N N 380 
TRP HA   H  N N 381 
TRP HB2  H  N N 382 
TRP HB3  H  N N 383 
TRP HD1  H  N N 384 
TRP HE1  H  N N 385 
TRP HE3  H  N N 386 
TRP HZ2  H  N N 387 
TRP HZ3  H  N N 388 
TRP HH2  H  N N 389 
TRP HXT  H  N N 390 
TYR N    N  N N 391 
TYR CA   C  N S 392 
TYR C    C  N N 393 
TYR O    O  N N 394 
TYR CB   C  N N 395 
TYR CG   C  Y N 396 
TYR CD1  C  Y N 397 
TYR CD2  C  Y N 398 
TYR CE1  C  Y N 399 
TYR CE2  C  Y N 400 
TYR CZ   C  Y N 401 
TYR OH   O  N N 402 
TYR OXT  O  N N 403 
TYR H    H  N N 404 
TYR H2   H  N N 405 
TYR HA   H  N N 406 
TYR HB2  H  N N 407 
TYR HB3  H  N N 408 
TYR HD1  H  N N 409 
TYR HD2  H  N N 410 
TYR HE1  H  N N 411 
TYR HE2  H  N N 412 
TYR HH   H  N N 413 
TYR HXT  H  N N 414 
VAL N    N  N N 415 
VAL CA   C  N S 416 
VAL C    C  N N 417 
VAL O    O  N N 418 
VAL CB   C  N N 419 
VAL CG1  C  N N 420 
VAL CG2  C  N N 421 
VAL OXT  O  N N 422 
VAL H    H  N N 423 
VAL H2   H  N N 424 
VAL HA   H  N N 425 
VAL HB   H  N N 426 
VAL HG11 H  N N 427 
VAL HG12 H  N N 428 
VAL HG13 H  N N 429 
VAL HG21 H  N N 430 
VAL HG22 H  N N 431 
VAL HG23 H  N N 432 
VAL HXT  H  N N 433 
ZN  ZN   ZN N N 434 
# 
loop_
_chem_comp_bond.comp_id 
_chem_comp_bond.atom_id_1 
_chem_comp_bond.atom_id_2 
_chem_comp_bond.value_order 
_chem_comp_bond.pdbx_aromatic_flag 
_chem_comp_bond.pdbx_stereo_config 
_chem_comp_bond.pdbx_ordinal 
ALA N   CA   sing N N 1   
ALA N   H    sing N N 2   
ALA N   H2   sing N N 3   
ALA CA  C    sing N N 4   
ALA CA  CB   sing N N 5   
ALA CA  HA   sing N N 6   
ALA C   O    doub N N 7   
ALA C   OXT  sing N N 8   
ALA CB  HB1  sing N N 9   
ALA CB  HB2  sing N N 10  
ALA CB  HB3  sing N N 11  
ALA OXT HXT  sing N N 12  
ARG N   CA   sing N N 13  
ARG N   H    sing N N 14  
ARG N   H2   sing N N 15  
ARG CA  C    sing N N 16  
ARG CA  CB   sing N N 17  
ARG CA  HA   sing N N 18  
ARG C   O    doub N N 19  
ARG C   OXT  sing N N 20  
ARG CB  CG   sing N N 21  
ARG CB  HB2  sing N N 22  
ARG CB  HB3  sing N N 23  
ARG CG  CD   sing N N 24  
ARG CG  HG2  sing N N 25  
ARG CG  HG3  sing N N 26  
ARG CD  NE   sing N N 27  
ARG CD  HD2  sing N N 28  
ARG CD  HD3  sing N N 29  
ARG NE  CZ   sing N N 30  
ARG NE  HE   sing N N 31  
ARG CZ  NH1  sing N N 32  
ARG CZ  NH2  doub N N 33  
ARG NH1 HH11 sing N N 34  
ARG NH1 HH12 sing N N 35  
ARG NH2 HH21 sing N N 36  
ARG NH2 HH22 sing N N 37  
ARG OXT HXT  sing N N 38  
ASN N   CA   sing N N 39  
ASN N   H    sing N N 40  
ASN N   H2   sing N N 41  
ASN CA  C    sing N N 42  
ASN CA  CB   sing N N 43  
ASN CA  HA   sing N N 44  
ASN C   O    doub N N 45  
ASN C   OXT  sing N N 46  
ASN CB  CG   sing N N 47  
ASN CB  HB2  sing N N 48  
ASN CB  HB3  sing N N 49  
ASN CG  OD1  doub N N 50  
ASN CG  ND2  sing N N 51  
ASN ND2 HD21 sing N N 52  
ASN ND2 HD22 sing N N 53  
ASN OXT HXT  sing N N 54  
ASP N   CA   sing N N 55  
ASP N   H    sing N N 56  
ASP N   H2   sing N N 57  
ASP CA  C    sing N N 58  
ASP CA  CB   sing N N 59  
ASP CA  HA   sing N N 60  
ASP C   O    doub N N 61  
ASP C   OXT  sing N N 62  
ASP CB  CG   sing N N 63  
ASP CB  HB2  sing N N 64  
ASP CB  HB3  sing N N 65  
ASP CG  OD1  doub N N 66  
ASP CG  OD2  sing N N 67  
ASP OD2 HD2  sing N N 68  
ASP OXT HXT  sing N N 69  
CYS N   CA   sing N N 70  
CYS N   H    sing N N 71  
CYS N   H2   sing N N 72  
CYS CA  C    sing N N 73  
CYS CA  CB   sing N N 74  
CYS CA  HA   sing N N 75  
CYS C   O    doub N N 76  
CYS C   OXT  sing N N 77  
CYS CB  SG   sing N N 78  
CYS CB  HB2  sing N N 79  
CYS CB  HB3  sing N N 80  
CYS SG  HG   sing N N 81  
CYS OXT HXT  sing N N 82  
DMS S   O    doub N N 83  
DMS S   C1   sing N N 84  
DMS S   C2   sing N N 85  
DMS C1  H11  sing N N 86  
DMS C1  H12  sing N N 87  
DMS C1  H13  sing N N 88  
DMS C2  H21  sing N N 89  
DMS C2  H22  sing N N 90  
DMS C2  H23  sing N N 91  
GLN N   CA   sing N N 92  
GLN N   H    sing N N 93  
GLN N   H2   sing N N 94  
GLN CA  C    sing N N 95  
GLN CA  CB   sing N N 96  
GLN CA  HA   sing N N 97  
GLN C   O    doub N N 98  
GLN C   OXT  sing N N 99  
GLN CB  CG   sing N N 100 
GLN CB  HB2  sing N N 101 
GLN CB  HB3  sing N N 102 
GLN CG  CD   sing N N 103 
GLN CG  HG2  sing N N 104 
GLN CG  HG3  sing N N 105 
GLN CD  OE1  doub N N 106 
GLN CD  NE2  sing N N 107 
GLN NE2 HE21 sing N N 108 
GLN NE2 HE22 sing N N 109 
GLN OXT HXT  sing N N 110 
GLU N   CA   sing N N 111 
GLU N   H    sing N N 112 
GLU N   H2   sing N N 113 
GLU CA  C    sing N N 114 
GLU CA  CB   sing N N 115 
GLU CA  HA   sing N N 116 
GLU C   O    doub N N 117 
GLU C   OXT  sing N N 118 
GLU CB  CG   sing N N 119 
GLU CB  HB2  sing N N 120 
GLU CB  HB3  sing N N 121 
GLU CG  CD   sing N N 122 
GLU CG  HG2  sing N N 123 
GLU CG  HG3  sing N N 124 
GLU CD  OE1  doub N N 125 
GLU CD  OE2  sing N N 126 
GLU OE2 HE2  sing N N 127 
GLU OXT HXT  sing N N 128 
GLY N   CA   sing N N 129 
GLY N   H    sing N N 130 
GLY N   H2   sing N N 131 
GLY CA  C    sing N N 132 
GLY CA  HA2  sing N N 133 
GLY CA  HA3  sing N N 134 
GLY C   O    doub N N 135 
GLY C   OXT  sing N N 136 
GLY OXT HXT  sing N N 137 
HIS N   CA   sing N N 138 
HIS N   H    sing N N 139 
HIS N   H2   sing N N 140 
HIS CA  C    sing N N 141 
HIS CA  CB   sing N N 142 
HIS CA  HA   sing N N 143 
HIS C   O    doub N N 144 
HIS C   OXT  sing N N 145 
HIS CB  CG   sing N N 146 
HIS CB  HB2  sing N N 147 
HIS CB  HB3  sing N N 148 
HIS CG  ND1  sing Y N 149 
HIS CG  CD2  doub Y N 150 
HIS ND1 CE1  doub Y N 151 
HIS ND1 HD1  sing N N 152 
HIS CD2 NE2  sing Y N 153 
HIS CD2 HD2  sing N N 154 
HIS CE1 NE2  sing Y N 155 
HIS CE1 HE1  sing N N 156 
HIS NE2 HE2  sing N N 157 
HIS OXT HXT  sing N N 158 
HOH O   H1   sing N N 159 
HOH O   H2   sing N N 160 
ILE N   CA   sing N N 161 
ILE N   H    sing N N 162 
ILE N   H2   sing N N 163 
ILE CA  C    sing N N 164 
ILE CA  CB   sing N N 165 
ILE CA  HA   sing N N 166 
ILE C   O    doub N N 167 
ILE C   OXT  sing N N 168 
ILE CB  CG1  sing N N 169 
ILE CB  CG2  sing N N 170 
ILE CB  HB   sing N N 171 
ILE CG1 CD1  sing N N 172 
ILE CG1 HG12 sing N N 173 
ILE CG1 HG13 sing N N 174 
ILE CG2 HG21 sing N N 175 
ILE CG2 HG22 sing N N 176 
ILE CG2 HG23 sing N N 177 
ILE CD1 HD11 sing N N 178 
ILE CD1 HD12 sing N N 179 
ILE CD1 HD13 sing N N 180 
ILE OXT HXT  sing N N 181 
LEU N   CA   sing N N 182 
LEU N   H    sing N N 183 
LEU N   H2   sing N N 184 
LEU CA  C    sing N N 185 
LEU CA  CB   sing N N 186 
LEU CA  HA   sing N N 187 
LEU C   O    doub N N 188 
LEU C   OXT  sing N N 189 
LEU CB  CG   sing N N 190 
LEU CB  HB2  sing N N 191 
LEU CB  HB3  sing N N 192 
LEU CG  CD1  sing N N 193 
LEU CG  CD2  sing N N 194 
LEU CG  HG   sing N N 195 
LEU CD1 HD11 sing N N 196 
LEU CD1 HD12 sing N N 197 
LEU CD1 HD13 sing N N 198 
LEU CD2 HD21 sing N N 199 
LEU CD2 HD22 sing N N 200 
LEU CD2 HD23 sing N N 201 
LEU OXT HXT  sing N N 202 
LYS N   CA   sing N N 203 
LYS N   H    sing N N 204 
LYS N   H2   sing N N 205 
LYS CA  C    sing N N 206 
LYS CA  CB   sing N N 207 
LYS CA  HA   sing N N 208 
LYS C   O    doub N N 209 
LYS C   OXT  sing N N 210 
LYS CB  CG   sing N N 211 
LYS CB  HB2  sing N N 212 
LYS CB  HB3  sing N N 213 
LYS CG  CD   sing N N 214 
LYS CG  HG2  sing N N 215 
LYS CG  HG3  sing N N 216 
LYS CD  CE   sing N N 217 
LYS CD  HD2  sing N N 218 
LYS CD  HD3  sing N N 219 
LYS CE  NZ   sing N N 220 
LYS CE  HE2  sing N N 221 
LYS CE  HE3  sing N N 222 
LYS NZ  HZ1  sing N N 223 
LYS NZ  HZ2  sing N N 224 
LYS NZ  HZ3  sing N N 225 
LYS OXT HXT  sing N N 226 
MET N   CA   sing N N 227 
MET N   H    sing N N 228 
MET N   H2   sing N N 229 
MET CA  C    sing N N 230 
MET CA  CB   sing N N 231 
MET CA  HA   sing N N 232 
MET C   O    doub N N 233 
MET C   OXT  sing N N 234 
MET CB  CG   sing N N 235 
MET CB  HB2  sing N N 236 
MET CB  HB3  sing N N 237 
MET CG  SD   sing N N 238 
MET CG  HG2  sing N N 239 
MET CG  HG3  sing N N 240 
MET SD  CE   sing N N 241 
MET CE  HE1  sing N N 242 
MET CE  HE2  sing N N 243 
MET CE  HE3  sing N N 244 
MET OXT HXT  sing N N 245 
PHE N   CA   sing N N 246 
PHE N   H    sing N N 247 
PHE N   H2   sing N N 248 
PHE CA  C    sing N N 249 
PHE CA  CB   sing N N 250 
PHE CA  HA   sing N N 251 
PHE C   O    doub N N 252 
PHE C   OXT  sing N N 253 
PHE CB  CG   sing N N 254 
PHE CB  HB2  sing N N 255 
PHE CB  HB3  sing N N 256 
PHE CG  CD1  doub Y N 257 
PHE CG  CD2  sing Y N 258 
PHE CD1 CE1  sing Y N 259 
PHE CD1 HD1  sing N N 260 
PHE CD2 CE2  doub Y N 261 
PHE CD2 HD2  sing N N 262 
PHE CE1 CZ   doub Y N 263 
PHE CE1 HE1  sing N N 264 
PHE CE2 CZ   sing Y N 265 
PHE CE2 HE2  sing N N 266 
PHE CZ  HZ   sing N N 267 
PHE OXT HXT  sing N N 268 
PRO N   CA   sing N N 269 
PRO N   CD   sing N N 270 
PRO N   H    sing N N 271 
PRO CA  C    sing N N 272 
PRO CA  CB   sing N N 273 
PRO CA  HA   sing N N 274 
PRO C   O    doub N N 275 
PRO C   OXT  sing N N 276 
PRO CB  CG   sing N N 277 
PRO CB  HB2  sing N N 278 
PRO CB  HB3  sing N N 279 
PRO CG  CD   sing N N 280 
PRO CG  HG2  sing N N 281 
PRO CG  HG3  sing N N 282 
PRO CD  HD2  sing N N 283 
PRO CD  HD3  sing N N 284 
PRO OXT HXT  sing N N 285 
SER N   CA   sing N N 286 
SER N   H    sing N N 287 
SER N   H2   sing N N 288 
SER CA  C    sing N N 289 
SER CA  CB   sing N N 290 
SER CA  HA   sing N N 291 
SER C   O    doub N N 292 
SER C   OXT  sing N N 293 
SER CB  OG   sing N N 294 
SER CB  HB2  sing N N 295 
SER CB  HB3  sing N N 296 
SER OG  HG   sing N N 297 
SER OXT HXT  sing N N 298 
SO4 S   O1   doub N N 299 
SO4 S   O2   doub N N 300 
SO4 S   O3   sing N N 301 
SO4 S   O4   sing N N 302 
TEK O14 C13  doub N N 303 
TEK C15 C13  sing N N 304 
TEK C13 N12  sing N N 305 
TEK N10 C09  sing Y N 306 
TEK N10 C11  doub Y N 307 
TEK C08 C09  doub Y N 308 
TEK C08 C07  sing Y N 309 
TEK C09 C04  sing Y N 310 
TEK N12 C11  sing N N 311 
TEK C07 C06  doub Y N 312 
TEK C11 N03  sing Y N 313 
TEK C04 N03  sing Y N 314 
TEK C04 C05  doub Y N 315 
TEK N03 C02  sing N N 316 
TEK C06 C05  sing Y N 317 
TEK C01 C02  sing N N 318 
TEK N12 H1   sing N N 319 
TEK C15 H2   sing N N 320 
TEK C15 H3   sing N N 321 
TEK C15 H4   sing N N 322 
TEK C01 H5   sing N N 323 
TEK C01 H6   sing N N 324 
TEK C01 H7   sing N N 325 
TEK C02 H8   sing N N 326 
TEK C02 H9   sing N N 327 
TEK C05 H10  sing N N 328 
TEK C06 H11  sing N N 329 
TEK C07 H12  sing N N 330 
TEK C08 H13  sing N N 331 
THR N   CA   sing N N 332 
THR N   H    sing N N 333 
THR N   H2   sing N N 334 
THR CA  C    sing N N 335 
THR CA  CB   sing N N 336 
THR CA  HA   sing N N 337 
THR C   O    doub N N 338 
THR C   OXT  sing N N 339 
THR CB  OG1  sing N N 340 
THR CB  CG2  sing N N 341 
THR CB  HB   sing N N 342 
THR OG1 HG1  sing N N 343 
THR CG2 HG21 sing N N 344 
THR CG2 HG22 sing N N 345 
THR CG2 HG23 sing N N 346 
THR OXT HXT  sing N N 347 
TRP N   CA   sing N N 348 
TRP N   H    sing N N 349 
TRP N   H2   sing N N 350 
TRP CA  C    sing N N 351 
TRP CA  CB   sing N N 352 
TRP CA  HA   sing N N 353 
TRP C   O    doub N N 354 
TRP C   OXT  sing N N 355 
TRP CB  CG   sing N N 356 
TRP CB  HB2  sing N N 357 
TRP CB  HB3  sing N N 358 
TRP CG  CD1  doub Y N 359 
TRP CG  CD2  sing Y N 360 
TRP CD1 NE1  sing Y N 361 
TRP CD1 HD1  sing N N 362 
TRP CD2 CE2  doub Y N 363 
TRP CD2 CE3  sing Y N 364 
TRP NE1 CE2  sing Y N 365 
TRP NE1 HE1  sing N N 366 
TRP CE2 CZ2  sing Y N 367 
TRP CE3 CZ3  doub Y N 368 
TRP CE3 HE3  sing N N 369 
TRP CZ2 CH2  doub Y N 370 
TRP CZ2 HZ2  sing N N 371 
TRP CZ3 CH2  sing Y N 372 
TRP CZ3 HZ3  sing N N 373 
TRP CH2 HH2  sing N N 374 
TRP OXT HXT  sing N N 375 
TYR N   CA   sing N N 376 
TYR N   H    sing N N 377 
TYR N   H2   sing N N 378 
TYR CA  C    sing N N 379 
TYR CA  CB   sing N N 380 
TYR CA  HA   sing N N 381 
TYR C   O    doub N N 382 
TYR C   OXT  sing N N 383 
TYR CB  CG   sing N N 384 
TYR CB  HB2  sing N N 385 
TYR CB  HB3  sing N N 386 
TYR CG  CD1  doub Y N 387 
TYR CG  CD2  sing Y N 388 
TYR CD1 CE1  sing Y N 389 
TYR CD1 HD1  sing N N 390 
TYR CD2 CE2  doub Y N 391 
TYR CD2 HD2  sing N N 392 
TYR CE1 CZ   doub Y N 393 
TYR CE1 HE1  sing N N 394 
TYR CE2 CZ   sing Y N 395 
TYR CE2 HE2  sing N N 396 
TYR CZ  OH   sing N N 397 
TYR OH  HH   sing N N 398 
TYR OXT HXT  sing N N 399 
VAL N   CA   sing N N 400 
VAL N   H    sing N N 401 
VAL N   H2   sing N N 402 
VAL CA  C    sing N N 403 
VAL CA  CB   sing N N 404 
VAL CA  HA   sing N N 405 
VAL C   O    doub N N 406 
VAL C   OXT  sing N N 407 
VAL CB  CG1  sing N N 408 
VAL CB  CG2  sing N N 409 
VAL CB  HB   sing N N 410 
VAL CG1 HG11 sing N N 411 
VAL CG1 HG12 sing N N 412 
VAL CG1 HG13 sing N N 413 
VAL CG2 HG21 sing N N 414 
VAL CG2 HG22 sing N N 415 
VAL CG2 HG23 sing N N 416 
VAL OXT HXT  sing N N 417 
# 
_pdbx_audit_support.funding_organization   
'National Institutes of Health/National Institute Of Allergy and Infectious Diseases (NIH/NIAID)' 
_pdbx_audit_support.country                'United States' 
_pdbx_audit_support.grant_number           U19AI171399 
_pdbx_audit_support.ordinal                1 
# 
_pdbx_deposit_group.group_id            G_1002288 
_pdbx_deposit_group.group_description   'Crystallographic fragment screening of Coxsackievirus A16 (G-10) 2A protease' 
_pdbx_deposit_group.group_title         
'Group deposition for crystallographic fragment screening of Coxsackievirus A16 (G-10) 2A protease' 
_pdbx_deposit_group.group_type          'changed state' 
# 
_atom_sites.entry_id                    7H3J 
_atom_sites.fract_transf_matrix[1][1]   0.00932734 
_atom_sites.fract_transf_matrix[1][2]   -0.00695297 
_atom_sites.fract_transf_matrix[1][3]   0.00043033 
_atom_sites.fract_transf_matrix[2][1]   0.01026184 
_atom_sites.fract_transf_matrix[2][2]   0.01398827 
_atom_sites.fract_transf_matrix[2][3]   0.00358883 
_atom_sites.fract_transf_matrix[3][1]   -0.00243716 
_atom_sites.fract_transf_matrix[3][2]   -0.00598247 
_atom_sites.fract_transf_matrix[3][3]   0.03028675 
_atom_sites.fract_transf_vector[1]      0.185604 
_atom_sites.fract_transf_vector[2]      0.124123 
_atom_sites.fract_transf_vector[3]      0.449815 
# 
loop_
_atom_type.symbol 
C  
N  
O  
S  
ZN 
# 
loop_
_atom_site.group_PDB 
_atom_site.id 
_atom_site.type_symbol 
_atom_site.label_atom_id 
_atom_site.label_alt_id 
_atom_site.label_comp_id 
_atom_site.label_asym_id 
_atom_site.label_entity_id 
_atom_site.label_seq_id 
_atom_site.pdbx_PDB_ins_code 
_atom_site.Cartn_x 
_atom_site.Cartn_y 
_atom_site.Cartn_z 
_atom_site.occupancy 
_atom_site.B_iso_or_equiv 
_atom_site.pdbx_formal_charge 
_atom_site.auth_seq_id 
_atom_site.auth_comp_id 
_atom_site.auth_asym_id 
_atom_site.auth_atom_id 
_atom_site.pdbx_PDB_model_num 
ATOM   1    N  N   . SER A 1 7   ? 1.648   -4.314  9.707   1.00 13.41 ? 7   SER A N   1 
ATOM   2    C  CA  . SER A 1 7   ? 2.748   -4.749  8.886   1.00 13.33 ? 7   SER A CA  1 
ATOM   3    C  C   . SER A 1 7   ? 2.239   -5.490  7.661   1.00 13.14 ? 7   SER A C   1 
ATOM   4    O  O   . SER A 1 7   ? 1.050   -5.934  7.634   1.00 14.31 ? 7   SER A O   1 
ATOM   5    C  CB  . SER A 1 7   ? 3.703   -5.625  9.676   1.00 15.81 ? 7   SER A CB  1 
ATOM   6    O  OG  . SER A 1 7   ? 2.997   -6.743  10.134  1.00 18.58 ? 7   SER A OG  1 
ATOM   7    N  N   . GLY A 1 8   ? 3.083   -5.624  6.665   1.00 11.65 ? 8   GLY A N   1 
ATOM   8    C  CA  . GLY A 1 8   ? 2.742   -6.375  5.472   1.00 11.88 ? 8   GLY A CA  1 
ATOM   9    C  C   . GLY A 1 8   ? 3.498   -5.902  4.272   1.00 11.41 ? 8   GLY A C   1 
ATOM   10   O  O   . GLY A 1 8   ? 3.896   -4.738  4.232   1.00 12.27 ? 8   GLY A O   1 
ATOM   11   N  N   . ALA A 1 9   ? 3.647   -6.740  3.266   1.00 11.14 ? 9   ALA A N   1 
ATOM   12   C  CA  . ALA A 1 9   ? 4.316   -6.396  2.023   1.00 10.73 ? 9   ALA A CA  1 
ATOM   13   C  C   . ALA A 1 9   ? 3.628   -7.042  0.833   1.00 10.11 ? 9   ALA A C   1 
ATOM   14   O  O   . ALA A 1 9   ? 2.856   -8.016  1.010   1.00 12.19 ? 9   ALA A O   1 
ATOM   15   C  CB  . ALA A 1 9   ? 5.765   -6.807  2.078   1.00 11.67 ? 9   ALA A CB  1 
ATOM   16   N  N   . ILE A 1 10  ? 3.938   -6.555  -0.326  1.00 10.13 ? 10  ILE A N   1 
ATOM   17   C  CA  . ILE A 1 10  ? 3.600   -7.197  -1.598  1.00 11.76 ? 10  ILE A CA  1 
ATOM   18   C  C   . ILE A 1 10  ? 4.863   -7.856  -2.088  1.00 13.73 ? 10  ILE A C   1 
ATOM   19   O  O   . ILE A 1 10  ? 5.894   -7.199  -2.097  1.00 13.42 ? 10  ILE A O   1 
ATOM   20   C  CB  . ILE A 1 10  ? 3.075   -6.206  -2.645  1.00 11.03 ? 10  ILE A CB  1 
ATOM   21   C  CG1 . ILE A 1 10  ? 1.957   -5.307  -2.098  1.00 11.10 ? 10  ILE A CG1 1 
ATOM   22   C  CG2 . ILE A 1 10  ? 2.580   -6.987  -3.859  1.00 12.26 ? 10  ILE A CG2 1 
ATOM   23   C  CD1 . ILE A 1 10  ? 1.642   -4.130  -2.966  1.00 11.03 ? 10  ILE A CD1 1 
ATOM   24   N  N   . TYR A 1 11  ? 4.737   -9.098  -2.550  1.00 15.74 ? 11  TYR A N   1 
ATOM   25   C  CA  . TYR A 1 11  ? 5.866   -9.906  -3.078  1.00 17.09 ? 11  TYR A CA  1 
ATOM   26   C  C   . TYR A 1 11  ? 5.514   -10.240 -4.507  1.00 17.34 ? 11  TYR A C   1 
ATOM   27   O  O   . TYR A 1 11  ? 4.747   -11.209 -4.718  1.00 17.50 ? 11  TYR A O   1 
ATOM   28   C  CB  . TYR A 1 11  ? 6.106   -11.154 -2.244  1.00 17.55 ? 11  TYR A CB  1 
ATOM   29   C  CG  . TYR A 1 11  ? 6.611   -10.776 -0.889  1.00 16.94 ? 11  TYR A CG  1 
ATOM   30   C  CD1 . TYR A 1 11  ? 7.950   -10.453 -0.694  1.00 17.18 ? 11  TYR A CD1 1 
ATOM   31   C  CD2 . TYR A 1 11  ? 5.777   -10.764 0.187   1.00 18.98 ? 11  TYR A CD2 1 
ATOM   32   C  CE1 . TYR A 1 11  ? 8.411   -10.060 0.547   1.00 15.59 ? 11  TYR A CE1 1 
ATOM   33   C  CE2 . TYR A 1 11  ? 6.213   -10.392 1.443   1.00 17.73 ? 11  TYR A CE2 1 
ATOM   34   C  CZ  . TYR A 1 11  ? 7.547   -10.051 1.617   1.00 17.32 ? 11  TYR A CZ  1 
ATOM   35   O  OH  . TYR A 1 11  ? 7.981   -9.710  2.862   1.00 17.88 ? 11  TYR A OH  1 
ATOM   36   N  N   . VAL A 1 12  ? 6.013   -9.436  -5.441  1.00 16.18 ? 12  VAL A N   1 
ATOM   37   C  CA  . VAL A 1 12  ? 5.775   -9.575  -6.911  1.00 17.69 ? 12  VAL A CA  1 
ATOM   38   C  C   . VAL A 1 12  ? 7.128   -9.773  -7.598  1.00 18.99 ? 12  VAL A C   1 
ATOM   39   O  O   . VAL A 1 12  ? 8.018   -8.898  -7.482  1.00 19.37 ? 12  VAL A O   1 
ATOM   40   C  CB  . VAL A 1 12  ? 4.996   -8.384  -7.508  1.00 17.39 ? 12  VAL A CB  1 
ATOM   41   C  CG1 . VAL A 1 12  ? 5.634   -7.044  -7.199  1.00 17.26 ? 12  VAL A CG1 1 
ATOM   42   C  CG2 . VAL A 1 12  ? 4.797   -8.546  -9.005  1.00 17.45 ? 12  VAL A CG2 1 
ATOM   43   N  N   . GLY A 1 13  ? 7.281   -10.915 -8.273  1.00 19.44 ? 13  GLY A N   1 
ATOM   44   C  CA  . GLY A 1 13  ? 8.569   -11.316 -8.860  1.00 19.64 ? 13  GLY A CA  1 
ATOM   45   C  C   . GLY A 1 13  ? 9.664   -11.292 -7.807  1.00 18.04 ? 13  GLY A C   1 
ATOM   46   O  O   . GLY A 1 13  ? 9.498   -11.973 -6.784  1.00 18.49 ? 13  GLY A O   1 
ATOM   47   N  N   . ASN A 1 14  ? 10.720  -10.523 -8.065  1.00 20.24 ? 14  ASN A N   1 
ATOM   48   C  CA  . ASN A 1 14  ? 11.864  -10.329 -7.132  1.00 20.92 ? 14  ASN A CA  1 
ATOM   49   C  C   . ASN A 1 14  ? 11.827  -8.904  -6.564  1.00 21.25 ? 14  ASN A C   1 
ATOM   50   O  O   . ASN A 1 14  ? 12.897  -8.234  -6.503  1.00 22.63 ? 14  ASN A O   1 
ATOM   51   C  CB  . ASN A 1 14  ? 13.200  -10.653 -7.804  1.00 22.04 ? 14  ASN A CB  1 
ATOM   52   C  CG  . ASN A 1 14  ? 13.347  -12.130 -8.109  1.00 22.66 ? 14  ASN A CG  1 
ATOM   53   O  OD1 . ASN A 1 14  ? 13.868  -12.889 -7.297  1.00 25.49 ? 14  ASN A OD1 1 
ATOM   54   N  ND2 . ASN A 1 14  ? 12.860  -12.551 -9.264  1.00 21.63 ? 14  ASN A ND2 1 
ATOM   55   N  N   . TYR A 1 15  ? 10.627  -8.447  -6.187  1.00 19.91 ? 15  TYR A N   1 
ATOM   56   C  CA  . TYR A 1 15  ? 10.406  -7.125  -5.551  1.00 17.76 ? 15  TYR A CA  1 
ATOM   57   C  C   . TYR A 1 15  ? 9.578   -7.390  -4.305  1.00 16.48 ? 15  TYR A C   1 
ATOM   58   O  O   . TYR A 1 15  ? 8.674   -8.269  -4.238  1.00 16.74 ? 15  TYR A O   1 
ATOM   59   C  CB  . TYR A 1 15  ? 9.715   -6.120  -6.475  1.00 17.71 ? 15  TYR A CB  1 
ATOM   60   C  CG  . TYR A 1 15  ? 10.436  -5.759  -7.737  1.00 19.40 ? 15  TYR A CG  1 
ATOM   61   C  CD1 . TYR A 1 15  ? 11.694  -5.179  -7.717  1.00 22.22 ? 15  TYR A CD1 1 
ATOM   62   C  CD2 . TYR A 1 15  ? 9.845   -5.963  -8.975  1.00 20.46 ? 15  TYR A CD2 1 
ATOM   63   C  CE1 . TYR A 1 15  ? 12.350  -4.801  -8.872  1.00 25.05 ? 15  TYR A CE1 1 
ATOM   64   C  CE2 . TYR A 1 15  ? 10.482  -5.579  -10.138 1.00 22.93 ? 15  TYR A CE2 1 
ATOM   65   C  CZ  . TYR A 1 15  ? 11.738  -5.000  -10.096 1.00 25.88 ? 15  TYR A CZ  1 
ATOM   66   O  OH  . TYR A 1 15  ? 12.362  -4.652  -11.254 1.00 30.08 ? 15  TYR A OH  1 
ATOM   67   N  N   . ARG A 1 16  ? 9.928   -6.602  -3.273  1.00 15.17 ? 16  ARG A N   1 
ATOM   68   C  CA  . ARG A 1 16  ? 9.215   -6.498  -2.010  1.00 13.81 ? 16  ARG A CA  1 
ATOM   69   C  C   . ARG A 1 16  ? 8.749   -5.059  -1.916  1.00 13.01 ? 16  ARG A C   1 
ATOM   70   O  O   . ARG A 1 16  ? 9.579   -4.124  -1.957  1.00 13.11 ? 16  ARG A O   1 
ATOM   71   C  CB  . ARG A 1 16  ? 10.115  -6.900  -0.850  1.00 14.03 ? 16  ARG A CB  1 
ATOM   72   C  CG  . ARG A 1 16  ? 9.583   -6.518  0.510   1.00 14.20 ? 16  ARG A CG  1 
ATOM   73   C  CD  . ARG A 1 16  ? 10.490  -7.061  1.589   1.00 14.44 ? 16  ARG A CD  1 
ATOM   74   N  NE  . ARG A 1 16  ? 10.646  -6.223  2.755   1.00 13.59 ? 16  ARG A NE  1 
ATOM   75   C  CZ  . ARG A 1 16  ? 9.931   -6.238  3.831   1.00 13.72 ? 16  ARG A CZ  1 
ATOM   76   N  NH1 . ARG A 1 16  ? 8.860   -7.012  3.945   1.00 15.82 ? 16  ARG A NH1 1 
ATOM   77   N  NH2 . ARG A 1 16  ? 10.196  -5.370  4.784   1.00 14.25 ? 16  ARG A NH2 1 
ATOM   78   N  N   . VAL A 1 17  ? 7.435   -4.852  -1.823  1.00 11.05 ? 17  VAL A N   1 
ATOM   79   C  CA  . VAL A 1 17  ? 6.844   -3.503  -1.735  1.00 10.09 ? 17  VAL A CA  1 
ATOM   80   C  C   . VAL A 1 17  ? 6.332   -3.342  -0.326  1.00 9.88  ? 17  VAL A C   1 
ATOM   81   O  O   . VAL A 1 17  ? 5.503   -4.113  0.103   1.00 10.23 ? 17  VAL A O   1 
ATOM   82   C  CB  . VAL A 1 17  ? 5.679   -3.304  -2.722  1.00 10.31 ? 17  VAL A CB  1 
ATOM   83   C  CG1 . VAL A 1 17  ? 5.294   -1.830  -2.655  1.00 11.21 ? 17  VAL A CG1 1 
ATOM   84   C  CG2 . VAL A 1 17  ? 6.053   -3.784  -4.114  1.00 12.14 ? 17  VAL A CG2 1 
ATOM   85   N  N   . VAL A 1 18  ? 6.833   -2.336  0.370   1.00 9.24  ? 18  VAL A N   1 
ATOM   86   C  CA  . VAL A 1 18  ? 6.499   -2.078  1.764   1.00 9.37  ? 18  VAL A CA  1 
ATOM   87   C  C   . VAL A 1 18  ? 6.156   -0.619  1.939   1.00 8.56  ? 18  VAL A C   1 
ATOM   88   O  O   . VAL A 1 18  ? 6.531   0.222   1.147   1.00 9.75  ? 18  VAL A O   1 
ATOM   89   C  CB  . VAL A 1 18  ? 7.626   -2.470  2.728   1.00 10.65 ? 18  VAL A CB  1 
ATOM   90   C  CG1 . VAL A 1 18  ? 7.683   -3.967  2.832   1.00 13.73 ? 18  VAL A CG1 1 
ATOM   91   C  CG2 . VAL A 1 18  ? 8.964   -1.772  2.464   1.00 10.72 ? 18  VAL A CG2 1 
ATOM   92   N  N   . ASN A 1 19  ? 5.470   -0.355  3.034   1.00 8.77  ? 19  ASN A N   1 
ATOM   93   C  CA  . ASN A 1 19  ? 5.342   1.061   3.425   1.00 8.50  ? 19  ASN A CA  1 
ATOM   94   C  C   . ASN A 1 19  ? 6.733   1.630   3.691   1.00 8.35  ? 19  ASN A C   1 
ATOM   95   O  O   . ASN A 1 19  ? 7.538   0.998   4.422   1.00 8.39  ? 19  ASN A O   1 
ATOM   96   C  CB  . ASN A 1 19  ? 4.540   1.230   4.703   1.00 8.48  ? 19  ASN A CB  1 
ATOM   97   C  CG  . ASN A 1 19  ? 3.115   0.733   4.567   1.00 8.16  ? 19  ASN A CG  1 
ATOM   98   O  OD1 . ASN A 1 19  ? 2.807   -0.420  4.886   1.00 9.62  ? 19  ASN A OD1 1 
ATOM   99   N  ND2 . ASN A 1 19  ? 2.237   1.610   4.137   1.00 9.18  ? 19  ASN A ND2 1 
ATOM   100  N  N   . ARG A 1 20  ? 7.027   2.788   3.151   1.00 8.00  ? 20  ARG A N   1 
ATOM   101  C  CA  . ARG A 1 20  ? 8.373   3.388   3.371   1.00 8.71  ? 20  ARG A CA  1 
ATOM   102  C  C   . ARG A 1 20  ? 8.678   3.527   4.868   1.00 8.93  ? 20  ARG A C   1 
ATOM   103  O  O   . ARG A 1 20  ? 9.832   3.257   5.302   1.00 9.07  ? 20  ARG A O   1 
ATOM   104  C  CB  . ARG A 1 20  ? 8.461   4.751   2.707   1.00 9.25  ? 20  ARG A CB  1 
ATOM   105  C  CG  . ARG A 1 20  ? 9.887   5.313   2.671   1.00 10.00 ? 20  ARG A CG  1 
ATOM   106  C  CD  . ARG A 1 20  ? 9.870   6.681   2.025   1.00 11.58 ? 20  ARG A CD  1 
ATOM   107  N  NE  . ARG A 1 20  ? 11.190  7.353   1.921   1.00 12.57 ? 20  ARG A NE  1 
ATOM   108  C  CZ  . ARG A 1 20  ? 11.778  8.024   2.886   1.00 13.23 ? 20  ARG A CZ  1 
ATOM   109  N  NH1 . ARG A 1 20  ? 11.328  8.077   4.123   1.00 15.44 ? 20  ARG A NH1 1 
ATOM   110  N  NH2 . ARG A 1 20  ? 12.916  8.648   2.597   1.00 15.69 ? 20  ARG A NH2 1 
ATOM   111  N  N   . HIS A 1 21  ? 7.670   3.859   5.673   1.00 8.94  ? 21  HIS A N   1 
ATOM   112  C  CA  . HIS A 1 21  ? 7.889   4.096   7.117   1.00 9.91  ? 21  HIS A CA  1 
ATOM   113  C  C   . HIS A 1 21  ? 8.140   2.802   7.826   1.00 10.13 ? 21  HIS A C   1 
ATOM   114  O  O   . HIS A 1 21  ? 8.525   2.892   9.019   1.00 12.37 ? 21  HIS A O   1 
ATOM   115  C  CB  . HIS A 1 21  ? 6.794   4.925   7.798   1.00 10.57 ? 21  HIS A CB  1 
ATOM   116  C  CG  . HIS A 1 21  ? 5.494   4.203   7.981   1.00 9.86  ? 21  HIS A CG  1 
ATOM   117  N  ND1 . HIS A 1 21  ? 4.537   4.170   6.968   1.00 10.16 ? 21  HIS A ND1 1 
ATOM   118  C  CD2 . HIS A 1 21  ? 4.993   3.535   9.058   1.00 9.90  ? 21  HIS A CD2 1 
ATOM   119  C  CE1 . HIS A 1 21  ? 3.518   3.495   7.430   1.00 10.29 ? 21  HIS A CE1 1 
ATOM   120  N  NE2 . HIS A 1 21  ? 3.734   3.082   8.699   1.00 10.77 ? 21  HIS A NE2 1 
ATOM   121  N  N   . LEU A 1 22  ? 7.956   1.651   7.240   1.00 9.10  ? 22  LEU A N   1 
ATOM   122  C  CA  . LEU A 1 22  ? 8.222   0.355   7.873   1.00 9.73  ? 22  LEU A CA  1 
ATOM   123  C  C   . LEU A 1 22  ? 9.381   -0.353  7.188   1.00 9.54  ? 22  LEU A C   1 
ATOM   124  O  O   . LEU A 1 22  ? 9.693   -1.501  7.555   1.00 11.16 ? 22  LEU A O   1 
ATOM   125  C  CB  . LEU A 1 22  ? 6.963   -0.523  7.808   1.00 10.28 ? 22  LEU A CB  1 
ATOM   126  C  CG  . LEU A 1 22  ? 5.785   0.003   8.609   1.00 11.17 ? 22  LEU A CG  1 
ATOM   127  C  CD1 . LEU A 1 22  ? 4.557   -0.899  8.442   1.00 11.50 ? 22  LEU A CD1 1 
ATOM   128  C  CD2 . LEU A 1 22  ? 6.126   0.158   10.104  1.00 11.86 ? 22  LEU A CD2 1 
ATOM   129  N  N   . ALA A 1 23  ? 10.047  0.270   6.249   1.00 9.43  ? 23  ALA A N   1 
ATOM   130  C  CA  . ALA A 1 23  ? 11.189  -0.361  5.565   1.00 9.85  ? 23  ALA A CA  1 
ATOM   131  C  C   . ALA A 1 23  ? 12.319  -0.666  6.557   1.00 10.28 ? 23  ALA A C   1 
ATOM   132  O  O   . ALA A 1 23  ? 12.555  0.149   7.466   1.00 10.97 ? 23  ALA A O   1 
ATOM   133  C  CB  . ALA A 1 23  ? 11.690  0.535   4.462   1.00 10.19 ? 23  ALA A CB  1 
ATOM   134  N  N   . THR A 1 24  ? 12.973  -1.780  6.385   1.00 10.65 ? 24  THR A N   1 
ATOM   135  C  CA  . THR A 1 24  ? 14.072  -2.185  7.286   1.00 11.38 ? 24  THR A CA  1 
ATOM   136  C  C   . THR A 1 24  ? 15.412  -1.727  6.744   1.00 11.76 ? 24  THR A C   1 
ATOM   137  O  O   . THR A 1 24  ? 15.538  -1.249  5.607   1.00 10.69 ? 24  THR A O   1 
ATOM   138  C  CB  . THR A 1 24  ? 14.058  -3.715  7.424   1.00 12.48 ? 24  THR A CB  1 
ATOM   139  O  OG1 . THR A 1 24  ? 14.370  -4.232  6.147   1.00 13.35 ? 24  THR A OG1 1 
ATOM   140  C  CG2 . THR A 1 24  ? 12.724  -4.285  7.863   1.00 13.95 ? 24  THR A CG2 1 
ATOM   141  N  N   . HIS A 1 25  ? 16.471  -1.912  7.546   1.00 12.05 ? 25  HIS A N   1 
ATOM   142  C  CA  . HIS A 1 25  ? 17.820  -1.626  7.015   1.00 12.89 ? 25  HIS A CA  1 
ATOM   143  C  C   . HIS A 1 25  ? 18.101  -2.502  5.790   1.00 11.76 ? 25  HIS A C   1 
ATOM   144  O  O   . HIS A 1 25  ? 18.651  -2.030  4.830   1.00 12.42 ? 25  HIS A O   1 
ATOM   145  C  CB  . HIS A 1 25  ? 18.915  -1.854  8.084   1.00 14.40 ? 25  HIS A CB  1 
ATOM   146  C  CG  . HIS A 1 25  ? 20.285  -1.986  7.464   1.00 15.71 ? 25  HIS A CG  1 
ATOM   147  N  ND1 . HIS A 1 25  ? 21.041  -0.911  7.111   1.00 16.59 ? 25  HIS A ND1 1 
ATOM   148  C  CD2 . HIS A 1 25  ? 21.003  -3.078  7.082   1.00 18.30 ? 25  HIS A CD2 1 
ATOM   149  C  CE1 . HIS A 1 25  ? 22.190  -1.295  6.610   1.00 16.19 ? 25  HIS A CE1 1 
ATOM   150  N  NE2 . HIS A 1 25  ? 22.171  -2.632  6.536   1.00 18.54 ? 25  HIS A NE2 1 
ATOM   151  N  N   . ASN A 1 26  ? 17.693  -3.774  5.793   1.00 12.89 ? 26  ASN A N   1 
ATOM   152  C  CA  . ASN A 1 26  ? 17.936  -4.663  4.642   1.00 14.49 ? 26  ASN A CA  1 
ATOM   153  C  C   . ASN A 1 26  ? 17.209  -4.115  3.401   1.00 12.05 ? 26  ASN A C   1 
ATOM   154  O  O   . ASN A 1 26  ? 17.724  -4.137  2.315   1.00 13.25 ? 26  ASN A O   1 
ATOM   155  C  CB  . ASN A 1 26  ? 17.467  -6.084  4.922   1.00 16.76 ? 26  ASN A CB  1 
ATOM   156  C  CG  . ASN A 1 26  ? 17.830  -7.002  3.781   1.00 23.51 ? 26  ASN A CG  1 
ATOM   157  O  OD1 . ASN A 1 26  ? 19.013  -7.329  3.605   1.00 26.26 ? 26  ASN A OD1 1 
ATOM   158  N  ND2 . ASN A 1 26  ? 16.865  -7.307  2.925   1.00 23.14 ? 26  ASN A ND2 1 
ATOM   159  N  N   . ASP A 1 27  ? 15.991  -3.575  3.580   1.00 12.29 ? 27  ASP A N   1 
ATOM   160  C  CA  . ASP A 1 27  ? 15.272  -2.945  2.458   1.00 11.26 ? 27  ASP A CA  1 
ATOM   161  C  C   . ASP A 1 27  ? 16.090  -1.805  1.891   1.00 10.29 ? 27  ASP A C   1 
ATOM   162  O  O   . ASP A 1 27  ? 16.256  -1.708  0.680   1.00 11.26 ? 27  ASP A O   1 
ATOM   163  C  CB  . ASP A 1 27  ? 13.886  -2.422  2.865   1.00 11.65 ? 27  ASP A CB  1 
ATOM   164  C  CG  . ASP A 1 27  ? 12.873  -3.513  3.161   1.00 11.66 ? 27  ASP A CG  1 
ATOM   165  O  OD1 . ASP A 1 27  ? 12.873  -4.545  2.416   1.00 13.16 ? 27  ASP A OD1 1 
ATOM   166  O  OD2 . ASP A 1 27  ? 12.112  -3.367  4.100   1.00 11.68 ? 27  ASP A OD2 1 
ATOM   167  N  N   . TRP A 1 28  ? 16.554  -0.870  2.740   1.00 10.35 ? 28  TRP A N   1 
ATOM   168  C  CA  . TRP A 1 28  ? 17.338  0.298   2.293   1.00 10.47 ? 28  TRP A CA  1 
ATOM   169  C  C   . TRP A 1 28  ? 18.658  -0.154  1.653   1.00 9.91  ? 28  TRP A C   1 
ATOM   170  O  O   . TRP A 1 28  ? 19.070  0.478   0.765   1.00 11.54 ? 28  TRP A O   1 
ATOM   171  C  CB  . TRP A 1 28  ? 17.590  1.259   3.444   1.00 10.47 ? 28  TRP A CB  1 
ATOM   172  C  CG  . TRP A 1 28  ? 16.370  2.080   3.792   1.00 9.69  ? 28  TRP A CG  1 
ATOM   173  C  CD1 . TRP A 1 28  ? 15.491  1.962   4.822   1.00 10.67 ? 28  TRP A CD1 1 
ATOM   174  C  CD2 . TRP A 1 28  ? 15.988  3.242   3.061   1.00 10.17 ? 28  TRP A CD2 1 
ATOM   175  N  NE1 . TRP A 1 28  ? 14.577  2.989   4.738   1.00 9.58  ? 28  TRP A NE1 1 
ATOM   176  C  CE2 . TRP A 1 28  ? 14.861  3.784   3.676   1.00 9.39  ? 28  TRP A CE2 1 
ATOM   177  C  CE3 . TRP A 1 28  ? 16.511  3.860   1.923   1.00 10.68 ? 28  TRP A CE3 1 
ATOM   178  C  CZ2 . TRP A 1 28  ? 14.242  4.929   3.189   1.00 10.80 ? 28  TRP A CZ2 1 
ATOM   179  C  CZ3 . TRP A 1 28  ? 15.926  4.999   1.459   1.00 11.34 ? 28  TRP A CZ3 1 
ATOM   180  C  CH2 . TRP A 1 28  ? 14.776  5.513   2.063   1.00 10.58 ? 28  TRP A CH2 1 
ATOM   181  N  N   . ALA A 1 29  ? 19.241  -1.243  2.152   1.00 11.38 ? 29  ALA A N   1 
ATOM   182  C  CA  . ALA A 1 29  ? 20.534  -1.756  1.629   1.00 12.47 ? 29  ALA A CA  1 
ATOM   183  C  C   . ALA A 1 29  ? 20.336  -2.445  0.282   1.00 14.40 ? 29  ALA A C   1 
ATOM   184  O  O   . ALA A 1 29  ? 21.321  -2.731  -0.436  1.00 15.78 ? 29  ALA A O   1 
ATOM   185  C  CB  . ALA A 1 29  ? 21.132  -2.721  2.612   1.00 13.70 ? 29  ALA A CB  1 
ATOM   186  N  N   . ASN A 1 30  ? 19.089  -2.792  -0.065  1.00 15.94 ? 30  ASN A N   1 
ATOM   187  C  CA  . ASN A 1 30  ? 18.735  -3.507  -1.320  1.00 15.73 ? 30  ASN A CA  1 
ATOM   188  C  C   . ASN A 1 30  ? 17.695  -2.665  -2.051  1.00 15.89 ? 30  ASN A C   1 
ATOM   189  O  O   . ASN A 1 30  ? 16.740  -3.264  -2.620  1.00 16.50 ? 30  ASN A O   1 
ATOM   190  C  CB  . ASN A 1 30  ? 18.269  -4.905  -0.964  1.00 17.71 ? 30  ASN A CB  1 
ATOM   191  C  CG  . ASN A 1 30  ? 19.399  -5.769  -0.422  1.00 18.89 ? 30  ASN A CG  1 
ATOM   192  O  OD1 . ASN A 1 30  ? 20.194  -6.315  -1.187  1.00 22.65 ? 30  ASN A OD1 1 
ATOM   193  N  ND2 . ASN A 1 30  ? 19.456  -5.937  0.864   1.00 19.06 ? 30  ASN A ND2 1 
ATOM   194  N  N   . LEU A 1 31  ? 17.820  -1.360  -2.047  1.00 15.45 ? 31  LEU A N   1 
ATOM   195  C  CA  . LEU A 1 31  ? 16.750  -0.446  -2.479  1.00 15.79 ? 31  LEU A CA  1 
ATOM   196  C  C   . LEU A 1 31  ? 16.603  -0.527  -3.992  1.00 16.68 ? 31  LEU A C   1 
ATOM   197  O  O   . LEU A 1 31  ? 17.640  -0.536  -4.715  1.00 17.67 ? 31  LEU A O   1 
ATOM   198  C  CB  . LEU A 1 31  ? 17.138  0.965   -2.102  1.00 14.87 ? 31  LEU A CB  1 
ATOM   199  C  CG  . LEU A 1 31  ? 16.132  2.042   -2.494  1.00 14.46 ? 31  LEU A CG  1 
ATOM   200  C  CD1 . LEU A 1 31  ? 14.794  1.827   -1.797  1.00 14.93 ? 31  LEU A CD1 1 
ATOM   201  C  CD2 . LEU A 1 31  ? 16.678  3.426   -2.201  1.00 15.58 ? 31  LEU A CD2 1 
ATOM   202  N  N   . VAL A 1 32  ? 15.359  -0.607  -4.463  1.00 16.15 ? 32  VAL A N   1 
ATOM   203  C  CA  . VAL A 1 32  ? 15.056  -0.411  -5.902  1.00 16.49 ? 32  VAL A CA  1 
ATOM   204  C  C   . VAL A 1 32  ? 14.521  0.997   -6.113  1.00 16.22 ? 32  VAL A C   1 
ATOM   205  O  O   . VAL A 1 32  ? 14.933  1.730   -7.031  1.00 19.51 ? 32  VAL A O   1 
ATOM   206  C  CB  . VAL A 1 32  ? 14.081  -1.502  -6.365  1.00 17.40 ? 32  VAL A CB  1 
ATOM   207  C  CG1 . VAL A 1 32  ? 13.605  -1.280  -7.785  1.00 18.44 ? 32  VAL A CG1 1 
ATOM   208  C  CG2 . VAL A 1 32  ? 14.664  -2.888  -6.162  1.00 18.47 ? 32  VAL A CG2 1 
ATOM   209  N  N   . TRP A 1 33  ? 13.559  1.425   -5.282  1.00 14.35 ? 33  TRP A N   1 
ATOM   210  C  CA  . TRP A 1 33  ? 12.847  2.686   -5.538  1.00 14.72 ? 33  TRP A CA  1 
ATOM   211  C  C   . TRP A 1 33  ? 12.145  3.102   -4.248  1.00 12.33 ? 33  TRP A C   1 
ATOM   212  O  O   . TRP A 1 33  ? 11.672  2.212   -3.532  1.00 13.09 ? 33  TRP A O   1 
ATOM   213  C  CB  . TRP A 1 33  ? 11.873  2.528   -6.721  1.00 16.37 ? 33  TRP A CB  1 
ATOM   214  C  CG  . TRP A 1 33  ? 10.891  3.637   -6.893  1.00 16.63 ? 33  TRP A CG  1 
ATOM   215  C  CD1 . TRP A 1 33  ? 11.088  4.816   -7.538  1.00 18.52 ? 33  TRP A CD1 1 
ATOM   216  C  CD2 . TRP A 1 33  ? 9.542   3.703   -6.371  1.00 15.64 ? 33  TRP A CD2 1 
ATOM   217  N  NE1 . TRP A 1 33  ? 9.958   5.599   -7.493  1.00 20.06 ? 33  TRP A NE1 1 
ATOM   218  C  CE2 . TRP A 1 33  ? 8.984   4.932   -6.784  1.00 16.25 ? 33  TRP A CE2 1 
ATOM   219  C  CE3 . TRP A 1 33  ? 8.758   2.843   -5.616  1.00 14.86 ? 33  TRP A CE3 1 
ATOM   220  C  CZ2 . TRP A 1 33  ? 7.665   5.292   -6.495  1.00 17.53 ? 33  TRP A CZ2 1 
ATOM   221  C  CZ3 . TRP A 1 33  ? 7.456   3.199   -5.328  1.00 15.38 ? 33  TRP A CZ3 1 
ATOM   222  C  CH2 . TRP A 1 33  ? 6.933   4.402   -5.754  1.00 16.18 ? 33  TRP A CH2 1 
ATOM   223  N  N   . GLU A 1 34  ? 12.104  4.372   -3.951  1.00 12.71 ? 34  GLU A N   1 
ATOM   224  C  CA  . GLU A 1 34  ? 11.312  4.810   -2.782  1.00 12.90 ? 34  GLU A CA  1 
ATOM   225  C  C   . GLU A 1 34  ? 10.716  6.184   -3.021  1.00 13.74 ? 34  GLU A C   1 
ATOM   226  O  O   . GLU A 1 34  ? 11.332  6.988   -3.831  1.00 15.05 ? 34  GLU A O   1 
ATOM   227  C  CB  . GLU A 1 34  ? 12.136  4.785   -1.501  1.00 12.71 ? 34  GLU A CB  1 
ATOM   228  C  CG  . GLU A 1 34  ? 13.437  5.594   -1.581  1.00 14.02 ? 34  GLU A CG  1 
ATOM   229  C  CD  . GLU A 1 34  ? 13.314  7.095   -1.289  1.00 14.42 ? 34  GLU A CD  1 
ATOM   230  O  OE1 . GLU A 1 34  ? 14.240  7.840   -1.659  1.00 16.09 ? 34  GLU A OE1 1 
ATOM   231  O  OE2 . GLU A 1 34  ? 12.377  7.547   -0.648  1.00 14.74 ? 34  GLU A OE2 1 
ATOM   232  N  N   . ASP A 1 35  ? 9.590   6.495   -2.379  1.00 12.85 ? 35  ASP A N   1 
ATOM   233  C  CA  . ASP A 1 35  ? 8.924   7.805   -2.550  1.00 13.83 ? 35  ASP A CA  1 
ATOM   234  C  C   . ASP A 1 35  ? 8.212   8.120   -1.236  1.00 13.46 ? 35  ASP A C   1 
ATOM   235  O  O   . ASP A 1 35  ? 7.210   7.478   -0.938  1.00 12.80 ? 35  ASP A O   1 
ATOM   236  C  CB  . ASP A 1 35  ? 8.012   7.744   -3.789  1.00 15.84 ? 35  ASP A CB  1 
ATOM   237  C  CG  . ASP A 1 35  ? 7.247   9.023   -4.084  1.00 16.27 ? 35  ASP A CG  1 
ATOM   238  O  OD1 . ASP A 1 35  ? 6.855   9.696   -3.149  1.00 17.36 ? 35  ASP A OD1 1 
ATOM   239  O  OD2 . ASP A 1 35  ? 7.026   9.282   -5.282  1.00 22.38 ? 35  ASP A OD2 1 
ATOM   240  N  N   A SER A 1 36  ? 8.696   9.090   -0.452  0.50 14.00 ? 36  SER A N   1 
ATOM   241  N  N   B SER A 1 36  ? 8.712   9.087   -0.457  0.17 12.67 ? 36  SER A N   1 
ATOM   242  C  CA  A SER A 1 36  ? 8.115   9.473   0.855   0.50 15.02 ? 36  SER A CA  1 
ATOM   243  C  CA  B SER A 1 36  ? 8.134   9.486   0.851   0.17 12.44 ? 36  SER A CA  1 
ATOM   244  C  C   A SER A 1 36  ? 6.689   9.985   0.645   0.50 13.61 ? 36  SER A C   1 
ATOM   245  C  C   B SER A 1 36  ? 6.705   9.989   0.646   0.17 12.74 ? 36  SER A C   1 
ATOM   246  O  O   A SER A 1 36  ? 5.822   9.678   1.457   0.50 14.27 ? 36  SER A O   1 
ATOM   247  O  O   B SER A 1 36  ? 5.839   9.664   1.476   0.17 13.04 ? 36  SER A O   1 
ATOM   248  C  CB  A SER A 1 36  ? 8.934   10.546  1.535   0.50 16.80 ? 36  SER A CB  1 
ATOM   249  C  CB  B SER A 1 36  ? 8.957   10.549  1.543   0.17 11.97 ? 36  SER A CB  1 
ATOM   250  O  OG  A SER A 1 36  ? 9.601   11.321  0.550   0.50 21.97 ? 36  SER A OG  1 
ATOM   251  O  OG  B SER A 1 36  ? 8.307   11.012  2.716   0.17 10.67 ? 36  SER A OG  1 
ATOM   252  N  N   . SER A 1 37  ? 6.483   10.757  -0.424  1.00 13.90 ? 37  SER A N   1 
ATOM   253  C  CA  . SER A 1 37  ? 5.160   11.364  -0.680  1.00 14.05 ? 37  SER A CA  1 
ATOM   254  C  C   . SER A 1 37  ? 4.114   10.257  -0.874  1.00 13.67 ? 37  SER A C   1 
ATOM   255  O  O   . SER A 1 37  ? 2.956   10.514  -0.522  1.00 15.03 ? 37  SER A O   1 
ATOM   256  C  CB  . SER A 1 37  ? 5.136   12.329  -1.803  1.00 15.86 ? 37  SER A CB  1 
ATOM   257  O  OG  . SER A 1 37  ? 5.178   11.685  -3.022  1.00 19.25 ? 37  SER A OG  1 
ATOM   258  N  N   . ARG A 1 38  ? 4.508   9.081   -1.343  1.00 11.47 ? 38  ARG A N   1 
ATOM   259  C  CA  . ARG A 1 38  ? 3.566   7.935   -1.524  1.00 11.55 ? 38  ARG A CA  1 
ATOM   260  C  C   . ARG A 1 38  ? 3.589   6.969   -0.330  1.00 10.16 ? 38  ARG A C   1 
ATOM   261  O  O   . ARG A 1 38  ? 2.809   6.003   -0.341  1.00 10.25 ? 38  ARG A O   1 
ATOM   262  C  CB  . ARG A 1 38  ? 3.922   7.201   -2.816  1.00 12.04 ? 38  ARG A CB  1 
ATOM   263  C  CG  . ARG A 1 38  ? 3.801   8.032   -4.086  1.00 12.05 ? 38  ARG A CG  1 
ATOM   264  C  CD  . ARG A 1 38  ? 4.145   7.248   -5.297  1.00 11.87 ? 38  ARG A CD  1 
ATOM   265  N  NE  . ARG A 1 38  ? 3.234   6.137   -5.534  1.00 11.02 ? 38  ARG A NE  1 
ATOM   266  C  CZ  . ARG A 1 38  ? 2.899   5.698   -6.753  1.00 11.49 ? 38  ARG A CZ  1 
ATOM   267  N  NH1 . ARG A 1 38  ? 3.448   6.233   -7.853  1.00 12.71 ? 38  ARG A NH1 1 
ATOM   268  N  NH2 . ARG A 1 38  ? 2.016   4.723   -6.911  1.00 12.35 ? 38  ARG A NH2 1 
ATOM   269  N  N   . ASP A 1 39  ? 4.554   7.105   0.587   1.00 10.12 ? 39  ASP A N   1 
ATOM   270  C  CA  . ASP A 1 39  ? 4.800   6.124   1.656   1.00 9.61  ? 39  ASP A CA  1 
ATOM   271  C  C   . ASP A 1 39  ? 5.142   4.758   1.071   1.00 9.23  ? 39  ASP A C   1 
ATOM   272  O  O   . ASP A 1 39  ? 4.689   3.783   1.640   1.00 9.54  ? 39  ASP A O   1 
ATOM   273  C  CB  . ASP A 1 39  ? 3.602   6.024   2.626   1.00 9.83  ? 39  ASP A CB  1 
ATOM   274  C  CG  . ASP A 1 39  ? 3.846   5.126   3.831   1.00 10.73 ? 39  ASP A CG  1 
ATOM   275  O  OD1 . ASP A 1 39  ? 5.002   5.092   4.362   1.00 10.39 ? 39  ASP A OD1 1 
ATOM   276  O  OD2 . ASP A 1 39  ? 2.916   4.432   4.277   1.00 10.56 ? 39  ASP A OD2 1 
ATOM   277  N  N   . LEU A 1 40  ? 5.884   4.680   -0.039  1.00 9.92  ? 40  LEU A N   1 
ATOM   278  C  CA  . LEU A 1 40  ? 6.264   3.386   -0.604  1.00 9.61  ? 40  LEU A CA  1 
ATOM   279  C  C   . LEU A 1 40  ? 7.779   3.245   -0.681  1.00 9.01  ? 40  LEU A C   1 
ATOM   280  O  O   . LEU A 1 40  ? 8.487   4.216   -0.973  1.00 10.27 ? 40  LEU A O   1 
ATOM   281  C  CB  . LEU A 1 40  ? 5.692   3.226   -2.010  1.00 9.30  ? 40  LEU A CB  1 
ATOM   282  C  CG  . LEU A 1 40  ? 4.185   2.989   -2.087  1.00 9.75  ? 40  LEU A CG  1 
ATOM   283  C  CD1 . LEU A 1 40  ? 3.790   2.834   -3.557  1.00 10.48 ? 40  LEU A CD1 1 
ATOM   284  C  CD2 . LEU A 1 40  ? 3.797   1.747   -1.322  1.00 9.86  ? 40  LEU A CD2 1 
ATOM   285  N  N   . LEU A 1 41  ? 8.217   2.018   -0.550  1.00 9.19  ? 41  LEU A N   1 
ATOM   286  C  CA  . LEU A 1 41  ? 9.606   1.616   -0.790  1.00 9.61  ? 41  LEU A CA  1 
ATOM   287  C  C   . LEU A 1 41  ? 9.569   0.215   -1.379  1.00 9.74  ? 41  LEU A C   1 
ATOM   288  O  O   . LEU A 1 41  ? 8.795   -0.636  -0.926  1.00 10.10 ? 41  LEU A O   1 
ATOM   289  C  CB  . LEU A 1 41  ? 10.420  1.696   0.510   1.00 9.64  ? 41  LEU A CB  1 
ATOM   290  C  CG  . LEU A 1 41  ? 11.905  1.348   0.360   1.00 9.89  ? 41  LEU A CG  1 
ATOM   291  C  CD1 . LEU A 1 41  ? 12.762  2.178   1.294   1.00 9.67  ? 41  LEU A CD1 1 
ATOM   292  C  CD2 . LEU A 1 41  ? 12.151  -0.117  0.591   1.00 10.38 ? 41  LEU A CD2 1 
ATOM   293  N  N   . VAL A 1 42  ? 10.435  0.037   -2.358  1.00 11.17 ? 42  VAL A N   1 
ATOM   294  C  CA  . VAL A 1 42  ? 10.573  -1.260  -3.043  1.00 11.65 ? 42  VAL A CA  1 
ATOM   295  C  C   . VAL A 1 42  ? 12.037  -1.707  -2.905  1.00 12.49 ? 42  VAL A C   1 
ATOM   296  O  O   . VAL A 1 42  ? 12.886  -0.910  -3.256  1.00 12.86 ? 42  VAL A O   1 
ATOM   297  C  CB  . VAL A 1 42  ? 10.159  -1.179  -4.517  1.00 12.41 ? 42  VAL A CB  1 
ATOM   298  C  CG1 . VAL A 1 42  ? 10.322  -2.540  -5.145  1.00 13.94 ? 42  VAL A CG1 1 
ATOM   299  C  CG2 . VAL A 1 42  ? 8.708   -0.750  -4.646  1.00 11.84 ? 42  VAL A CG2 1 
ATOM   300  N  N   . SER A 1 43  ? 12.233  -2.914  -2.448  1.00 12.92 ? 43  SER A N   1 
ATOM   301  C  CA  . SER A 1 43  ? 13.562  -3.579  -2.313  1.00 14.17 ? 43  SER A CA  1 
ATOM   302  C  C   . SER A 1 43  ? 13.591  -4.865  -3.162  1.00 17.06 ? 43  SER A C   1 
ATOM   303  O  O   . SER A 1 43  ? 12.499  -5.396  -3.563  1.00 15.91 ? 43  SER A O   1 
ATOM   304  C  CB  . SER A 1 43  ? 13.858  -3.871  -0.854  1.00 13.06 ? 43  SER A CB  1 
ATOM   305  O  OG  . SER A 1 43  ? 12.949  -4.758  -0.259  1.00 14.03 ? 43  SER A OG  1 
ATOM   306  N  N   . SER A 1 44  ? 14.778  -5.477  -3.330  1.00 16.09 ? 44  SER A N   1 
ATOM   307  C  CA  . SER A 1 44  ? 14.983  -6.748  -4.107  1.00 18.97 ? 44  SER A CA  1 
ATOM   308  C  C   . SER A 1 44  ? 14.906  -7.981  -3.202  1.00 21.20 ? 44  SER A C   1 
ATOM   309  O  O   . SER A 1 44  ? 15.334  -7.890  -2.032  1.00 22.45 ? 44  SER A O   1 
ATOM   310  C  CB  . SER A 1 44  ? 16.276  -6.698  -4.850  1.00 20.25 ? 44  SER A CB  1 
ATOM   311  O  OG  . SER A 1 44  ? 17.344  -6.595  -3.920  1.00 23.66 ? 44  SER A OG  1 
ATOM   312  N  N   . THR A 1 45  ? 14.408  -9.109  -3.732  1.00 21.26 ? 45  THR A N   1 
ATOM   313  C  CA  . THR A 1 45  ? 14.240  -10.398 -3.006  1.00 22.54 ? 45  THR A CA  1 
ATOM   314  C  C   . THR A 1 45  ? 15.037  -11.506 -3.707  1.00 23.58 ? 45  THR A C   1 
ATOM   315  O  O   . THR A 1 45  ? 15.292  -11.382 -4.916  1.00 23.31 ? 45  THR A O   1 
ATOM   316  C  CB  . THR A 1 45  ? 12.762  -10.793 -2.894  1.00 21.99 ? 45  THR A CB  1 
ATOM   317  O  OG1 . THR A 1 45  ? 12.286  -11.223 -4.170  1.00 22.32 ? 45  THR A OG1 1 
ATOM   318  C  CG2 . THR A 1 45  ? 11.899  -9.653  -2.404  1.00 21.98 ? 45  THR A CG2 1 
ATOM   319  N  N   . THR A 1 46  ? 15.466  -12.501 -2.956  0.50 25.46 ? 46  THR A N   1 
ATOM   320  C  CA  . THR A 1 46  ? 16.134  -13.699 -3.518  0.50 26.34 ? 46  THR A CA  1 
ATOM   321  C  C   . THR A 1 46  ? 15.060  -14.538 -4.221  0.50 26.16 ? 46  THR A C   1 
ATOM   322  O  O   . THR A 1 46  ? 15.179  -14.729 -5.448  0.50 27.35 ? 46  THR A O   1 
ATOM   323  C  CB  . THR A 1 46  ? 16.924  -14.443 -2.434  0.50 26.22 ? 46  THR A CB  1 
ATOM   324  O  OG1 . THR A 1 46  ? 16.020  -15.017 -1.486  0.50 28.29 ? 46  THR A OG1 1 
ATOM   325  C  CG2 . THR A 1 46  ? 17.897  -13.532 -1.720  0.50 26.20 ? 46  THR A CG2 1 
ATOM   326  N  N   . ALA A 1 47  ? 14.041  -14.963 -3.434  1.00 26.30 ? 47  ALA A N   1 
ATOM   327  C  CA  . ALA A 1 47  ? 12.961  -15.866 -3.905  1.00 25.12 ? 47  ALA A CA  1 
ATOM   328  C  C   . ALA A 1 47  ? 11.871  -15.039 -4.595  1.00 24.65 ? 47  ALA A C   1 
ATOM   329  O  O   . ALA A 1 47  ? 11.614  -13.905 -4.139  1.00 24.09 ? 47  ALA A O   1 
ATOM   330  C  CB  . ALA A 1 47  ? 12.397  -16.650 -2.748  1.00 25.74 ? 47  ALA A CB  1 
ATOM   331  N  N   . GLN A 1 48  ? 11.252  -15.586 -5.669  0.50 22.97 ? 48  GLN A N   1 
ATOM   332  C  CA  . GLN A 1 48  ? 10.111  -14.963 -6.395  0.50 22.43 ? 48  GLN A CA  1 
ATOM   333  C  C   . GLN A 1 48  ? 8.869   -14.989 -5.496  0.50 20.67 ? 48  GLN A C   1 
ATOM   334  O  O   . GLN A 1 48  ? 8.740   -15.904 -4.659  0.50 21.46 ? 48  GLN A O   1 
ATOM   335  C  CB  . GLN A 1 48  ? 9.869   -15.662 -7.734  0.50 22.48 ? 48  GLN A CB  1 
ATOM   336  C  CG  . GLN A 1 48  ? 10.965  -15.394 -8.759  0.50 23.66 ? 48  GLN A CG  1 
ATOM   337  C  CD  . GLN A 1 48  ? 10.405  -15.041 -10.114 0.50 24.92 ? 48  GLN A CD  1 
ATOM   338  O  OE1 . GLN A 1 48  ? 9.748   -15.851 -10.765 0.50 25.57 ? 48  GLN A OE1 1 
ATOM   339  N  NE2 . GLN A 1 48  ? 10.663  -13.818 -10.555 0.50 24.79 ? 48  GLN A NE2 1 
ATOM   340  N  N   . GLY A 1 49  ? 7.994   -13.989 -5.658  1.00 22.61 ? 49  GLY A N   1 
ATOM   341  C  CA  . GLY A 1 49  ? 6.809   -13.814 -4.799  1.00 21.10 ? 49  GLY A CA  1 
ATOM   342  C  C   . GLY A 1 49  ? 5.526   -14.335 -5.429  1.00 18.17 ? 49  GLY A C   1 
ATOM   343  O  O   . GLY A 1 49  ? 5.478   -14.585 -6.661  1.00 19.93 ? 49  GLY A O   1 
ATOM   344  N  N   . CYS A 1 50  ? 4.506   -14.495 -4.592  1.00 17.50 ? 50  CYS A N   1 
ATOM   345  C  CA  . CYS A 1 50  ? 3.224   -15.114 -4.974  1.00 16.06 ? 50  CYS A CA  1 
ATOM   346  C  C   . CYS A 1 50  ? 2.220   -14.058 -5.480  1.00 16.00 ? 50  CYS A C   1 
ATOM   347  O  O   . CYS A 1 50  ? 1.223   -14.496 -5.977  1.00 16.13 ? 50  CYS A O   1 
ATOM   348  C  CB  . CYS A 1 50  ? 2.603   -15.928 -3.834  1.00 18.38 ? 50  CYS A CB  1 
ATOM   349  S  SG  . CYS A 1 50  ? 3.502   -17.418 -3.313  1.00 20.58 ? 50  CYS A SG  1 
ATOM   350  N  N   . ASP A 1 51  ? 2.475   -12.748 -5.402  1.00 16.76 ? 51  ASP A N   1 
ATOM   351  C  CA  . ASP A 1 51  ? 1.442   -11.724 -5.748  1.00 15.02 ? 51  ASP A CA  1 
ATOM   352  C  C   . ASP A 1 51  ? 1.517   -11.240 -7.196  1.00 15.88 ? 51  ASP A C   1 
ATOM   353  O  O   . ASP A 1 51  ? 2.579   -11.177 -7.816  1.00 18.02 ? 51  ASP A O   1 
ATOM   354  C  CB  . ASP A 1 51  ? 1.505   -10.553 -4.754  1.00 15.86 ? 51  ASP A CB  1 
ATOM   355  C  CG  . ASP A 1 51  ? 1.334   -10.921 -3.311  1.00 16.26 ? 51  ASP A CG  1 
ATOM   356  O  OD1 . ASP A 1 51  ? 0.407   -11.678 -2.955  1.00 20.17 ? 51  ASP A OD1 1 
ATOM   357  O  OD2 . ASP A 1 51  ? 2.106   -10.370 -2.483  1.00 18.05 ? 51  ASP A OD2 1 
ATOM   358  N  N   . THR A 1 52  ? 0.344   -10.894 -7.743  1.00 14.12 ? 52  THR A N   1 
ATOM   359  C  CA  . THR A 1 52  ? 0.109   -10.291 -9.064  1.00 15.01 ? 52  THR A CA  1 
ATOM   360  C  C   . THR A 1 52  ? -0.420  -8.872  -8.825  1.00 11.98 ? 52  THR A C   1 
ATOM   361  O  O   . THR A 1 52  ? -1.307  -8.704  -7.943  1.00 13.05 ? 52  THR A O   1 
ATOM   362  C  CB  . THR A 1 52  ? -0.932  -11.080 -9.882  1.00 15.54 ? 52  THR A CB  1 
ATOM   363  O  OG1 . THR A 1 52  ? -0.438  -12.410 -10.138 1.00 18.20 ? 52  THR A OG1 1 
ATOM   364  C  CG2 . THR A 1 52  ? -1.277  -10.454 -11.220 1.00 17.59 ? 52  THR A CG2 1 
ATOM   365  N  N   . ILE A 1 53  ? 0.105   -7.905  -9.511  1.00 11.03 ? 53  ILE A N   1 
ATOM   366  C  CA  . ILE A 1 53  ? -0.399  -6.526  -9.401  1.00 11.06 ? 53  ILE A CA  1 
ATOM   367  C  C   . ILE A 1 53  ? -1.566  -6.347  -10.353 1.00 10.64 ? 53  ILE A C   1 
ATOM   368  O  O   . ILE A 1 53  ? -1.491  -6.705  -11.547 1.00 11.73 ? 53  ILE A O   1 
ATOM   369  C  CB  . ILE A 1 53  ? 0.722   -5.523  -9.680  1.00 11.34 ? 53  ILE A CB  1 
ATOM   370  C  CG1 . ILE A 1 53  ? 1.978   -5.864  -8.850  1.00 11.11 ? 53  ILE A CG1 1 
ATOM   371  C  CG2 . ILE A 1 53  ? 0.234   -4.109  -9.441  1.00 10.18 ? 53  ILE A CG2 1 
ATOM   372  C  CD1 . ILE A 1 53  ? 1.764   -5.848  -7.372  1.00 11.30 ? 53  ILE A CD1 1 
ATOM   373  N  N   . ALA A 1 54  ? -2.610  -5.710  -9.849  1.00 10.26 ? 54  ALA A N   1 
ATOM   374  C  CA  . ALA A 1 54  ? -3.754  -5.286  -10.668 1.00 9.71  ? 54  ALA A CA  1 
ATOM   375  C  C   . ALA A 1 54  ? -3.305  -4.228  -11.666 1.00 9.55  ? 54  ALA A C   1 
ATOM   376  O  O   . ALA A 1 54  ? -2.574  -3.342  -11.308 1.00 9.45  ? 54  ALA A O   1 
ATOM   377  C  CB  . ALA A 1 54  ? -4.813  -4.730  -9.755  1.00 9.76  ? 54  ALA A CB  1 
ATOM   378  N  N   . ARG A 1 55  ? -3.852  -4.279  -12.895 1.00 10.12 ? 55  ARG A N   1 
ATOM   379  C  CA  . ARG A 1 55  ? -3.656  -3.214  -13.896 1.00 10.30 ? 55  ARG A CA  1 
ATOM   380  C  C   . ARG A 1 55  ? -5.042  -2.837  -14.387 1.00 9.78  ? 55  ARG A C   1 
ATOM   381  O  O   . ARG A 1 55  ? -5.601  -3.528  -15.228 1.00 11.69 ? 55  ARG A O   1 
ATOM   382  C  CB  . ARG A 1 55  ? -2.719  -3.649  -15.026 1.00 12.08 ? 55  ARG A CB  1 
ATOM   383  C  CG  . ARG A 1 55  ? -1.353  -4.129  -14.540 1.00 12.88 ? 55  ARG A CG  1 
ATOM   384  C  CD  . ARG A 1 55  ? -0.480  -3.048  -13.928 1.00 13.00 ? 55  ARG A CD  1 
ATOM   385  N  NE  . ARG A 1 55  ? 0.795   -3.629  -13.419 1.00 14.58 ? 55  ARG A NE  1 
ATOM   386  C  CZ  . ARG A 1 55  ? 1.600   -3.045  -12.528 1.00 14.02 ? 55  ARG A CZ  1 
ATOM   387  N  NH1 . ARG A 1 55  ? 1.314   -1.882  -12.037 1.00 13.02 ? 55  ARG A NH1 1 
ATOM   388  N  NH2 . ARG A 1 55  ? 2.690   -3.675  -12.085 1.00 16.84 ? 55  ARG A NH2 1 
ATOM   389  N  N   . CYS A 1 56  ? -5.601  -1.798  -13.811 1.00 9.75  ? 56  CYS A N   1 
ATOM   390  C  CA  . CYS A 1 56  ? -7.043  -1.544  -13.883 1.00 10.03 ? 56  CYS A CA  1 
ATOM   391  C  C   . CYS A 1 56  ? -7.362  -0.231  -13.202 1.00 9.98  ? 56  CYS A C   1 
ATOM   392  O  O   . CYS A 1 56  ? -6.492  0.416   -12.578 1.00 10.32 ? 56  CYS A O   1 
ATOM   393  C  CB  . CYS A 1 56  ? -7.831  -2.653  -13.182 1.00 8.67  ? 56  CYS A CB  1 
ATOM   394  S  SG  . CYS A 1 56  ? -7.631  -2.598  -11.388 1.00 9.35  ? 56  CYS A SG  1 
ATOM   395  N  N   A ASP A 1 57  ? -8.612  0.231   -13.343 0.25 10.86 ? 57  ASP A N   1 
ATOM   396  N  N   B ASP A 1 57  ? -8.656  0.082   -13.318 0.25 11.17 ? 57  ASP A N   1 
ATOM   397  C  CA  A ASP A 1 57  ? -9.133  1.386   -12.561 0.25 11.13 ? 57  ASP A CA  1 
ATOM   398  C  CA  B ASP A 1 57  ? -9.323  1.311   -12.836 0.25 11.48 ? 57  ASP A CA  1 
ATOM   399  C  C   A ASP A 1 57  ? -10.324 0.945   -11.705 0.25 10.94 ? 57  ASP A C   1 
ATOM   400  C  C   B ASP A 1 57  ? -10.324 0.959   -11.716 0.25 11.28 ? 57  ASP A C   1 
ATOM   401  O  O   A ASP A 1 57  ? -11.246 1.713   -11.511 0.25 10.82 ? 57  ASP A O   1 
ATOM   402  O  O   B ASP A 1 57  ? -11.114 1.830   -11.341 0.25 11.42 ? 57  ASP A O   1 
ATOM   403  C  CB  A ASP A 1 57  ? -9.492  2.592   -13.437 0.25 11.63 ? 57  ASP A CB  1 
ATOM   404  C  CB  B ASP A 1 57  ? -9.961  2.005   -14.046 0.25 12.84 ? 57  ASP A CB  1 
ATOM   405  C  CG  A ASP A 1 57  ? -10.636 2.348   -14.396 0.25 12.81 ? 57  ASP A CG  1 
ATOM   406  C  CG  B ASP A 1 57  ? -10.358 3.452   -13.849 0.25 14.70 ? 57  ASP A CG  1 
ATOM   407  O  OD1 A ASP A 1 57  ? -11.160 1.228   -14.407 0.25 12.93 ? 57  ASP A OD1 1 
ATOM   408  O  OD1 B ASP A 1 57  ? -9.618  4.168   -13.160 0.25 15.93 ? 57  ASP A OD1 1 
ATOM   409  O  OD2 A ASP A 1 57  ? -10.964 3.295   -15.150 0.25 15.07 ? 57  ASP A OD2 1 
ATOM   410  O  OD2 B ASP A 1 57  ? -11.416 3.847   -14.397 0.25 15.53 ? 57  ASP A OD2 1 
ATOM   411  N  N   . CYS A 1 58  ? -10.299 -0.263  -11.178 1.00 10.25 ? 58  CYS A N   1 
ATOM   412  C  CA  . CYS A 1 58  ? -11.315 -0.684  -10.179 1.00 9.95  ? 58  CYS A CA  1 
ATOM   413  C  C   . CYS A 1 58  ? -11.368 0.313   -9.021  1.00 9.01  ? 58  CYS A C   1 
ATOM   414  O  O   . CYS A 1 58  ? -10.340 0.891   -8.592  1.00 9.47  ? 58  CYS A O   1 
ATOM   415  C  CB  . CYS A 1 58  ? -11.027 -2.034  -9.571  1.00 10.73 ? 58  CYS A CB  1 
ATOM   416  S  SG  . CYS A 1 58  ? -11.292 -3.424  -10.729 1.00 10.17 ? 58  CYS A SG  1 
ATOM   417  N  N   . GLN A 1 59  ? -12.582 0.430   -8.479  1.00 9.11  ? 59  GLN A N   1 
ATOM   418  C  CA  . GLN A 1 59  ? -12.870 1.197   -7.254  1.00 9.63  ? 59  GLN A CA  1 
ATOM   419  C  C   . GLN A 1 59  ? -13.619 0.309   -6.289  1.00 8.39  ? 59  GLN A C   1 
ATOM   420  O  O   . GLN A 1 59  ? -14.173 0.839   -5.329  1.00 9.60  ? 59  GLN A O   1 
ATOM   421  C  CB  . GLN A 1 59  ? -13.686 2.469   -7.547  1.00 10.02 ? 59  GLN A CB  1 
ATOM   422  C  CG  . GLN A 1 59  ? -12.852 3.572   -8.172  1.00 11.82 ? 59  GLN A CG  1 
ATOM   423  C  CD  . GLN A 1 59  ? -13.616 4.880   -8.255  1.00 11.79 ? 59  GLN A CD  1 
ATOM   424  O  OE1 . GLN A 1 59  ? -14.160 5.230   -9.308  1.00 13.50 ? 59  GLN A OE1 1 
ATOM   425  N  NE2 . GLN A 1 59  ? -13.803 5.550   -7.136  1.00 12.54 ? 59  GLN A NE2 1 
ATOM   426  N  N   . THR A 1 60  ? -13.613 -0.997  -6.459  1.00 9.03  ? 60  THR A N   1 
ATOM   427  C  CA  . THR A 1 60  ? -14.110 -1.902  -5.432  1.00 9.82  ? 60  THR A CA  1 
ATOM   428  C  C   . THR A 1 60  ? -13.112 -3.029  -5.256  1.00 9.05  ? 60  THR A C   1 
ATOM   429  O  O   . THR A 1 60  ? -12.444 -3.487  -6.215  1.00 9.66  ? 60  THR A O   1 
ATOM   430  C  CB  . THR A 1 60  ? -15.502 -2.421  -5.709  1.00 12.22 ? 60  THR A CB  1 
ATOM   431  O  OG1 . THR A 1 60  ? -15.359 -3.261  -6.815  1.00 15.98 ? 60  THR A OG1 1 
ATOM   432  C  CG2 . THR A 1 60  ? -16.532 -1.350  -5.918  1.00 13.34 ? 60  THR A CG2 1 
ATOM   433  N  N   . GLY A 1 61  ? -12.984 -3.470  -4.029  1.00 8.45  ? 61  GLY A N   1 
ATOM   434  C  CA  . GLY A 1 61  ? -12.033 -4.520  -3.708  1.00 8.42  ? 61  GLY A CA  1 
ATOM   435  C  C   . GLY A 1 61  ? -12.244 -4.985  -2.284  1.00 7.69  ? 61  GLY A C   1 
ATOM   436  O  O   . GLY A 1 61  ? -13.285 -4.733  -1.656  1.00 8.57  ? 61  GLY A O   1 
ATOM   437  N  N   . VAL A 1 62  ? -11.252 -5.683  -1.770  1.00 6.97  ? 62  VAL A N   1 
ATOM   438  C  CA  . VAL A 1 62  ? -11.264 -6.263  -0.407  1.00 7.28  ? 62  VAL A CA  1 
ATOM   439  C  C   . VAL A 1 62  ? -9.924  -5.959  0.216   1.00 7.45  ? 62  VAL A C   1 
ATOM   440  O  O   . VAL A 1 62  ? -8.899  -6.193  -0.422  1.00 8.16  ? 62  VAL A O   1 
ATOM   441  C  CB  . VAL A 1 62  ? -11.532 -7.770  -0.446  1.00 8.08  ? 62  VAL A CB  1 
ATOM   442  C  CG1 . VAL A 1 62  ? -11.384 -8.384  0.932   1.00 9.39  ? 62  VAL A CG1 1 
ATOM   443  C  CG2 . VAL A 1 62  ? -12.919 -8.052  -0.997  1.00 8.58  ? 62  VAL A CG2 1 
ATOM   444  N  N   . TYR A 1 63  ? -9.893  -5.509  1.471   1.00 7.68  ? 63  TYR A N   1 
ATOM   445  C  CA  . TYR A 1 63  ? -8.603  -5.258  2.146   1.00 7.11  ? 63  TYR A CA  1 
ATOM   446  C  C   . TYR A 1 63  ? -8.511  -6.016  3.451   1.00 7.43  ? 63  TYR A C   1 
ATOM   447  O  O   . TYR A 1 63  ? -9.552  -6.340  4.094   1.00 8.60  ? 63  TYR A O   1 
ATOM   448  C  CB  . TYR A 1 63  ? -8.331  -3.777  2.408   1.00 8.17  ? 63  TYR A CB  1 
ATOM   449  C  CG  . TYR A 1 63  ? -8.957  -3.184  3.651   1.00 8.22  ? 63  TYR A CG  1 
ATOM   450  C  CD1 . TYR A 1 63  ? -10.304 -2.854  3.700   1.00 8.71  ? 63  TYR A CD1 1 
ATOM   451  C  CD2 . TYR A 1 63  ? -8.196  -2.954  4.795   1.00 9.13  ? 63  TYR A CD2 1 
ATOM   452  C  CE1 . TYR A 1 63  ? -10.880 -2.286  4.828   1.00 9.60  ? 63  TYR A CE1 1 
ATOM   453  C  CE2 . TYR A 1 63  ? -8.760  -2.390  5.918   1.00 9.35  ? 63  TYR A CE2 1 
ATOM   454  C  CZ  . TYR A 1 63  ? -10.098 -2.047  5.931   1.00 8.83  ? 63  TYR A CZ  1 
ATOM   455  O  OH  . TYR A 1 63  ? -10.695 -1.532  7.056   1.00 10.64 ? 63  TYR A OH  1 
ATOM   456  N  N   . TYR A 1 64  ? -7.318  -6.309  3.838   1.00 7.79  ? 64  TYR A N   1 
ATOM   457  C  CA  . TYR A 1 64  ? -7.037  -6.964  5.117   1.00 8.56  ? 64  TYR A CA  1 
ATOM   458  C  C   . TYR A 1 64  ? -6.751  -5.933  6.196   1.00 8.05  ? 64  TYR A C   1 
ATOM   459  O  O   . TYR A 1 64  ? -5.851  -5.097  6.092   1.00 8.70  ? 64  TYR A O   1 
ATOM   460  C  CB  . TYR A 1 64  ? -5.832  -7.900  5.002   1.00 9.22  ? 64  TYR A CB  1 
ATOM   461  C  CG  . TYR A 1 64  ? -5.615  -8.604  6.311   1.00 11.01 ? 64  TYR A CG  1 
ATOM   462  C  CD1 . TYR A 1 64  ? -6.602  -9.437  6.827   1.00 11.47 ? 64  TYR A CD1 1 
ATOM   463  C  CD2 . TYR A 1 64  ? -4.440  -8.444  7.009   1.00 11.01 ? 64  TYR A CD2 1 
ATOM   464  C  CE1 . TYR A 1 64  ? -6.444  -10.020 8.084   1.00 13.37 ? 64  TYR A CE1 1 
ATOM   465  C  CE2 . TYR A 1 64  ? -4.244  -9.070  8.242   1.00 13.14 ? 64  TYR A CE2 1 
ATOM   466  C  CZ  . TYR A 1 64  ? -5.251  -9.845  8.772   1.00 13.31 ? 64  TYR A CZ  1 
ATOM   467  O  OH  . TYR A 1 64  ? -5.060  -10.439 10.023  1.00 14.87 ? 64  TYR A OH  1 
ATOM   468  N  N   . CYS A 1 65  ? -7.457  -6.091  7.297   1.00 8.59  ? 65  CYS A N   1 
ATOM   469  C  CA  . CYS A 1 65  ? -7.380  -5.270  8.511   1.00 9.50  ? 65  CYS A CA  1 
ATOM   470  C  C   . CYS A 1 65  ? -6.835  -6.094  9.673   1.00 9.78  ? 65  CYS A C   1 
ATOM   471  O  O   . CYS A 1 65  ? -7.627  -6.835  10.348  1.00 10.33 ? 65  CYS A O   1 
ATOM   472  C  CB  . CYS A 1 65  ? -8.731  -4.694  8.841   1.00 9.52  ? 65  CYS A CB  1 
ATOM   473  S  SG  . CYS A 1 65  ? -8.737  -3.698  10.344  1.00 10.56 ? 65  CYS A SG  1 
ATOM   474  N  N   . SER A 1 66  ? -5.569  -5.964  9.954   1.00 10.02 ? 66  SER A N   1 
ATOM   475  C  CA  . SER A 1 66  ? -4.932  -6.775  11.028  1.00 10.58 ? 66  SER A CA  1 
ATOM   476  C  C   . SER A 1 66  ? -5.518  -6.494  12.408  1.00 9.36  ? 66  SER A C   1 
ATOM   477  O  O   . SER A 1 66  ? -5.638  -7.473  13.188  1.00 12.13 ? 66  SER A O   1 
ATOM   478  C  CB  . SER A 1 66  ? -3.427  -6.604  11.002  1.00 11.64 ? 66  SER A CB  1 
ATOM   479  O  OG  . SER A 1 66  ? -3.024  -5.340  11.451  1.00 16.53 ? 66  SER A OG  1 
ATOM   480  N  N   . SER A 1 67  ? -5.947  -5.308  12.663  1.00 9.45  ? 67  SER A N   1 
ATOM   481  C  CA  . SER A 1 67  ? -6.489  -4.916  13.986  1.00 10.52 ? 67  SER A CA  1 
ATOM   482  C  C   . SER A 1 67  ? -7.914  -5.464  14.163  1.00 10.25 ? 67  SER A C   1 
ATOM   483  O  O   . SER A 1 67  ? -8.474  -5.294  15.307  1.00 10.55 ? 67  SER A O   1 
ATOM   484  C  CB  . SER A 1 67  ? -6.442  -3.457  14.191  1.00 10.49 ? 67  SER A CB  1 
ATOM   485  O  OG  . SER A 1 67  ? -7.284  -2.764  13.292  1.00 11.18 ? 67  SER A OG  1 
ATOM   486  N  N   . ARG A 1 68  ? -8.480  -6.159  13.180  1.00 10.22 ? 68  ARG A N   1 
ATOM   487  C  CA  . ARG A 1 68  ? -9.772  -6.858  13.289  1.00 10.65 ? 68  ARG A CA  1 
ATOM   488  C  C   . ARG A 1 68  ? -9.592  -8.313  12.928  1.00 10.53 ? 68  ARG A C   1 
ATOM   489  O  O   . ARG A 1 68  ? -10.592 -9.040  12.967  1.00 12.13 ? 68  ARG A O   1 
ATOM   490  C  CB  . ARG A 1 68  ? -10.809 -6.181  12.399  1.00 10.28 ? 68  ARG A CB  1 
ATOM   491  C  CG  . ARG A 1 68  ? -11.137 -4.781  12.848  1.00 11.13 ? 68  ARG A CG  1 
ATOM   492  C  CD  . ARG A 1 68  ? -12.012 -4.773  14.097  1.00 11.86 ? 68  ARG A CD  1 
ATOM   493  N  NE  . ARG A 1 68  ? -12.335 -3.456  14.517  1.00 12.38 ? 68  ARG A NE  1 
ATOM   494  C  CZ  . ARG A 1 68  ? -11.627 -2.711  15.349  1.00 12.42 ? 68  ARG A CZ  1 
ATOM   495  N  NH1 . ARG A 1 68  ? -10.535 -3.228  15.881  1.00 11.95 ? 68  ARG A NH1 1 
ATOM   496  N  NH2 . ARG A 1 68  ? -12.033 -1.504  15.672  1.00 13.14 ? 68  ARG A NH2 1 
ATOM   497  N  N   . ARG A 1 69  ? -8.427  -8.738  12.497  1.00 10.54 ? 69  ARG A N   1 
ATOM   498  C  CA  . ARG A 1 69  ? -8.244  -10.066 11.906  1.00 11.31 ? 69  ARG A CA  1 
ATOM   499  C  C   . ARG A 1 69  ? -9.324  -10.353 10.868  1.00 11.88 ? 69  ARG A C   1 
ATOM   500  O  O   . ARG A 1 69  ? -9.868  -11.484 10.819  1.00 13.69 ? 69  ARG A O   1 
ATOM   501  C  CB  . ARG A 1 69  ? -8.225  -11.144 12.999  1.00 11.97 ? 69  ARG A CB  1 
ATOM   502  C  CG  . ARG A 1 69  ? -7.004  -11.088 13.898  1.00 13.45 ? 69  ARG A CG  1 
ATOM   503  C  CD  . ARG A 1 69  ? -6.943  -12.273 14.847  1.00 15.66 ? 69  ARG A CD  1 
ATOM   504  N  NE  . ARG A 1 69  ? -5.821  -12.183 15.811  1.00 16.16 ? 69  ARG A NE  1 
ATOM   505  C  CZ  . ARG A 1 69  ? -5.953  -12.093 17.151  1.00 15.78 ? 69  ARG A CZ  1 
ATOM   506  N  NH1 . ARG A 1 69  ? -7.167  -11.938 17.683  1.00 17.18 ? 69  ARG A NH1 1 
ATOM   507  N  NH2 . ARG A 1 69  ? -4.863  -12.015 17.926  1.00 18.15 ? 69  ARG A NH2 1 
ATOM   508  N  N   . LYS A 1 70  ? -9.586  -9.409  9.965   1.00 11.14 ? 70  LYS A N   1 
ATOM   509  C  CA  . LYS A 1 70  ? -10.731 -9.527  9.027   1.00 12.54 ? 70  LYS A CA  1 
ATOM   510  C  C   . LYS A 1 70  ? -10.358 -8.904  7.697   1.00 10.56 ? 70  LYS A C   1 
ATOM   511  O  O   . LYS A 1 70  ? -9.625  -7.887  7.719   1.00 11.56 ? 70  LYS A O   1 
ATOM   512  C  CB  . LYS A 1 70  ? -12.001 -8.882  9.598   1.00 13.81 ? 70  LYS A CB  1 
ATOM   513  C  CG  . LYS A 1 70  ? -12.723 -9.709  10.653  1.00 19.45 ? 70  LYS A CG  1 
ATOM   514  C  CD  . LYS A 1 70  ? -14.157 -9.260  10.864  1.00 25.39 ? 70  LYS A CD  1 
ATOM   515  C  CE  . LYS A 1 70  ? -14.878 -10.051 11.940  1.00 30.64 ? 70  LYS A CE  1 
ATOM   516  N  NZ  . LYS A 1 70  ? -14.155 -9.992  13.232  1.00 37.82 ? 70  LYS A NZ  1 
ATOM   517  N  N   . HIS A 1 71  ? -10.915 -9.469  6.666   1.00 10.63 ? 71  HIS A N   1 
ATOM   518  C  CA  . HIS A 1 71  ? -10.909 -8.868  5.322   1.00 10.44 ? 71  HIS A CA  1 
ATOM   519  C  C   . HIS A 1 71  ? -12.238 -8.178  5.141   1.00 10.89 ? 71  HIS A C   1 
ATOM   520  O  O   . HIS A 1 71  ? -13.305 -8.803  5.457   1.00 13.60 ? 71  HIS A O   1 
ATOM   521  C  CB  . HIS A 1 71  ? -10.655 -9.884  4.236   1.00 10.83 ? 71  HIS A CB  1 
ATOM   522  C  CG  . HIS A 1 71  ? -9.309  -10.489 4.241   1.00 11.75 ? 71  HIS A CG  1 
ATOM   523  N  ND1 . HIS A 1 71  ? -8.266  -10.181 3.377   1.00 12.20 ? 71  HIS A ND1 1 
ATOM   524  C  CD2 . HIS A 1 71  ? -8.823  -11.415 5.079   1.00 13.15 ? 71  HIS A CD2 1 
ATOM   525  C  CE1 . HIS A 1 71  ? -7.229  -10.917 3.668   1.00 10.57 ? 71  HIS A CE1 1 
ATOM   526  N  NE2 . HIS A 1 71  ? -7.544  -11.730 4.664   1.00 15.90 ? 71  HIS A NE2 1 
ATOM   527  N  N   . TYR A 1 72  ? -12.284 -6.966  4.633   1.00 9.51  ? 72  TYR A N   1 
ATOM   528  C  CA  . TYR A 1 72  ? -13.510 -6.196  4.402   1.00 9.20  ? 72  TYR A CA  1 
ATOM   529  C  C   . TYR A 1 72  ? -13.637 -5.827  2.942   1.00 9.09  ? 72  TYR A C   1 
ATOM   530  O  O   . TYR A 1 72  ? -12.694 -5.277  2.368   1.00 8.65  ? 72  TYR A O   1 
ATOM   531  C  CB  . TYR A 1 72  ? -13.505 -4.902  5.218   1.00 10.13 ? 72  TYR A CB  1 
ATOM   532  C  CG  . TYR A 1 72  ? -13.541 -5.091  6.703   1.00 10.33 ? 72  TYR A CG  1 
ATOM   533  C  CD1 . TYR A 1 72  ? -14.760 -5.341  7.338   1.00 12.36 ? 72  TYR A CD1 1 
ATOM   534  C  CD2 . TYR A 1 72  ? -12.402 -5.011  7.482   1.00 11.04 ? 72  TYR A CD2 1 
ATOM   535  C  CE1 . TYR A 1 72  ? -14.814 -5.525  8.722   1.00 12.37 ? 72  TYR A CE1 1 
ATOM   536  C  CE2 . TYR A 1 72  ? -12.447 -5.147  8.864   1.00 11.53 ? 72  TYR A CE2 1 
ATOM   537  C  CZ  . TYR A 1 72  ? -13.665 -5.378  9.472   1.00 11.90 ? 72  TYR A CZ  1 
ATOM   538  O  OH  . TYR A 1 72  ? -13.648 -5.522  10.847  1.00 13.30 ? 72  TYR A OH  1 
ATOM   539  N  N   . PRO A 1 73  ? -14.833 -5.976  2.351   1.00 8.75  ? 73  PRO A N   1 
ATOM   540  C  CA  . PRO A 1 73  ? -15.094 -5.415  1.026   1.00 8.66  ? 73  PRO A CA  1 
ATOM   541  C  C   . PRO A 1 73  ? -15.305 -3.919  1.154   1.00 9.00  ? 73  PRO A C   1 
ATOM   542  O  O   . PRO A 1 73  ? -16.088 -3.460  1.991   1.00 11.33 ? 73  PRO A O   1 
ATOM   543  C  CB  . PRO A 1 73  ? -16.383 -6.141  0.580   1.00 9.17  ? 73  PRO A CB  1 
ATOM   544  C  CG  . PRO A 1 73  ? -17.066 -6.533  1.839   1.00 11.68 ? 73  PRO A CG  1 
ATOM   545  C  CD  . PRO A 1 73  ? -15.995 -6.722  2.900   1.00 10.06 ? 73  PRO A CD  1 
ATOM   546  N  N   . VAL A 1 74  ? -14.687 -3.159  0.259   1.00 8.41  ? 74  VAL A N   1 
ATOM   547  C  CA  . VAL A 1 74  ? -14.771 -1.688  0.265   1.00 9.57  ? 74  VAL A CA  1 
ATOM   548  C  C   . VAL A 1 74  ? -14.906 -1.156  -1.138  1.00 8.75  ? 74  VAL A C   1 
ATOM   549  O  O   . VAL A 1 74  ? -14.366 -1.705  -2.121  1.00 8.84  ? 74  VAL A O   1 
ATOM   550  C  CB  . VAL A 1 74  ? -13.540 -1.066  0.935   1.00 10.19 ? 74  VAL A CB  1 
ATOM   551  C  CG1 . VAL A 1 74  ? -13.535 -1.242  2.439   1.00 11.74 ? 74  VAL A CG1 1 
ATOM   552  C  CG2 . VAL A 1 74  ? -12.249 -1.548  0.351   1.00 11.60 ? 74  VAL A CG2 1 
ATOM   553  N  N   . SER A 1 75  ? -15.498 0.017   -1.207  1.00 8.73  ? 75  SER A N   1 
ATOM   554  C  CA  . SER A 1 75  ? -15.393 0.946   -2.350  1.00 8.53  ? 75  SER A CA  1 
ATOM   555  C  C   . SER A 1 75  ? -14.318 1.970   -1.979  1.00 8.70  ? 75  SER A C   1 
ATOM   556  O  O   . SER A 1 75  ? -14.236 2.379   -0.841  1.00 9.06  ? 75  SER A O   1 
ATOM   557  C  CB  . SER A 1 75  ? -16.688 1.606   -2.564  1.00 11.13 ? 75  SER A CB  1 
ATOM   558  O  OG  . SER A 1 75  ? -17.710 0.712   -2.929  1.00 17.74 ? 75  SER A OG  1 
ATOM   559  N  N   . PHE A 1 76  ? -13.514 2.397   -2.942  1.00 8.86  ? 76  PHE A N   1 
ATOM   560  C  CA  . PHE A 1 76  ? -12.418 3.337   -2.653  1.00 8.63  ? 76  PHE A CA  1 
ATOM   561  C  C   . PHE A 1 76  ? -12.300 4.344   -3.765  1.00 8.73  ? 76  PHE A C   1 
ATOM   562  O  O   . PHE A 1 76  ? -12.648 4.073   -4.933  1.00 9.36  ? 76  PHE A O   1 
ATOM   563  C  CB  . PHE A 1 76  ? -11.118 2.563   -2.385  1.00 8.70  ? 76  PHE A CB  1 
ATOM   564  C  CG  . PHE A 1 76  ? -10.686 1.581   -3.462  1.00 8.30  ? 76  PHE A CG  1 
ATOM   565  C  CD1 . PHE A 1 76  ? -11.110 0.276   -3.405  1.00 8.89  ? 76  PHE A CD1 1 
ATOM   566  C  CD2 . PHE A 1 76  ? -9.899  1.963   -4.548  1.00 8.63  ? 76  PHE A CD2 1 
ATOM   567  C  CE1 . PHE A 1 76  ? -10.752 -0.647  -4.371  1.00 9.22  ? 76  PHE A CE1 1 
ATOM   568  C  CE2 . PHE A 1 76  ? -9.508  1.034   -5.483  1.00 9.00  ? 76  PHE A CE2 1 
ATOM   569  C  CZ  . PHE A 1 76  ? -9.954  -0.257  -5.407  1.00 8.91  ? 76  PHE A CZ  1 
ATOM   570  N  N   . SER A 1 77  ? -11.793 5.512   -3.385  1.00 9.04  ? 77  SER A N   1 
ATOM   571  C  CA  . SER A 1 77  ? -11.546 6.612   -4.342  1.00 9.89  ? 77  SER A CA  1 
ATOM   572  C  C   . SER A 1 77  ? -10.361 6.288   -5.235  1.00 10.07 ? 77  SER A C   1 
ATOM   573  O  O   . SER A 1 77  ? -9.476  5.556   -4.868  1.00 10.35 ? 77  SER A O   1 
ATOM   574  C  CB  . SER A 1 77  ? -11.354 7.901   -3.621  1.00 10.41 ? 77  SER A CB  1 
ATOM   575  O  OG  . SER A 1 77  ? -10.259 7.876   -2.732  1.00 11.79 ? 77  SER A OG  1 
ATOM   576  N  N   . LYS A 1 78  ? -10.303 6.903   -6.430  1.00 10.33 ? 78  LYS A N   1 
ATOM   577  C  CA  . LYS A 1 78  ? -9.138  6.763   -7.339  1.00 10.77 ? 78  LYS A CA  1 
ATOM   578  C  C   . LYS A 1 78  ? -7.954  7.455   -6.674  1.00 11.19 ? 78  LYS A C   1 
ATOM   579  O  O   . LYS A 1 78  ? -8.087  8.390   -5.890  1.00 12.05 ? 78  LYS A O   1 
ATOM   580  C  CB  . LYS A 1 78  ? -9.491  7.399   -8.677  1.00 13.09 ? 78  LYS A CB  1 
ATOM   581  C  CG  . LYS A 1 78  ? -10.562 6.626   -9.412  1.00 13.87 ? 78  LYS A CG  1 
ATOM   582  C  CD  . LYS A 1 78  ? -10.820 7.156   -10.821 1.00 16.92 ? 78  LYS A CD  1 
ATOM   583  C  CE  . LYS A 1 78  ? -11.850 6.306   -11.527 1.00 19.89 ? 78  LYS A CE  1 
ATOM   584  N  NZ  . LYS A 1 78  ? -11.999 6.612   -12.971 1.00 23.80 ? 78  LYS A NZ  1 
ATOM   585  N  N   . PRO A 1 79  ? -6.729  6.997   -6.990  1.00 11.21 ? 79  PRO A N   1 
ATOM   586  C  CA  . PRO A 1 79  ? -5.521  7.541   -6.365  1.00 11.22 ? 79  PRO A CA  1 
ATOM   587  C  C   . PRO A 1 79  ? -5.414  9.048   -6.592  1.00 11.82 ? 79  PRO A C   1 
ATOM   588  O  O   . PRO A 1 79  ? -5.517  9.488   -7.774  1.00 15.45 ? 79  PRO A O   1 
ATOM   589  C  CB  . PRO A 1 79  ? -4.373  6.772   -7.080  1.00 12.15 ? 79  PRO A CB  1 
ATOM   590  C  CG  . PRO A 1 79  ? -5.008  5.500   -7.540  1.00 13.17 ? 79  PRO A CG  1 
ATOM   591  C  CD  . PRO A 1 79  ? -6.441  5.877   -7.891  1.00 11.23 ? 79  PRO A CD  1 
ATOM   592  N  N   . SER A 1 80  ? -5.130  9.804   -5.541  0.50 13.11 ? 80  SER A N   1 
ATOM   593  C  CA  . SER A 1 80  ? -5.013  11.277  -5.651  0.50 13.87 ? 80  SER A CA  1 
ATOM   594  C  C   . SER A 1 80  ? -4.135  11.828  -4.528  0.50 13.95 ? 80  SER A C   1 
ATOM   595  O  O   . SER A 1 80  ? -3.615  11.058  -3.693  0.50 12.34 ? 80  SER A O   1 
ATOM   596  C  CB  . SER A 1 80  ? -6.381  11.912  -5.661  0.50 14.64 ? 80  SER A CB  1 
ATOM   597  O  OG  . SER A 1 80  ? -7.010  11.753  -4.404  0.50 16.21 ? 80  SER A OG  1 
ATOM   598  N  N   . LEU A 1 81  ? -3.932  13.142  -4.572  1.00 13.85 ? 81  LEU A N   1 
ATOM   599  C  CA  . LEU A 1 81  ? -3.108  13.887  -3.617  1.00 14.80 ? 81  LEU A CA  1 
ATOM   600  C  C   . LEU A 1 81  ? -4.034  14.348  -2.525  1.00 14.99 ? 81  LEU A C   1 
ATOM   601  O  O   . LEU A 1 81  ? -4.952  15.172  -2.849  1.00 17.90 ? 81  LEU A O   1 
ATOM   602  C  CB  . LEU A 1 81  ? -2.462  15.063  -4.364  1.00 16.26 ? 81  LEU A CB  1 
ATOM   603  C  CG  . LEU A 1 81  ? -1.554  15.949  -3.523  1.00 18.02 ? 81  LEU A CG  1 
ATOM   604  C  CD1 . LEU A 1 81  ? -0.412  15.159  -2.891  1.00 18.33 ? 81  LEU A CD1 1 
ATOM   605  C  CD2 . LEU A 1 81  ? -0.995  17.094  -4.373  1.00 19.97 ? 81  LEU A CD2 1 
ATOM   606  N  N   . ILE A 1 82  ? -3.887  13.876  -1.310  1.00 13.67 ? 82  ILE A N   1 
ATOM   607  C  CA  . ILE A 1 82  ? -4.829  14.010  -0.191  1.00 14.10 ? 82  ILE A CA  1 
ATOM   608  C  C   . ILE A 1 82  ? -4.086  14.508  1.023   1.00 13.73 ? 82  ILE A C   1 
ATOM   609  O  O   . ILE A 1 82  ? -3.021  13.951  1.343   1.00 13.13 ? 82  ILE A O   1 
ATOM   610  C  CB  . ILE A 1 82  ? -5.473  12.647  0.149   1.00 16.82 ? 82  ILE A CB  1 
ATOM   611  C  CG1 . ILE A 1 82  ? -6.137  12.063  -1.091  1.00 17.17 ? 82  ILE A CG1 1 
ATOM   612  C  CG2 . ILE A 1 82  ? -6.387  12.759  1.351   1.00 20.89 ? 82  ILE A CG2 1 
ATOM   613  C  CD1 . ILE A 1 82  ? -7.393  12.774  -1.492  1.00 21.52 ? 82  ILE A CD1 1 
ATOM   614  N  N   . PHE A 1 83  ? -4.682  15.407  1.777   1.00 13.15 ? 83  PHE A N   1 
ATOM   615  C  CA  . PHE A 1 83  ? -4.166  15.804  3.092   1.00 14.26 ? 83  PHE A CA  1 
ATOM   616  C  C   . PHE A 1 83  ? -4.458  14.708  4.091   1.00 14.53 ? 83  PHE A C   1 
ATOM   617  O  O   . PHE A 1 83  ? -5.606  14.190  4.092   1.00 14.60 ? 83  PHE A O   1 
ATOM   618  C  CB  . PHE A 1 83  ? -4.758  17.130  3.584   1.00 15.13 ? 83  PHE A CB  1 
ATOM   619  C  CG  . PHE A 1 83  ? -4.060  17.646  4.818   1.00 15.49 ? 83  PHE A CG  1 
ATOM   620  C  CD1 . PHE A 1 83  ? -2.764  18.098  4.702   1.00 17.37 ? 83  PHE A CD1 1 
ATOM   621  C  CD2 . PHE A 1 83  ? -4.619  17.591  6.084   1.00 17.83 ? 83  PHE A CD2 1 
ATOM   622  C  CE1 . PHE A 1 83  ? -2.077  18.597  5.799   1.00 17.19 ? 83  PHE A CE1 1 
ATOM   623  C  CE2 . PHE A 1 83  ? -3.928  18.091  7.182   1.00 20.35 ? 83  PHE A CE2 1 
ATOM   624  C  CZ  . PHE A 1 83  ? -2.642  18.533  7.049   1.00 18.55 ? 83  PHE A CZ  1 
ATOM   625  N  N   . VAL A 1 84  ? -3.449  14.284  4.849   1.00 13.59 ? 84  VAL A N   1 
ATOM   626  C  CA  . VAL A 1 84  ? -3.566  13.229  5.864   1.00 13.85 ? 84  VAL A CA  1 
ATOM   627  C  C   . VAL A 1 84  ? -3.234  13.856  7.207   1.00 12.41 ? 84  VAL A C   1 
ATOM   628  O  O   . VAL A 1 84  ? -2.119  14.417  7.383   1.00 14.20 ? 84  VAL A O   1 
ATOM   629  C  CB  . VAL A 1 84  ? -2.650  12.025  5.509   1.00 13.15 ? 84  VAL A CB  1 
ATOM   630  C  CG1 . VAL A 1 84  ? -2.807  10.919  6.532   1.00 12.62 ? 84  VAL A CG1 1 
ATOM   631  C  CG2 . VAL A 1 84  ? -2.977  11.543  4.093   1.00 13.53 ? 84  VAL A CG2 1 
ATOM   632  N  N   . GLU A 1 85  ? -4.072  13.711  8.198   1.00 13.67 ? 85  GLU A N   1 
ATOM   633  C  CA  . GLU A 1 85  ? -3.782  14.205  9.556   1.00 14.60 ? 85  GLU A CA  1 
ATOM   634  C  C   . GLU A 1 85  ? -2.611  13.425  10.172  1.00 13.38 ? 85  GLU A C   1 
ATOM   635  O  O   . GLU A 1 85  ? -2.249  12.294  9.675   1.00 14.32 ? 85  GLU A O   1 
ATOM   636  C  CB  . GLU A 1 85  ? -5.022  14.096  10.431  1.00 14.53 ? 85  GLU A CB  1 
ATOM   637  C  CG  . GLU A 1 85  ? -6.167  14.961  9.922   1.00 16.86 ? 85  GLU A CG  1 
ATOM   638  C  CD  . GLU A 1 85  ? -5.925  16.459  9.967   1.00 18.49 ? 85  GLU A CD  1 
ATOM   639  O  OE1 . GLU A 1 85  ? -4.985  16.933  10.665  1.00 20.12 ? 85  GLU A OE1 1 
ATOM   640  O  OE2 . GLU A 1 85  ? -6.667  17.169  9.275   1.00 19.13 ? 85  GLU A OE2 1 
ATOM   641  N  N   . ALA A 1 86  ? -2.018  13.971  11.228  1.00 16.05 ? 86  ALA A N   1 
ATOM   642  C  CA  . ALA A 1 86  ? -0.891  13.321  11.918  1.00 16.24 ? 86  ALA A CA  1 
ATOM   643  C  C   . ALA A 1 86  ? -1.263  11.936  12.390  1.00 15.81 ? 86  ALA A C   1 
ATOM   644  O  O   . ALA A 1 86  ? -2.348  11.725  12.947  1.00 16.59 ? 86  ALA A O   1 
ATOM   645  C  CB  . ALA A 1 86  ? -0.428  14.188  13.074  1.00 17.97 ? 86  ALA A CB  1 
ATOM   646  N  N   . SER A 1 87  ? -0.293  11.026  12.275  1.00 15.72 ? 87  SER A N   1 
ATOM   647  C  CA  . SER A 1 87  ? -0.391  9.645   12.777  1.00 15.65 ? 87  SER A CA  1 
ATOM   648  C  C   . SER A 1 87  ? 0.794   9.401   13.692  1.00 16.45 ? 87  SER A C   1 
ATOM   649  O  O   . SER A 1 87  ? 1.673   10.291  13.832  1.00 16.63 ? 87  SER A O   1 
ATOM   650  C  CB  . SER A 1 87  ? -0.399  8.644   11.658  1.00 15.12 ? 87  SER A CB  1 
ATOM   651  O  OG  . SER A 1 87  ? 0.876   8.644   11.033  1.00 14.52 ? 87  SER A OG  1 
ATOM   652  N  N   . GLU A 1 88  ? 0.870   8.198   14.230  1.00 17.62 ? 88  GLU A N   1 
ATOM   653  C  CA  . GLU A 1 88  ? 2.018   7.824   15.088  1.00 18.86 ? 88  GLU A CA  1 
ATOM   654  C  C   . GLU A 1 88  ? 3.310   7.840   14.265  1.00 18.80 ? 88  GLU A C   1 
ATOM   655  O  O   . GLU A 1 88  ? 4.376   8.025   14.860  1.00 20.28 ? 88  GLU A O   1 
ATOM   656  C  CB  . GLU A 1 88  ? 1.721   6.537   15.864  1.00 22.24 ? 88  GLU A CB  1 
ATOM   657  C  CG  . GLU A 1 88  ? 2.066   5.243   15.185  1.00 29.43 ? 88  GLU A CG  1 
ATOM   658  C  CD  . GLU A 1 88  ? 1.807   4.065   16.118  1.00 32.38 ? 88  GLU A CD  1 
ATOM   659  O  OE1 . GLU A 1 88  ? 1.022   4.239   17.081  1.00 37.34 ? 88  GLU A OE1 1 
ATOM   660  O  OE2 . GLU A 1 88  ? 2.386   2.986   15.879  1.00 40.96 ? 88  GLU A OE2 1 
ATOM   661  N  N   . TYR A 1 89  ? 3.258   7.725   12.938  1.00 14.55 ? 89  TYR A N   1 
ATOM   662  C  CA  . TYR A 1 89  ? 4.465   7.495   12.117  1.00 14.49 ? 89  TYR A CA  1 
ATOM   663  C  C   . TYR A 1 89  ? 4.693   8.631   11.129  1.00 15.43 ? 89  TYR A C   1 
ATOM   664  O  O   . TYR A 1 89  ? 5.805   8.681   10.504  1.00 15.49 ? 89  TYR A O   1 
ATOM   665  C  CB  . TYR A 1 89  ? 4.390   6.141   11.415  1.00 13.32 ? 89  TYR A CB  1 
ATOM   666  C  CG  . TYR A 1 89  ? 3.097   5.865   10.685  1.00 13.19 ? 89  TYR A CG  1 
ATOM   667  C  CD1 . TYR A 1 89  ? 2.042   5.292   11.362  1.00 13.14 ? 89  TYR A CD1 1 
ATOM   668  C  CD2 . TYR A 1 89  ? 2.917   6.179   9.348   1.00 13.76 ? 89  TYR A CD2 1 
ATOM   669  C  CE1 . TYR A 1 89  ? 0.821   5.058   10.746  1.00 13.92 ? 89  TYR A CE1 1 
ATOM   670  C  CE2 . TYR A 1 89  ? 1.697   5.955   8.720   1.00 13.26 ? 89  TYR A CE2 1 
ATOM   671  C  CZ  . TYR A 1 89  ? 0.647   5.367   9.406   1.00 12.77 ? 89  TYR A CZ  1 
ATOM   672  O  OH  . TYR A 1 89  ? -0.556  5.115   8.801   1.00 13.25 ? 89  TYR A OH  1 
ATOM   673  N  N   . TYR A 1 90  ? 3.745   9.547   10.908  1.00 14.15 ? 90  TYR A N   1 
ATOM   674  C  CA  . TYR A 1 90  ? 4.003   10.736  10.077  1.00 13.77 ? 90  TYR A CA  1 
ATOM   675  C  C   . TYR A 1 90  ? 3.302   11.953  10.666  1.00 14.38 ? 90  TYR A C   1 
ATOM   676  O  O   . TYR A 1 90  ? 2.242   11.845  11.292  1.00 15.65 ? 90  TYR A O   1 
ATOM   677  C  CB  . TYR A 1 90  ? 3.442   10.590  8.662   1.00 15.01 ? 90  TYR A CB  1 
ATOM   678  C  CG  . TYR A 1 90  ? 4.212   9.696   7.725   1.00 14.09 ? 90  TYR A CG  1 
ATOM   679  C  CD1 . TYR A 1 90  ? 5.562   9.890   7.457   1.00 15.26 ? 90  TYR A CD1 1 
ATOM   680  C  CD2 . TYR A 1 90  ? 3.574   8.687   7.029   1.00 14.28 ? 90  TYR A CD2 1 
ATOM   681  C  CE1 . TYR A 1 90  ? 6.238   9.103   6.535   1.00 15.19 ? 90  TYR A CE1 1 
ATOM   682  C  CE2 . TYR A 1 90  ? 4.243   7.886   6.109   1.00 13.99 ? 90  TYR A CE2 1 
ATOM   683  C  CZ  . TYR A 1 90  ? 5.589   8.071   5.873   1.00 12.92 ? 90  TYR A CZ  1 
ATOM   684  O  OH  . TYR A 1 90  ? 6.312   7.323   4.956   1.00 13.02 ? 90  TYR A OH  1 
ATOM   685  N  N   . PRO A 1 91  ? 3.865   13.157  10.409  1.00 15.12 ? 91  PRO A N   1 
ATOM   686  C  CA  . PRO A 1 91  ? 3.145   14.389  10.717  1.00 15.73 ? 91  PRO A CA  1 
ATOM   687  C  C   . PRO A 1 91  ? 1.939   14.522  9.781   1.00 15.52 ? 91  PRO A C   1 
ATOM   688  O  O   . PRO A 1 91  ? 1.799   13.796  8.795   1.00 15.69 ? 91  PRO A O   1 
ATOM   689  C  CB  . PRO A 1 91  ? 4.178   15.472  10.388  1.00 16.12 ? 91  PRO A CB  1 
ATOM   690  C  CG  . PRO A 1 91  ? 4.975   14.865  9.255   1.00 16.88 ? 91  PRO A CG  1 
ATOM   691  C  CD  . PRO A 1 91  ? 5.112   13.417  9.669   1.00 15.85 ? 91  PRO A CD  1 
ATOM   692  N  N   . ALA A 1 92  ? 1.104   15.514  10.037  1.00 17.27 ? 92  ALA A N   1 
ATOM   693  C  CA  . ALA A 1 92  ? 0.041   15.921  9.109   1.00 17.49 ? 92  ALA A CA  1 
ATOM   694  C  C   . ALA A 1 92  ? 0.732   16.362  7.829   1.00 16.66 ? 92  ALA A C   1 
ATOM   695  O  O   . ALA A 1 92  ? 1.678   17.168  7.949   1.00 19.73 ? 92  ALA A O   1 
ATOM   696  C  CB  . ALA A 1 92  ? -0.755  17.050  9.733   1.00 18.13 ? 92  ALA A CB  1 
ATOM   697  N  N   . ARG A 1 93  ? 0.363   15.856  6.663   1.00 16.30 ? 93  ARG A N   1 
ATOM   698  C  CA  . ARG A 1 93  ? 1.033   16.206  5.404   1.00 17.85 ? 93  ARG A CA  1 
ATOM   699  C  C   . ARG A 1 93  ? 0.170   15.759  4.216   1.00 16.70 ? 93  ARG A C   1 
ATOM   700  O  O   . ARG A 1 93  ? -0.858  15.014  4.416   1.00 16.86 ? 93  ARG A O   1 
ATOM   701  C  CB  . ARG A 1 93  ? 2.400   15.517  5.450   1.00 17.55 ? 93  ARG A CB  1 
ATOM   702  C  CG  . ARG A 1 93  ? 2.268   14.023  5.215   1.00 16.40 ? 93  ARG A CG  1 
ATOM   703  C  CD  . ARG A 1 93  ? 3.500   13.174  5.480   1.00 18.09 ? 93  ARG A CD  1 
ATOM   704  N  NE  . ARG A 1 93  ? 3.293   11.881  4.810   1.00 17.02 ? 93  ARG A NE  1 
ATOM   705  C  CZ  . ARG A 1 93  ? 4.076   11.246  3.947   1.00 18.38 ? 93  ARG A CZ  1 
ATOM   706  N  NH1 . ARG A 1 93  ? 5.278   11.696  3.594   1.00 17.73 ? 93  ARG A NH1 1 
ATOM   707  N  NH2 . ARG A 1 93  ? 3.594   10.145  3.397   1.00 19.02 ? 93  ARG A NH2 1 
ATOM   708  N  N   . TYR A 1 94  ? 0.515   16.179  3.019   1.00 14.80 ? 94  TYR A N   1 
ATOM   709  C  CA  . TYR A 1 94  ? -0.079  15.688  1.769   1.00 16.32 ? 94  TYR A CA  1 
ATOM   710  C  C   . TYR A 1 94  ? 0.593   14.383  1.421   1.00 15.19 ? 94  TYR A C   1 
ATOM   711  O  O   . TYR A 1 94  ? 1.844   14.258  1.577   1.00 18.58 ? 94  TYR A O   1 
ATOM   712  C  CB  . TYR A 1 94  ? 0.099   16.725  0.679   1.00 17.50 ? 94  TYR A CB  1 
ATOM   713  C  CG  . TYR A 1 94  ? -0.979  17.779  0.798   1.00 18.92 ? 94  TYR A CG  1 
ATOM   714  C  CD1 . TYR A 1 94  ? -2.237  17.520  0.281   1.00 19.97 ? 94  TYR A CD1 1 
ATOM   715  C  CD2 . TYR A 1 94  ? -0.794  18.949  1.518   1.00 21.95 ? 94  TYR A CD2 1 
ATOM   716  C  CE1 . TYR A 1 94  ? -3.279  18.421  0.389   1.00 22.33 ? 94  TYR A CE1 1 
ATOM   717  C  CE2 . TYR A 1 94  ? -1.836  19.871  1.649   1.00 22.02 ? 94  TYR A CE2 1 
ATOM   718  C  CZ  . TYR A 1 94  ? -3.068  19.607  1.063   1.00 21.51 ? 94  TYR A CZ  1 
ATOM   719  O  OH  . TYR A 1 94  ? -4.123  20.467  1.167   1.00 23.46 ? 94  TYR A OH  1 
ATOM   720  N  N   . GLN A 1 95  ? -0.207  13.378  1.064   1.00 13.91 ? 95  GLN A N   1 
ATOM   721  C  CA  . GLN A 1 95  ? 0.306   12.095  0.528   1.00 12.51 ? 95  GLN A CA  1 
ATOM   722  C  C   . GLN A 1 95  ? -0.253  11.919  -0.871  1.00 12.31 ? 95  GLN A C   1 
ATOM   723  O  O   . GLN A 1 95  ? -1.490  12.163  -1.057  1.00 15.02 ? 95  GLN A O   1 
ATOM   724  C  CB  . GLN A 1 95  ? -0.127  10.976  1.450   1.00 12.49 ? 95  GLN A CB  1 
ATOM   725  C  CG  . GLN A 1 95  ? 0.389   9.632   1.022   1.00 13.56 ? 95  GLN A CG  1 
ATOM   726  C  CD  . GLN A 1 95  ? 0.460   8.607   2.124   1.00 12.13 ? 95  GLN A CD  1 
ATOM   727  O  OE1 . GLN A 1 95  ? 0.747   8.913   3.246   1.00 13.03 ? 95  GLN A OE1 1 
ATOM   728  N  NE2 . GLN A 1 95  ? 0.197   7.378   1.762   1.00 12.43 ? 95  GLN A NE2 1 
ATOM   729  N  N   . SER A 1 96  ? 0.532   11.494  -1.829  1.00 11.67 ? 96  SER A N   1 
ATOM   730  C  CA  . SER A 1 96  ? 0.147   11.287  -3.229  1.00 12.53 ? 96  SER A CA  1 
ATOM   731  C  C   . SER A 1 96  ? -0.247  9.822   -3.469  1.00 11.66 ? 96  SER A C   1 
ATOM   732  O  O   . SER A 1 96  ? 0.152   8.923   -2.712  1.00 11.00 ? 96  SER A O   1 
ATOM   733  C  CB  . SER A 1 96  ? 1.223   11.742  -4.192  1.00 13.51 ? 96  SER A CB  1 
ATOM   734  O  OG  . SER A 1 96  ? 2.376   10.911  -4.031  1.00 15.30 ? 96  SER A OG  1 
ATOM   735  N  N   . HIS A 1 97  ? -0.879  9.597   -4.595  1.00 10.95 ? 97  HIS A N   1 
ATOM   736  C  CA  . HIS A 1 97  ? -1.305  8.248   -5.050  1.00 11.30 ? 97  HIS A CA  1 
ATOM   737  C  C   . HIS A 1 97  ? -2.071  7.492   -3.935  1.00 9.54  ? 97  HIS A C   1 
ATOM   738  O  O   . HIS A 1 97  ? -1.895  6.279   -3.844  1.00 10.26 ? 97  HIS A O   1 
ATOM   739  C  CB  . HIS A 1 97  ? -0.069  7.496   -5.515  1.00 12.17 ? 97  HIS A CB  1 
ATOM   740  C  CG  . HIS A 1 97  ? 0.599   8.188   -6.657  1.00 13.32 ? 97  HIS A CG  1 
ATOM   741  N  ND1 . HIS A 1 97  ? 0.377   7.810   -7.942  1.00 13.17 ? 97  HIS A ND1 1 
ATOM   742  C  CD2 . HIS A 1 97  ? 1.521   9.185   -6.689  1.00 13.25 ? 97  HIS A CD2 1 
ATOM   743  C  CE1 . HIS A 1 97  ? 1.174   8.544   -8.754  1.00 14.52 ? 97  HIS A CE1 1 
ATOM   744  N  NE2 . HIS A 1 97  ? 1.799   9.418   -8.023  1.00 15.72 ? 97  HIS A NE2 1 
ATOM   745  N  N   . LEU A 1 98  ? -2.877  8.203   -3.208  1.00 9.57  ? 98  LEU A N   1 
ATOM   746  C  CA  . LEU A 1 98  ? -3.616  7.679   -2.060  1.00 10.03 ? 98  LEU A CA  1 
ATOM   747  C  C   . LEU A 1 98  ? -5.087  7.454   -2.410  1.00 9.15  ? 98  LEU A C   1 
ATOM   748  O  O   . LEU A 1 98  ? -5.724  8.348   -2.989  1.00 10.81 ? 98  LEU A O   1 
ATOM   749  C  CB  . LEU A 1 98  ? -3.508  8.629   -0.870  1.00 10.64 ? 98  LEU A CB  1 
ATOM   750  C  CG  . LEU A 1 98  ? -4.111  8.132   0.435   1.00 11.64 ? 98  LEU A CG  1 
ATOM   751  C  CD1 . LEU A 1 98  ? -3.374  6.937   0.956   1.00 11.48 ? 98  LEU A CD1 1 
ATOM   752  C  CD2 . LEU A 1 98  ? -4.166  9.220   1.506   1.00 13.07 ? 98  LEU A CD2 1 
ATOM   753  N  N   . MET A 1 99  ? -5.643  6.319   -2.020  1.00 8.66  ? 99  MET A N   1 
ATOM   754  C  CA  . MET A 1 99  ? -7.077  5.964   -2.217  1.00 8.95  ? 99  MET A CA  1 
ATOM   755  C  C   . MET A 1 99  ? -7.698  5.880   -0.858  1.00 8.76  ? 99  MET A C   1 
ATOM   756  O  O   . MET A 1 99  ? -7.063  5.339   0.055   1.00 9.59  ? 99  MET A O   1 
ATOM   757  C  CB  . MET A 1 99  ? -7.161  4.609   -2.928  1.00 8.63  ? 99  MET A CB  1 
ATOM   758  C  CG  . MET A 1 99  ? -6.523  4.633   -4.308  1.00 10.31 ? 99  MET A CG  1 
ATOM   759  S  SD  . MET A 1 99  ? -6.325  2.986   -5.049  1.00 10.66 ? 99  MET A SD  1 
ATOM   760  C  CE  . MET A 1 99  ? -5.084  2.222   -4.017  1.00 10.23 ? 99  MET A CE  1 
ATOM   761  N  N   . LEU A 1 100 ? -8.933  6.363   -0.700  1.00 8.22  ? 100 LEU A N   1 
ATOM   762  C  CA  . LEU A 1 100 ? -9.614  6.293   0.607   1.00 8.76  ? 100 LEU A CA  1 
ATOM   763  C  C   . LEU A 1 100 ? -10.857 5.427   0.500   1.00 8.64  ? 100 LEU A C   1 
ATOM   764  O  O   . LEU A 1 100 ? -11.561 5.450   -0.514  1.00 9.11  ? 100 LEU A O   1 
ATOM   765  C  CB  . LEU A 1 100 ? -10.040 7.698   1.010   1.00 10.41 ? 100 LEU A CB  1 
ATOM   766  C  CG  . LEU A 1 100 ? -8.905  8.644   1.388   1.00 11.68 ? 100 LEU A CG  1 
ATOM   767  C  CD1 . LEU A 1 100 ? -9.422  10.066  1.606   1.00 13.36 ? 100 LEU A CD1 1 
ATOM   768  C  CD2 . LEU A 1 100 ? -8.119  8.145   2.606   1.00 12.64 ? 100 LEU A CD2 1 
ATOM   769  N  N   . ALA A 1 101 ? -11.134 4.729   1.591   1.00 8.45  ? 101 ALA A N   1 
ATOM   770  C  CA  . ALA A 1 101 ? -12.376 3.971   1.791   1.00 8.09  ? 101 ALA A CA  1 
ATOM   771  C  C   . ALA A 1 101 ? -12.879 4.213   3.194   1.00 8.98  ? 101 ALA A C   1 
ATOM   772  O  O   . ALA A 1 101 ? -12.097 4.594   4.088   1.00 9.07  ? 101 ALA A O   1 
ATOM   773  C  CB  . ALA A 1 101 ? -12.159 2.495   1.578   1.00 8.54  ? 101 ALA A CB  1 
ATOM   774  N  N   . VAL A 1 102 ? -14.157 3.943   3.397   1.00 8.70  ? 102 VAL A N   1 
ATOM   775  C  CA  . VAL A 1 102 ? -14.734 3.926   4.765   1.00 8.98  ? 102 VAL A CA  1 
ATOM   776  C  C   . VAL A 1 102 ? -14.430 2.582   5.398   1.00 8.55  ? 102 VAL A C   1 
ATOM   777  O  O   . VAL A 1 102 ? -14.815 1.536   4.890   1.00 9.56  ? 102 VAL A O   1 
ATOM   778  C  CB  . VAL A 1 102 ? -16.239 4.249   4.732   1.00 9.37  ? 102 VAL A CB  1 
ATOM   779  C  CG1 . VAL A 1 102 ? -16.818 4.180   6.122   1.00 9.61  ? 102 VAL A CG1 1 
ATOM   780  C  CG2 . VAL A 1 102 ? -16.465 5.602   4.102   1.00 9.26  ? 102 VAL A CG2 1 
ATOM   781  N  N   . GLY A 1 103 ? -13.697 2.619   6.480   1.00 9.33  ? 103 GLY A N   1 
ATOM   782  C  CA  . GLY A 1 103 ? -13.298 1.391   7.172   1.00 9.87  ? 103 GLY A CA  1 
ATOM   783  C  C   . GLY A 1 103 ? -12.327 1.661   8.287   1.00 10.40 ? 103 GLY A C   1 
ATOM   784  O  O   . GLY A 1 103 ? -11.920 2.805   8.499   1.00 10.96 ? 103 GLY A O   1 
ATOM   785  N  N   . HIS A 1 104 ? -11.972 0.597   8.972   1.00 9.99  ? 104 HIS A N   1 
ATOM   786  C  CA  . HIS A 1 104 ? -11.096 0.684   10.142  1.00 11.04 ? 104 HIS A CA  1 
ATOM   787  C  C   . HIS A 1 104 ? -9.633  0.529   9.748   1.00 11.01 ? 104 HIS A C   1 
ATOM   788  O  O   . HIS A 1 104 ? -9.258  -0.421  9.057   1.00 11.01 ? 104 HIS A O   1 
ATOM   789  C  CB  . HIS A 1 104 ? -11.520 -0.369  11.153  1.00 10.61 ? 104 HIS A CB  1 
ATOM   790  C  CG  . HIS A 1 104 ? -10.738 -0.233  12.406  1.00 12.18 ? 104 HIS A CG  1 
ATOM   791  N  ND1 . HIS A 1 104 ? -10.901 0.857   13.225  1.00 12.86 ? 104 HIS A ND1 1 
ATOM   792  C  CD2 . HIS A 1 104 ? -9.747  -0.990  12.905  1.00 13.03 ? 104 HIS A CD2 1 
ATOM   793  C  CE1 . HIS A 1 104 ? -9.997  0.745   14.204  1.00 12.68 ? 104 HIS A CE1 1 
ATOM   794  N  NE2 . HIS A 1 104 ? -9.361  -0.369  14.051  1.00 13.43 ? 104 HIS A NE2 1 
ATOM   795  N  N   . SER A 1 105 ? -8.793  1.406   10.293  1.00 10.88 ? 105 SER A N   1 
ATOM   796  C  CA  . SER A 1 105 ? -7.338  1.377   10.041  1.00 10.64 ? 105 SER A CA  1 
ATOM   797  C  C   . SER A 1 105 ? -6.646  2.043   11.220  1.00 11.46 ? 105 SER A C   1 
ATOM   798  O  O   . SER A 1 105 ? -6.872  3.254   11.439  1.00 13.85 ? 105 SER A O   1 
ATOM   799  C  CB  . SER A 1 105 ? -7.000  2.047   8.735   1.00 10.20 ? 105 SER A CB  1 
ATOM   800  O  OG  . SER A 1 105 ? -5.577  2.090   8.572   1.00 11.73 ? 105 SER A OG  1 
ATOM   801  N  N   . GLU A 1 106 ? -5.809  1.303   11.866  1.00 10.55 ? 106 GLU A N   1 
ATOM   802  C  CA  . GLU A 1 106 ? -4.849  1.795   12.904  1.00 12.07 ? 106 GLU A CA  1 
ATOM   803  C  C   . GLU A 1 106 ? -3.446  1.676   12.355  1.00 13.33 ? 106 GLU A C   1 
ATOM   804  O  O   . GLU A 1 106 ? -3.206  0.957   11.360  1.00 13.55 ? 106 GLU A O   1 
ATOM   805  C  CB  . GLU A 1 106 ? -4.936  0.917   14.156  1.00 14.73 ? 106 GLU A CB  1 
ATOM   806  C  CG  . GLU A 1 106 ? -6.292  0.989   14.830  1.00 17.14 ? 106 GLU A CG  1 
ATOM   807  C  CD  . GLU A 1 106 ? -6.511  -0.011  15.970  1.00 16.92 ? 106 GLU A CD  1 
ATOM   808  O  OE1 . GLU A 1 106 ? -5.563  -0.260  16.741  1.00 23.73 ? 106 GLU A OE1 1 
ATOM   809  O  OE2 . GLU A 1 106 ? -7.600  -0.480  16.127  1.00 16.72 ? 106 GLU A OE2 1 
ATOM   810  N  N   . PRO A 1 107 ? -2.434  2.301   12.997  1.00 14.50 ? 107 PRO A N   1 
ATOM   811  C  CA  . PRO A 1 107 ? -1.093  2.319   12.406  1.00 14.29 ? 107 PRO A CA  1 
ATOM   812  C  C   . PRO A 1 107 ? -0.556  0.932   12.045  1.00 14.05 ? 107 PRO A C   1 
ATOM   813  O  O   . PRO A 1 107 ? 0.090   0.684   10.970  1.00 15.62 ? 107 PRO A O   1 
ATOM   814  C  CB  . PRO A 1 107 ? -0.273  2.944   13.555  1.00 15.55 ? 107 PRO A CB  1 
ATOM   815  C  CG  . PRO A 1 107 ? -1.224  3.956   14.115  1.00 16.82 ? 107 PRO A CG  1 
ATOM   816  C  CD  . PRO A 1 107 ? -2.549  3.212   14.159  1.00 15.24 ? 107 PRO A CD  1 
ATOM   817  N  N   . GLY A 1 108 ? -0.772  -0.028  12.922  1.00 14.18 ? 108 GLY A N   1 
ATOM   818  C  CA  . GLY A 1 108 ? -0.251  -1.365  12.704  1.00 13.48 ? 108 GLY A CA  1 
ATOM   819  C  C   . GLY A 1 108 ? -0.932  -2.100  11.551  1.00 12.08 ? 108 GLY A C   1 
ATOM   820  O  O   . GLY A 1 108 ? -0.461  -3.159  11.181  1.00 12.49 ? 108 GLY A O   1 
ATOM   821  N  N   . ASP A 1 109 ? -2.050  -1.571  11.032  1.00 11.28 ? 109 ASP A N   1 
ATOM   822  C  CA  . ASP A 1 109 ? -2.716  -2.129  9.850   1.00 10.12 ? 109 ASP A CA  1 
ATOM   823  C  C   . ASP A 1 109 ? -1.956  -1.806  8.573   1.00 9.62  ? 109 ASP A C   1 
ATOM   824  O  O   . ASP A 1 109 ? -2.243  -2.433  7.539   1.00 9.08  ? 109 ASP A O   1 
ATOM   825  C  CB  . ASP A 1 109 ? -4.150  -1.620  9.750   1.00 10.32 ? 109 ASP A CB  1 
ATOM   826  C  CG  . ASP A 1 109 ? -5.007  -2.191  10.858  1.00 9.52  ? 109 ASP A CG  1 
ATOM   827  O  OD1 . ASP A 1 109 ? -4.785  -3.353  11.170  1.00 11.18 ? 109 ASP A OD1 1 
ATOM   828  O  OD2 . ASP A 1 109 ? -5.849  -1.456  11.397  1.00 10.11 ? 109 ASP A OD2 1 
ATOM   829  N  N   . CYS A 1 110 ? -0.998  -0.891  8.612   1.00 9.52  ? 110 CYS A N   1 
ATOM   830  C  CA  . CYS A 1 110 ? -0.236  -0.570  7.398   1.00 9.22  ? 110 CYS A CA  1 
ATOM   831  C  C   . CYS A 1 110 ? 0.395   -1.824  6.842   1.00 9.02  ? 110 CYS A C   1 
ATOM   832  O  O   . CYS A 1 110 ? 0.935   -2.679  7.588   1.00 9.67  ? 110 CYS A O   1 
ATOM   833  C  CB  . CYS A 1 110 ? 0.842   0.450   7.695   1.00 9.46  ? 110 CYS A CB  1 
ATOM   834  S  SG  . CYS A 1 110 ? 0.176   2.119   7.889   1.00 10.92 ? 110 CYS A SG  1 
ATOM   835  N  N   . GLY A 1 111 ? 0.336   -1.976  5.520   1.00 8.03  ? 111 GLY A N   1 
ATOM   836  C  CA  . GLY A 1 111 ? 0.898   -3.127  4.821   1.00 8.13  ? 111 GLY A CA  1 
ATOM   837  C  C   . GLY A 1 111 ? -0.153  -4.155  4.437   1.00 8.57  ? 111 GLY A C   1 
ATOM   838  O  O   . GLY A 1 111 ? 0.138   -5.033  3.635   1.00 9.48  ? 111 GLY A O   1 
ATOM   839  N  N   . GLY A 1 112 ? -1.345  -4.086  5.016   1.00 8.88  ? 112 GLY A N   1 
ATOM   840  C  CA  . GLY A 1 112 ? -2.435  -4.981  4.590   1.00 8.44  ? 112 GLY A CA  1 
ATOM   841  C  C   . GLY A 1 112 ? -2.755  -4.754  3.125   1.00 7.75  ? 112 GLY A C   1 
ATOM   842  O  O   . GLY A 1 112 ? -2.811  -3.621  2.672   1.00 7.77  ? 112 GLY A O   1 
ATOM   843  N  N   . ILE A 1 113 ? -3.023  -5.825  2.402   1.00 7.84  ? 113 ILE A N   1 
ATOM   844  C  CA  . ILE A 1 113 ? -3.289  -5.750  0.945   1.00 7.77  ? 113 ILE A CA  1 
ATOM   845  C  C   . ILE A 1 113 ? -4.737  -5.360  0.700   1.00 7.36  ? 113 ILE A C   1 
ATOM   846  O  O   . ILE A 1 113 ? -5.652  -5.930  1.319   1.00 7.62  ? 113 ILE A O   1 
ATOM   847  C  CB  . ILE A 1 113 ? -2.941  -7.098  0.297   1.00 9.64  ? 113 ILE A CB  1 
ATOM   848  C  CG1 . ILE A 1 113 ? -1.422  -7.112  0.128   1.00 12.06 ? 113 ILE A CG1 1 
ATOM   849  C  CG2 . ILE A 1 113 ? -3.653  -7.330  -1.040  1.00 9.27  ? 113 ILE A CG2 1 
ATOM   850  C  CD1 . ILE A 1 113 ? -0.883  -8.452  -0.321  1.00 13.55 ? 113 ILE A CD1 1 
ATOM   851  N  N   . LEU A 1 114 ? -4.908  -4.468  -0.267  1.00 7.00  ? 114 LEU A N   1 
ATOM   852  C  CA  . LEU A 1 114 ? -6.204  -4.221  -0.958  1.00 7.22  ? 114 LEU A CA  1 
ATOM   853  C  C   . LEU A 1 114 ? -6.106  -4.933  -2.292  1.00 7.35  ? 114 LEU A C   1 
ATOM   854  O  O   . LEU A 1 114 ? -5.108  -4.736  -3.039  1.00 7.71  ? 114 LEU A O   1 
ATOM   855  C  CB  . LEU A 1 114 ? -6.352  -2.723  -1.186  1.00 7.56  ? 114 LEU A CB  1 
ATOM   856  C  CG  . LEU A 1 114 ? -7.526  -2.315  -2.057  1.00 7.60  ? 114 LEU A CG  1 
ATOM   857  C  CD1 . LEU A 1 114 ? -8.855  -2.640  -1.408  1.00 7.72  ? 114 LEU A CD1 1 
ATOM   858  C  CD2 . LEU A 1 114 ? -7.446  -0.799  -2.318  1.00 7.71  ? 114 LEU A CD2 1 
ATOM   859  N  N   . ARG A 1 115 ? -7.076  -5.758  -2.617  1.00 7.27  ? 115 ARG A N   1 
ATOM   860  C  CA  . ARG A 1 115 ? -7.121  -6.528  -3.873  1.00 7.54  ? 115 ARG A CA  1 
ATOM   861  C  C   . ARG A 1 115 ? -8.448  -6.381  -4.560  1.00 7.93  ? 115 ARG A C   1 
ATOM   862  O  O   . ARG A 1 115 ? -9.490  -6.248  -3.918  1.00 8.03  ? 115 ARG A O   1 
ATOM   863  C  CB  . ARG A 1 115 ? -6.824  -7.985  -3.641  1.00 9.17  ? 115 ARG A CB  1 
ATOM   864  C  CG  . ARG A 1 115 ? -7.827  -8.729  -2.783  1.00 10.50 ? 115 ARG A CG  1 
ATOM   865  C  CD  . ARG A 1 115 ? -7.398  -10.140 -2.466  1.00 13.42 ? 115 ARG A CD  1 
ATOM   866  N  NE  . ARG A 1 115 ? -6.347  -10.194 -1.451  1.00 15.79 ? 115 ARG A NE  1 
ATOM   867  C  CZ  . ARG A 1 115 ? -5.117  -10.765 -1.575  1.00 16.49 ? 115 ARG A CZ  1 
ATOM   868  N  NH1 . ARG A 1 115 ? -4.630  -11.224 -2.723  1.00 19.30 ? 115 ARG A NH1 1 
ATOM   869  N  NH2 . ARG A 1 115 ? -4.327  -10.830 -0.523  1.00 17.49 ? 115 ARG A NH2 1 
ATOM   870  N  N   . CYS A 1 116 ? -8.395  -6.399  -5.890  1.00 7.82  ? 116 CYS A N   1 
ATOM   871  C  CA  . CYS A 1 116 ? -9.588  -6.440  -6.752  1.00 8.75  ? 116 CYS A CA  1 
ATOM   872  C  C   . CYS A 1 116 ? -9.563  -7.722  -7.553  1.00 9.09  ? 116 CYS A C   1 
ATOM   873  O  O   . CYS A 1 116 ? -8.685  -8.526  -7.412  1.00 10.09 ? 116 CYS A O   1 
ATOM   874  C  CB  . CYS A 1 116 ? -9.650  -5.196  -7.632  1.00 8.52  ? 116 CYS A CB  1 
ATOM   875  S  SG  . CYS A 1 116 ? -8.322  -5.183  -8.848  1.00 9.01  ? 116 CYS A SG  1 
ATOM   876  N  N   . GLN A 1 117 ? -10.508 -7.837  -8.469  1.00 11.05 ? 117 GLN A N   1 
ATOM   877  C  CA  . GLN A 1 117 ? -10.546 -8.993  -9.374  1.00 11.88 ? 117 GLN A CA  1 
ATOM   878  C  C   . GLN A 1 117 ? -9.287  -9.106  -10.212 1.00 12.48 ? 117 GLN A C   1 
ATOM   879  O  O   . GLN A 1 117 ? -9.027  -10.203 -10.704 1.00 15.60 ? 117 GLN A O   1 
ATOM   880  C  CB  . GLN A 1 117 ? -11.796 -8.900  -10.237 1.00 13.54 ? 117 GLN A CB  1 
ATOM   881  C  CG  . GLN A 1 117 ? -11.723 -7.773  -11.256 1.00 15.41 ? 117 GLN A CG  1 
ATOM   882  C  CD  . GLN A 1 117 ? -12.897 -7.759  -12.198 1.00 21.14 ? 117 GLN A CD  1 
ATOM   883  O  OE1 . GLN A 1 117 ? -13.839 -7.004  -12.009 1.00 24.71 ? 117 GLN A OE1 1 
ATOM   884  N  NE2 . GLN A 1 117 ? -12.824 -8.602  -13.211 1.00 21.58 ? 117 GLN A NE2 1 
ATOM   885  N  N   . HIS A 1 118 ? -8.511  -8.058  -10.397 1.00 11.07 ? 118 HIS A N   1 
ATOM   886  C  CA  . HIS A 1 118 ? -7.297  -8.134  -11.241 1.00 11.24 ? 118 HIS A CA  1 
ATOM   887  C  C   . HIS A 1 118 ? -6.001  -8.411  -10.457 1.00 12.68 ? 118 HIS A C   1 
ATOM   888  O  O   . HIS A 1 118 ? -4.929  -8.554  -11.107 1.00 14.86 ? 118 HIS A O   1 
ATOM   889  C  CB  . HIS A 1 118 ? -7.140  -6.840  -12.003 1.00 10.57 ? 118 HIS A CB  1 
ATOM   890  C  CG  . HIS A 1 118 ? -8.328  -6.457  -12.810 1.00 10.62 ? 118 HIS A CG  1 
ATOM   891  N  ND1 . HIS A 1 118 ? -9.261  -5.532  -12.389 1.00 10.79 ? 118 HIS A ND1 1 
ATOM   892  C  CD2 . HIS A 1 118 ? -8.754  -6.920  -14.015 1.00 11.92 ? 118 HIS A CD2 1 
ATOM   893  C  CE1 . HIS A 1 118 ? -10.224 -5.443  -13.321 1.00 11.05 ? 118 HIS A CE1 1 
ATOM   894  N  NE2 . HIS A 1 118 ? -9.908  -6.304  -14.303 1.00 13.29 ? 118 HIS A NE2 1 
ATOM   895  N  N   . GLY A 1 119 ? -6.032  -8.437  -9.125  1.00 10.87 ? 119 GLY A N   1 
ATOM   896  C  CA  . GLY A 1 119 ? -4.854  -8.653  -8.278  1.00 10.38 ? 119 GLY A CA  1 
ATOM   897  C  C   . GLY A 1 119 ? -4.706  -7.577  -7.229  1.00 9.21  ? 119 GLY A C   1 
ATOM   898  O  O   . GLY A 1 119 ? -5.682  -6.978  -6.792  1.00 8.67  ? 119 GLY A O   1 
ATOM   899  N  N   . VAL A 1 120 ? -3.481  -7.358  -6.806  1.00 9.23  ? 120 VAL A N   1 
ATOM   900  C  CA  . VAL A 1 120 ? -3.176  -6.433  -5.702  1.00 8.94  ? 120 VAL A CA  1 
ATOM   901  C  C   . VAL A 1 120 ? -3.253  -5.001  -6.204  1.00 8.77  ? 120 VAL A C   1 
ATOM   902  O  O   . VAL A 1 120 ? -2.569  -4.638  -7.220  1.00 9.46  ? 120 VAL A O   1 
ATOM   903  C  CB  . VAL A 1 120 ? -1.810  -6.751  -5.103  1.00 9.53  ? 120 VAL A CB  1 
ATOM   904  C  CG1 . VAL A 1 120 ? -1.435  -5.696  -4.074  1.00 9.41  ? 120 VAL A CG1 1 
ATOM   905  C  CG2 . VAL A 1 120 ? -1.741  -8.134  -4.507  1.00 10.42 ? 120 VAL A CG2 1 
ATOM   906  N  N   . VAL A 1 121 ? -4.017  -4.163  -5.541  1.00 8.33  ? 121 VAL A N   1 
ATOM   907  C  CA  . VAL A 1 121 ? -4.217  -2.739  -5.884  1.00 8.14  ? 121 VAL A CA  1 
ATOM   908  C  C   . VAL A 1 121 ? -3.253  -1.858  -5.125  1.00 7.64  ? 121 VAL A C   1 
ATOM   909  O  O   . VAL A 1 121 ? -2.762  -0.874  -5.623  1.00 8.24  ? 121 VAL A O   1 
ATOM   910  C  CB  . VAL A 1 121 ? -5.667  -2.378  -5.529  1.00 8.29  ? 121 VAL A CB  1 
ATOM   911  C  CG1 . VAL A 1 121 ? -5.931  -0.901  -5.726  1.00 8.96  ? 121 VAL A CG1 1 
ATOM   912  C  CG2 . VAL A 1 121 ? -6.654  -3.208  -6.324  1.00 9.41  ? 121 VAL A CG2 1 
ATOM   913  N  N   . GLY A 1 122 ? -3.001  -2.181  -3.856  1.00 8.41  ? 122 GLY A N   1 
ATOM   914  C  CA  . GLY A 1 122 ? -2.168  -1.352  -2.981  1.00 8.56  ? 122 GLY A CA  1 
ATOM   915  C  C   . GLY A 1 122 ? -2.132  -1.899  -1.586  1.00 7.37  ? 122 GLY A C   1 
ATOM   916  O  O   . GLY A 1 122 ? -2.576  -3.040  -1.333  1.00 7.87  ? 122 GLY A O   1 
ATOM   917  N  N   . ILE A 1 123 ? -1.551  -1.099  -0.696  1.00 7.50  ? 123 ILE A N   1 
ATOM   918  C  CA  . ILE A 1 123 ? -1.389  -1.519  0.716   1.00 7.25  ? 123 ILE A CA  1 
ATOM   919  C  C   . ILE A 1 123 ? -1.928  -0.426  1.616   1.00 7.10  ? 123 ILE A C   1 
ATOM   920  O  O   . ILE A 1 123 ? -1.815  0.766   1.283   1.00 7.58  ? 123 ILE A O   1 
ATOM   921  C  CB  . ILE A 1 123 ? 0.064   -1.903  1.102   1.00 8.07  ? 123 ILE A CB  1 
ATOM   922  C  CG1 . ILE A 1 123 ? 1.074   -0.821  0.702   1.00 8.75  ? 123 ILE A CG1 1 
ATOM   923  C  CG2 . ILE A 1 123 ? 0.419   -3.272  0.529   1.00 8.67  ? 123 ILE A CG2 1 
ATOM   924  C  CD1 . ILE A 1 123 ? 2.457   -1.063  1.236   1.00 10.09 ? 123 ILE A CD1 1 
ATOM   925  N  N   . VAL A 1 124 ? -2.417  -0.817  2.784   1.00 7.19  ? 124 VAL A N   1 
ATOM   926  C  CA  . VAL A 1 124 ? -2.875  0.157   3.786   1.00 7.48  ? 124 VAL A CA  1 
ATOM   927  C  C   . VAL A 1 124 ? -1.710  1.076   4.109   1.00 7.87  ? 124 VAL A C   1 
ATOM   928  O  O   . VAL A 1 124 ? -0.583  0.599   4.374   1.00 7.70  ? 124 VAL A O   1 
ATOM   929  C  CB  . VAL A 1 124 ? -3.400  -0.529  5.036   1.00 7.62  ? 124 VAL A CB  1 
ATOM   930  C  CG1 . VAL A 1 124 ? -3.697  0.461   6.132   1.00 8.07  ? 124 VAL A CG1 1 
ATOM   931  C  CG2 . VAL A 1 124 ? -4.620  -1.391  4.760   1.00 7.66  ? 124 VAL A CG2 1 
ATOM   932  N  N   . SER A 1 125 ? -1.986  2.370   4.140   1.00 8.05  ? 125 SER A N   1 
ATOM   933  C  CA  . SER A 1 125 ? -0.995  3.398   4.470   1.00 8.73  ? 125 SER A CA  1 
ATOM   934  C  C   . SER A 1 125 ? -1.507  4.446   5.440   1.00 9.09  ? 125 SER A C   1 
ATOM   935  O  O   . SER A 1 125 ? -0.650  5.068   6.136   1.00 10.11 ? 125 SER A O   1 
ATOM   936  C  CB  . SER A 1 125 ? -0.506  4.050   3.197   1.00 9.05  ? 125 SER A CB  1 
ATOM   937  O  OG  . SER A 1 125 ? 0.427   5.092   3.429   1.00 10.28 ? 125 SER A OG  1 
ATOM   938  N  N   . THR A 1 126 ? -2.815  4.702   5.512   1.00 9.73  ? 126 THR A N   1 
ATOM   939  C  CA  . THR A 1 126 ? -3.337  5.738   6.435   1.00 9.99  ? 126 THR A CA  1 
ATOM   940  C  C   . THR A 1 126 ? -4.566  5.222   7.163   1.00 10.49 ? 126 THR A C   1 
ATOM   941  O  O   . THR A 1 126 ? -5.174  4.205   6.743   1.00 9.83  ? 126 THR A O   1 
ATOM   942  C  CB  . THR A 1 126 ? -3.657  7.077   5.742   1.00 10.27 ? 126 THR A CB  1 
ATOM   943  O  OG1 . THR A 1 126 ? -4.890  6.930   5.032   1.00 10.67 ? 126 THR A OG1 1 
ATOM   944  C  CG2 . THR A 1 126 ? -2.582  7.578   4.801   1.00 10.75 ? 126 THR A CG2 1 
ATOM   945  N  N   . GLY A 1 127 ? -4.924  5.894   8.245   1.00 10.57 ? 127 GLY A N   1 
ATOM   946  C  CA  . GLY A 1 127 ? -6.125  5.544   8.981   1.00 11.94 ? 127 GLY A CA  1 
ATOM   947  C  C   . GLY A 1 127 ? -6.615  6.725   9.788   1.00 13.21 ? 127 GLY A C   1 
ATOM   948  O  O   . GLY A 1 127 ? -6.191  7.857   9.541   1.00 14.37 ? 127 GLY A O   1 
ATOM   949  N  N   . GLY A 1 128 ? -7.525  6.463   10.693  1.00 14.59 ? 128 GLY A N   1 
ATOM   950  C  CA  . GLY A 1 128 ? -8.149  7.543   11.494  1.00 14.88 ? 128 GLY A CA  1 
ATOM   951  C  C   . GLY A 1 128 ? -9.465  8.042   10.939  1.00 15.77 ? 128 GLY A C   1 
ATOM   952  O  O   . GLY A 1 128 ? -9.757  7.981   9.745   1.00 14.22 ? 128 GLY A O   1 
ATOM   953  N  N   . ASN A 1 129 ? -10.306 8.568   11.820  1.00 16.44 ? 129 ASN A N   1 
ATOM   954  C  CA  . ASN A 1 129 ? -11.594 9.235   11.463  1.00 17.56 ? 129 ASN A CA  1 
ATOM   955  C  C   . ASN A 1 129 ? -12.427 8.336   10.555  1.00 14.18 ? 129 ASN A C   1 
ATOM   956  O  O   . ASN A 1 129 ? -13.175 8.850   9.675   1.00 15.57 ? 129 ASN A O   1 
ATOM   957  C  CB  . ASN A 1 129 ? -11.425 10.588  10.780  1.00 20.04 ? 129 ASN A CB  1 
ATOM   958  C  CG  . ASN A 1 129 ? -11.069 11.714  11.727  1.00 26.33 ? 129 ASN A CG  1 
ATOM   959  O  OD1 . ASN A 1 129 ? -11.472 11.729  12.894  1.00 27.56 ? 129 ASN A OD1 1 
ATOM   960  N  ND2 . ASN A 1 129 ? -10.329 12.670  11.199  1.00 28.66 ? 129 ASN A ND2 1 
ATOM   961  N  N   . GLY A 1 130 ? -12.406 7.040   10.816  1.00 13.78 ? 130 GLY A N   1 
ATOM   962  C  CA  . GLY A 1 130 ? -13.308 6.100   10.135  1.00 11.90 ? 130 GLY A CA  1 
ATOM   963  C  C   . GLY A 1 130 ? -12.962 5.832   8.680   1.00 11.15 ? 130 GLY A C   1 
ATOM   964  O  O   . GLY A 1 130 ? -13.770 5.241   8.002   1.00 10.28 ? 130 GLY A O   1 
ATOM   965  N  N   . LEU A 1 131 ? -11.774 6.245   8.238   1.00 11.31 ? 131 LEU A N   1 
ATOM   966  C  CA  . LEU A 1 131 ? -11.323 5.957   6.870   1.00 10.92 ? 131 LEU A CA  1 
ATOM   967  C  C   . LEU A 1 131 ? -10.096 5.044   6.951   1.00 10.33 ? 131 LEU A C   1 
ATOM   968  O  O   . LEU A 1 131 ? -9.312  5.054   7.929   1.00 11.63 ? 131 LEU A O   1 
ATOM   969  C  CB  . LEU A 1 131 ? -10.996 7.198   6.059   1.00 12.60 ? 131 LEU A CB  1 
ATOM   970  C  CG  . LEU A 1 131 ? -12.085 8.266   5.948   1.00 12.32 ? 131 LEU A CG  1 
ATOM   971  C  CD1 . LEU A 1 131 ? -11.621 9.355   4.984   1.00 14.75 ? 131 LEU A CD1 1 
ATOM   972  C  CD2 . LEU A 1 131 ? -13.393 7.652   5.460   1.00 12.55 ? 131 LEU A CD2 1 
ATOM   973  N  N   . VAL A 1 132 ? -9.884  4.347   5.853   1.00 9.68  ? 132 VAL A N   1 
ATOM   974  C  CA  . VAL A 1 132 ? -8.621  3.602   5.599   1.00 9.35  ? 132 VAL A CA  1 
ATOM   975  C  C   . VAL A 1 132 ? -8.084  4.141   4.275   1.00 9.44  ? 132 VAL A C   1 
ATOM   976  O  O   . VAL A 1 132 ? -8.848  4.254   3.284   1.00 9.28  ? 132 VAL A O   1 
ATOM   977  C  CB  . VAL A 1 132 ? -8.865  2.090   5.604   1.00 9.43  ? 132 VAL A CB  1 
ATOM   978  C  CG1 . VAL A 1 132 ? -9.989  1.649   4.701   1.00 10.57 ? 132 VAL A CG1 1 
ATOM   979  C  CG2 . VAL A 1 132 ? -7.580  1.368   5.285   1.00 9.48  ? 132 VAL A CG2 1 
ATOM   980  N  N   . GLY A 1 133 ? -6.807  4.503   4.238   1.00 8.49  ? 133 GLY A N   1 
ATOM   981  C  CA  . GLY A 1 133 ? -6.142  4.969   3.034   1.00 7.99  ? 133 GLY A CA  1 
ATOM   982  C  C   . GLY A 1 133 ? -5.160  3.934   2.545   1.00 7.27  ? 133 GLY A C   1 
ATOM   983  O  O   . GLY A 1 133 ? -4.464  3.325   3.353   1.00 8.85  ? 133 GLY A O   1 
ATOM   984  N  N   . PHE A 1 134 ? -5.097  3.757   1.237   1.00 7.77  ? 134 PHE A N   1 
ATOM   985  C  CA  . PHE A 1 134 ? -4.246  2.757   0.576   1.00 7.53  ? 134 PHE A CA  1 
ATOM   986  C  C   . PHE A 1 134 ? -3.316  3.431   -0.406  1.00 8.10  ? 134 PHE A C   1 
ATOM   987  O  O   . PHE A 1 134 ? -3.737  4.297   -1.197  1.00 8.53  ? 134 PHE A O   1 
ATOM   988  C  CB  . PHE A 1 134 ? -5.084  1.765   -0.224  1.00 7.58  ? 134 PHE A CB  1 
ATOM   989  C  CG  . PHE A 1 134 ? -6.209  1.135   0.545   1.00 7.78  ? 134 PHE A CG  1 
ATOM   990  C  CD1 . PHE A 1 134 ? -5.993  0.033   1.350   1.00 7.65  ? 134 PHE A CD1 1 
ATOM   991  C  CD2 . PHE A 1 134 ? -7.494  1.673   0.476   1.00 8.23  ? 134 PHE A CD2 1 
ATOM   992  C  CE1 . PHE A 1 134 ? -7.047  -0.552  2.031   1.00 7.75  ? 134 PHE A CE1 1 
ATOM   993  C  CE2 . PHE A 1 134 ? -8.528  1.077   1.189   1.00 8.53  ? 134 PHE A CE2 1 
ATOM   994  C  CZ  . PHE A 1 134 ? -8.311  -0.045  1.946   1.00 8.28  ? 134 PHE A CZ  1 
ATOM   995  N  N   . ALA A 1 135 ? -2.041  3.073   -0.327  1.00 7.66  ? 135 ALA A N   1 
ATOM   996  C  CA  . ALA A 1 135 ? -1.031  3.489   -1.324  1.00 7.90  ? 135 ALA A CA  1 
ATOM   997  C  C   . ALA A 1 135 ? -1.222  2.630   -2.564  1.00 8.07  ? 135 ALA A C   1 
ATOM   998  O  O   . ALA A 1 135 ? -1.003  1.429   -2.521  1.00 8.35  ? 135 ALA A O   1 
ATOM   999  C  CB  . ALA A 1 135 ? 0.305   3.363   -0.713  1.00 7.70  ? 135 ALA A CB  1 
ATOM   1000 N  N   . ASP A 1 136 ? -1.574  3.282   -3.676  1.00 8.01  ? 136 ASP A N   1 
ATOM   1001 C  CA  . ASP A 1 136 ? -1.750  2.564   -4.942  1.00 8.62  ? 136 ASP A CA  1 
ATOM   1002 C  C   . ASP A 1 136 ? -0.401  2.056   -5.456  1.00 8.17  ? 136 ASP A C   1 
ATOM   1003 O  O   . ASP A 1 136 ? 0.630   2.750   -5.284  1.00 9.03  ? 136 ASP A O   1 
ATOM   1004 C  CB  . ASP A 1 136 ? -2.362  3.494   -5.980  1.00 9.28  ? 136 ASP A CB  1 
ATOM   1005 C  CG  . ASP A 1 136 ? -2.661  2.827   -7.281  1.00 9.02  ? 136 ASP A CG  1 
ATOM   1006 O  OD1 . ASP A 1 136 ? -3.358  1.843   -7.286  1.00 10.20 ? 136 ASP A OD1 1 
ATOM   1007 O  OD2 . ASP A 1 136 ? -2.124  3.323   -8.322  1.00 12.29 ? 136 ASP A OD2 1 
ATOM   1008 N  N   . VAL A 1 137 ? -0.422  0.922   -6.110  1.00 8.39  ? 137 VAL A N   1 
ATOM   1009 C  CA  . VAL A 1 137 ? 0.777   0.422   -6.834  1.00 9.25  ? 137 VAL A CA  1 
ATOM   1010 C  C   . VAL A 1 137 ? 0.447   0.099   -8.294  1.00 9.25  ? 137 VAL A C   1 
ATOM   1011 O  O   . VAL A 1 137 ? 1.332   -0.386  -8.998  1.00 9.96  ? 137 VAL A O   1 
ATOM   1012 C  CB  . VAL A 1 137 ? 1.377   -0.815  -6.156  1.00 9.50  ? 137 VAL A CB  1 
ATOM   1013 C  CG1 . VAL A 1 137 ? 1.861   -0.444  -4.761  1.00 9.80  ? 137 VAL A CG1 1 
ATOM   1014 C  CG2 . VAL A 1 137 ? 0.453   -2.016  -6.107  1.00 9.08  ? 137 VAL A CG2 1 
ATOM   1015 N  N   . ARG A 1 138 ? -0.790  0.290   -8.730  1.00 10.05 ? 138 ARG A N   1 
ATOM   1016 C  CA  . ARG A 1 138 ? -1.192  -0.162  -10.084 1.00 9.94  ? 138 ARG A CA  1 
ATOM   1017 C  C   . ARG A 1 138 ? -0.529  0.679   -11.175 1.00 10.87 ? 138 ARG A C   1 
ATOM   1018 O  O   . ARG A 1 138 ? -0.495  0.166   -12.314 1.00 12.05 ? 138 ARG A O   1 
ATOM   1019 C  CB  . ARG A 1 138 ? -2.704  -0.105  -10.258 1.00 9.63  ? 138 ARG A CB  1 
ATOM   1020 C  CG  . ARG A 1 138 ? -3.473  -1.011  -9.302  1.00 8.54  ? 138 ARG A CG  1 
ATOM   1021 C  CD  . ARG A 1 138 ? -4.963  -0.801  -9.481  1.00 8.76  ? 138 ARG A CD  1 
ATOM   1022 N  NE  . ARG A 1 138 ? -5.302  0.480   -8.936  1.00 9.60  ? 138 ARG A NE  1 
ATOM   1023 C  CZ  . ARG A 1 138 ? -6.521  0.975   -8.842  1.00 9.40  ? 138 ARG A CZ  1 
ATOM   1024 N  NH1 . ARG A 1 138 ? -7.513  0.318   -9.441  1.00 8.62  ? 138 ARG A NH1 1 
ATOM   1025 N  NH2 . ARG A 1 138 ? -6.747  2.085   -8.162  1.00 9.43  ? 138 ARG A NH2 1 
ATOM   1026 N  N   . ASP A 1 139 ? -0.046  1.843   -10.880 1.00 10.32 ? 139 ASP A N   1 
ATOM   1027 C  CA  . ASP A 1 139 ? 0.686   2.640   -11.898 1.00 11.53 ? 139 ASP A CA  1 
ATOM   1028 C  C   . ASP A 1 139 ? 2.151   2.202   -11.989 1.00 12.72 ? 139 ASP A C   1 
ATOM   1029 O  O   . ASP A 1 139 ? 2.811   2.699   -12.966 1.00 15.55 ? 139 ASP A O   1 
ATOM   1030 C  CB  . ASP A 1 139 ? 0.633   4.115   -11.576 1.00 13.08 ? 139 ASP A CB  1 
ATOM   1031 C  CG  . ASP A 1 139 ? 1.333   4.498   -10.281 1.00 14.52 ? 139 ASP A CG  1 
ATOM   1032 O  OD1 . ASP A 1 139 ? 1.225   3.686   -9.305  1.00 12.88 ? 139 ASP A OD1 1 
ATOM   1033 O  OD2 . ASP A 1 139 ? 1.942   5.592   -10.205 1.00 16.11 ? 139 ASP A OD2 1 
ATOM   1034 N  N   . LEU A 1 140 ? 2.654   1.328   -11.123 1.00 11.90 ? 140 LEU A N   1 
ATOM   1035 C  CA  . LEU A 1 140 ? 4.093   0.966   -11.146 1.00 12.07 ? 140 LEU A CA  1 
ATOM   1036 C  C   . LEU A 1 140 ? 4.261   -0.239  -12.048 1.00 11.80 ? 140 LEU A C   1 
ATOM   1037 O  O   . LEU A 1 140 ? 4.427   -1.366  -11.640 1.00 12.82 ? 140 LEU A O   1 
ATOM   1038 C  CB  . LEU A 1 140 ? 4.531   0.685   -9.709  1.00 12.21 ? 140 LEU A CB  1 
ATOM   1039 C  CG  . LEU A 1 140 ? 4.345   1.834   -8.733  1.00 13.65 ? 140 LEU A CG  1 
ATOM   1040 C  CD1 . LEU A 1 140 ? 4.744   1.408   -7.326  1.00 12.82 ? 140 LEU A CD1 1 
ATOM   1041 C  CD2 . LEU A 1 140 ? 5.089   3.103   -9.120  1.00 13.90 ? 140 LEU A CD2 1 
ATOM   1042 N  N   . LEU A 1 141 ? 4.218   0.033   -13.379 1.00 13.96 ? 141 LEU A N   1 
ATOM   1043 C  CA  . LEU A 1 141 ? 4.192   -1.061  -14.370 1.00 14.55 ? 141 LEU A CA  1 
ATOM   1044 C  C   . LEU A 1 141 ? 5.496   -1.853  -14.366 1.00 13.85 ? 141 LEU A C   1 
ATOM   1045 O  O   . LEU A 1 141 ? 5.479   -3.000  -14.622 1.00 15.83 ? 141 LEU A O   1 
ATOM   1046 C  CB  . LEU A 1 141 ? 3.952   -0.513  -15.778 1.00 15.57 ? 141 LEU A CB  1 
ATOM   1047 C  CG  . LEU A 1 141 ? 2.756   0.417   -15.920 1.00 16.54 ? 141 LEU A CG  1 
ATOM   1048 C  CD1 . LEU A 1 141 ? 2.527   0.719   -17.384 1.00 17.68 ? 141 LEU A CD1 1 
ATOM   1049 C  CD2 . LEU A 1 141 ? 1.475   -0.159  -15.329 1.00 16.42 ? 141 LEU A CD2 1 
ATOM   1050 N  N   . TRP A 1 142 ? 6.588   -1.177  -13.974 1.00 15.42 ? 142 TRP A N   1 
ATOM   1051 C  CA  . TRP A 1 142 ? 7.924   -1.798  -13.947 1.00 16.77 ? 142 TRP A CA  1 
ATOM   1052 C  C   . TRP A 1 142 ? 7.960   -2.917  -12.906 1.00 16.34 ? 142 TRP A C   1 
ATOM   1053 O  O   . TRP A 1 142 ? 8.865   -3.772  -12.955 1.00 19.62 ? 142 TRP A O   1 
ATOM   1054 C  CB  . TRP A 1 142 ? 8.969   -0.711  -13.712 1.00 16.31 ? 142 TRP A CB  1 
ATOM   1055 C  CG  . TRP A 1 142 ? 8.764   0.096   -12.470 1.00 15.38 ? 142 TRP A CG  1 
ATOM   1056 C  CD1 . TRP A 1 142 ? 8.254   1.350   -12.395 1.00 16.67 ? 142 TRP A CD1 1 
ATOM   1057 C  CD2 . TRP A 1 142 ? 9.127   -0.277  -11.127 1.00 16.14 ? 142 TRP A CD2 1 
ATOM   1058 N  NE1 . TRP A 1 142 ? 8.241   1.793   -11.095 1.00 16.84 ? 142 TRP A NE1 1 
ATOM   1059 C  CE2 . TRP A 1 142 ? 8.809   0.832   -10.321 1.00 16.11 ? 142 TRP A CE2 1 
ATOM   1060 C  CE3 . TRP A 1 142 ? 9.792   -1.374  -10.578 1.00 16.41 ? 142 TRP A CE3 1 
ATOM   1061 C  CZ2 . TRP A 1 142 ? 9.061   0.816   -8.942  1.00 16.48 ? 142 TRP A CZ2 1 
ATOM   1062 C  CZ3 . TRP A 1 142 ? 10.001  -1.405  -9.206  1.00 18.50 ? 142 TRP A CZ3 1 
ATOM   1063 C  CH2 . TRP A 1 142 ? 9.658   -0.308  -8.421  1.00 16.73 ? 142 TRP A CH2 1 
ATOM   1064 N  N   . LEU A 1 143 ? 7.024   -2.976  -11.937 1.00 15.84 ? 143 LEU A N   1 
ATOM   1065 C  CA  . LEU A 1 143 ? 7.001   -4.087  -10.962 1.00 16.12 ? 143 LEU A CA  1 
ATOM   1066 C  C   . LEU A 1 143 ? 6.830   -5.438  -11.687 1.00 19.29 ? 143 LEU A C   1 
ATOM   1067 O  O   . LEU A 1 143 ? 7.152   -6.478  -11.092 1.00 19.82 ? 143 LEU A O   1 
ATOM   1068 C  CB  . LEU A 1 143 ? 5.875   -3.923  -9.939  1.00 15.47 ? 143 LEU A CB  1 
ATOM   1069 C  CG  . LEU A 1 143 ? 6.058   -2.861  -8.866  1.00 13.55 ? 143 LEU A CG  1 
ATOM   1070 C  CD1 . LEU A 1 143 ? 4.775   -2.699  -8.063  1.00 13.69 ? 143 LEU A CD1 1 
ATOM   1071 C  CD2 . LEU A 1 143 ? 7.183   -3.225  -7.896  1.00 14.63 ? 143 LEU A CD2 1 
ATOM   1072 N  N   . ASP A 1 144 ? 6.244   -5.433  -12.899 1.00 20.55 ? 144 ASP A N   1 
ATOM   1073 C  CA  . ASP A 1 144 ? 5.858   -6.664  -13.654 1.00 25.18 ? 144 ASP A CA  1 
ATOM   1074 C  C   . ASP A 1 144 ? 6.991   -7.146  -14.558 1.00 27.53 ? 144 ASP A C   1 
ATOM   1075 O  O   . ASP A 1 144 ? 6.784   -8.212  -15.173 1.00 34.32 ? 144 ASP A O   1 
ATOM   1076 C  CB  . ASP A 1 144 ? 4.651   -6.466  -14.576 1.00 26.32 ? 144 ASP A CB  1 
ATOM   1077 C  CG  . ASP A 1 144 ? 3.349   -6.102  -13.892 1.00 23.35 ? 144 ASP A CG  1 
ATOM   1078 O  OD1 . ASP A 1 144 ? 3.287   -6.186  -12.637 1.00 26.56 ? 144 ASP A OD1 1 
ATOM   1079 O  OD2 . ASP A 1 144 ? 2.448   -5.581  -14.590 1.00 25.81 ? 144 ASP A OD2 1 
ATOM   1080 N  N   . GLU A 1 145 ? 8.114   -6.424  -14.652 1.00 33.28 ? 145 GLU A N   1 
ATOM   1081 C  CA  . GLU A 1 145 ? 9.258   -6.812  -15.531 1.00 42.55 ? 145 GLU A CA  1 
ATOM   1082 C  C   . GLU A 1 145 ? 10.598  -6.728  -14.775 1.00 46.52 ? 145 GLU A C   1 
ATOM   1083 O  O   . GLU A 1 145 ? 10.622  -6.222  -13.630 1.00 42.47 ? 145 GLU A O   1 
ATOM   1084 C  CB  . GLU A 1 145 ? 9.246   -5.942  -16.789 1.00 47.59 ? 145 GLU A CB  1 
ATOM   1085 C  CG  . GLU A 1 145 ? 9.550   -4.481  -16.519 1.00 50.01 ? 145 GLU A CG  1 
ATOM   1086 C  CD  . GLU A 1 145 ? 8.942   -3.492  -17.499 1.00 55.35 ? 145 GLU A CD  1 
ATOM   1087 O  OE1 . GLU A 1 145 ? 9.022   -2.281  -17.225 1.00 58.22 ? 145 GLU A OE1 1 
ATOM   1088 O  OE2 . GLU A 1 145 ? 8.396   -3.923  -18.535 1.00 62.11 ? 145 GLU A OE2 1 
ATOM   1089 N  N   . GLU A 1 146 ? 11.667  -7.247  -15.393 1.00 56.30 ? 146 GLU A N   1 
ATOM   1090 C  CA  . GLU A 1 146 ? 13.089  -7.059  -14.980 1.00 60.37 ? 146 GLU A CA  1 
ATOM   1091 C  C   . GLU A 1 146 ? 13.189  -7.067  -13.449 1.00 63.75 ? 146 GLU A C   1 
ATOM   1092 O  O   . GLU A 1 146 ? 14.213  -7.437  -12.867 1.00 66.59 ? 146 GLU A O   1 
ATOM   1093 C  CB  . GLU A 1 146 ? 13.626  -5.778  -15.632 1.00 60.70 ? 146 GLU A CB  1 
ATOM   1094 C  CG  . GLU A 1 146 ? 14.298  -4.793  -14.684 1.00 65.11 ? 146 GLU A CG  1 
ATOM   1095 C  CD  . GLU A 1 146 ? 15.717  -5.115  -14.233 1.00 68.24 ? 146 GLU A CD  1 
ATOM   1096 O  OE1 . GLU A 1 146 ? 16.264  -4.326  -13.429 1.00 64.11 ? 146 GLU A OE1 1 
ATOM   1097 O  OE2 . GLU A 1 146 ? 16.278  -6.142  -14.683 1.00 67.61 ? 146 GLU A OE2 1 
HETATM 1098 N  N12 . TEK B 2 .   ? -5.598  -14.860 -6.731  0.58 13.80 ? 201 TEK A N12 1 
HETATM 1099 C  C13 . TEK B 2 .   ? -6.209  -14.657 -5.530  0.58 13.75 ? 201 TEK A C13 1 
HETATM 1100 C  C15 . TEK B 2 .   ? -5.302  -14.461 -4.352  0.58 14.08 ? 201 TEK A C15 1 
HETATM 1101 C  C01 . TEK B 2 .   ? -3.991  -13.267 -8.737  0.58 18.29 ? 201 TEK A C01 1 
HETATM 1102 C  C02 . TEK B 2 .   ? -4.329  -14.590 -9.388  0.58 16.39 ? 201 TEK A C02 1 
HETATM 1103 C  C04 . TEK B 2 .   ? -6.687  -15.317 -10.058 0.58 15.02 ? 201 TEK A C04 1 
HETATM 1104 C  C05 . TEK B 2 .   ? -6.643  -15.468 -11.440 0.58 16.73 ? 201 TEK A C05 1 
HETATM 1105 C  C06 . TEK B 2 .   ? -7.817  -15.833 -12.083 0.58 16.15 ? 201 TEK A C06 1 
HETATM 1106 C  C07 . TEK B 2 .   ? -8.996  -16.037 -11.365 0.58 15.65 ? 201 TEK A C07 1 
HETATM 1107 C  C08 . TEK B 2 .   ? -9.034  -15.862 -9.986  0.58 14.62 ? 201 TEK A C08 1 
HETATM 1108 C  C09 . TEK B 2 .   ? -7.856  -15.512 -9.327  0.58 14.23 ? 201 TEK A C09 1 
HETATM 1109 C  C11 . TEK B 2 .   ? -6.328  -15.045 -7.892  0.58 14.57 ? 201 TEK A C11 1 
HETATM 1110 N  N03 . TEK B 2 .   ? -5.715  -14.995 -9.117  0.58 14.77 ? 201 TEK A N03 1 
HETATM 1111 N  N10 . TEK B 2 .   ? -7.610  -15.334 -7.961  0.58 12.72 ? 201 TEK A N10 1 
HETATM 1112 O  O14 . TEK B 2 .   ? -7.433  -14.635 -5.427  0.58 13.75 ? 201 TEK A O14 1 
HETATM 1113 ZN ZN  . ZN  C 3 .   ? -9.137  -4.272  -10.785 1.00 9.38  ? 202 ZN  A ZN  1 
HETATM 1114 S  S   . DMS D 4 .   ? 9.232   11.857  -2.962  1.00 27.65 ? 203 DMS A S   1 
HETATM 1115 O  O   . DMS D 4 .   ? 8.449   12.167  -1.744  1.00 23.32 ? 203 DMS A O   1 
HETATM 1116 C  C1  . DMS D 4 .   ? 8.363   12.558  -4.354  1.00 27.53 ? 203 DMS A C1  1 
HETATM 1117 C  C2  . DMS D 4 .   ? 10.653  12.949  -2.936  1.00 27.05 ? 203 DMS A C2  1 
HETATM 1118 S  S   . DMS E 4 .   ? -2.838  -12.325 7.258   0.58 55.45 ? 204 DMS A S   1 
HETATM 1119 O  O   . DMS E 4 .   ? -3.618  -13.426 7.921   0.58 55.54 ? 204 DMS A O   1 
HETATM 1120 C  C1  . DMS E 4 .   ? -1.577  -13.126 6.301   0.58 56.69 ? 204 DMS A C1  1 
HETATM 1121 C  C2  . DMS E 4 .   ? -3.839  -11.761 5.907   0.58 52.84 ? 204 DMS A C2  1 
HETATM 1122 S  S   . DMS F 4 .   ? -17.537 0.714   7.549   1.00 34.45 ? 205 DMS A S   1 
HETATM 1123 O  O   . DMS F 4 .   ? -16.515 1.243   8.509   1.00 31.68 ? 205 DMS A O   1 
HETATM 1124 C  C1  . DMS F 4 .   ? -17.720 -1.019  7.866   1.00 33.96 ? 205 DMS A C1  1 
HETATM 1125 C  C2  . DMS F 4 .   ? -19.093 1.204   8.211   1.00 31.31 ? 205 DMS A C2  1 
HETATM 1126 S  S   . DMS G 4 .   ? 6.582   10.675  13.182  1.00 36.45 ? 206 DMS A S   1 
HETATM 1127 O  O   . DMS G 4 .   ? 7.777   11.013  12.329  1.00 44.06 ? 206 DMS A O   1 
HETATM 1128 C  C1  . DMS G 4 .   ? 7.067   11.051  14.847  1.00 38.87 ? 206 DMS A C1  1 
HETATM 1129 C  C2  . DMS G 4 .   ? 5.463   12.016  12.961  1.00 36.40 ? 206 DMS A C2  1 
HETATM 1130 S  S   . SO4 H 5 .   ? -3.248  22.377  5.733   0.34 41.44 ? 207 SO4 A S   1 
HETATM 1131 O  O1  . SO4 H 5 .   ? -2.817  22.432  4.362   0.34 41.15 ? 207 SO4 A O1  1 
HETATM 1132 O  O2  . SO4 H 5 .   ? -3.970  23.579  6.058   0.34 41.78 ? 207 SO4 A O2  1 
HETATM 1133 O  O3  . SO4 H 5 .   ? -4.106  21.238  5.924   0.34 41.40 ? 207 SO4 A O3  1 
HETATM 1134 O  O4  . SO4 H 5 .   ? -2.098  22.262  6.592   0.34 41.43 ? 207 SO4 A O4  1 
HETATM 1135 O  O   . HOH I 6 .   ? 9.032   11.543  3.609   0.58 97.95 ? 301 HOH A O   1 
HETATM 1136 O  O   . HOH I 6 .   ? -6.386  10.055  8.749   1.00 12.32 ? 302 HOH A O   1 
HETATM 1137 O  O   . HOH I 6 .   ? 9.973   -0.135  -17.420 1.00 37.54 ? 303 HOH A O   1 
HETATM 1138 O  O   . HOH I 6 .   ? -3.524  -1.394  16.317  1.00 26.08 ? 304 HOH A O   1 
HETATM 1139 O  O   . HOH I 6 .   ? -4.547  22.558  0.103   1.00 42.19 ? 305 HOH A O   1 
HETATM 1140 O  O   . HOH I 6 .   ? 2.279   -10.507 -0.084  1.00 20.86 ? 306 HOH A O   1 
HETATM 1141 O  O   . HOH I 6 .   ? 17.234  -14.779 -6.711  0.50 29.95 ? 307 HOH A O   1 
HETATM 1142 O  O   . HOH I 6 .   ? 14.030  -7.348  0.004   1.00 32.61 ? 308 HOH A O   1 
HETATM 1143 O  O   . HOH I 6 .   ? -2.853  -10.223 11.205  1.00 20.94 ? 309 HOH A O   1 
HETATM 1144 O  O   . HOH I 6 .   ? 22.549  -7.234  -0.979  1.00 37.96 ? 310 HOH A O   1 
HETATM 1145 O  O   . HOH I 6 .   ? 13.428  -2.361  -11.486 1.00 40.81 ? 311 HOH A O   1 
HETATM 1146 O  O   . HOH I 6 .   ? -5.989  -12.647 10.865  0.58 41.27 ? 312 HOH A O   1 
HETATM 1147 O  O   . HOH I 6 .   ? 5.409   11.021  -6.183  1.00 38.16 ? 313 HOH A O   1 
HETATM 1148 O  O   . HOH I 6 .   ? 6.546   -15.320 -8.867  1.00 40.57 ? 314 HOH A O   1 
HETATM 1149 O  O   . HOH I 6 .   ? 11.262  -3.759  -13.921 1.00 34.81 ? 315 HOH A O   1 
HETATM 1150 O  O   . HOH I 6 .   ? -12.621 -8.631  14.821  1.00 22.60 ? 316 HOH A O   1 
HETATM 1151 O  O   . HOH I 6 .   ? 6.207   -10.163 4.700   1.00 29.33 ? 317 HOH A O   1 
HETATM 1152 O  O   . HOH I 6 .   ? 4.501   9.279   17.134  1.00 41.76 ? 318 HOH A O   1 
HETATM 1153 O  O   . HOH I 6 .   ? 4.663   -12.608 -8.452  1.00 18.97 ? 319 HOH A O   1 
HETATM 1154 O  O   . HOH I 6 .   ? 1.588   -6.861  -16.692 1.00 23.82 ? 320 HOH A O   1 
HETATM 1155 O  O   . HOH I 6 .   ? -6.700  9.318   -10.096 1.00 27.98 ? 321 HOH A O   1 
HETATM 1156 O  O   . HOH I 6 .   ? 15.476  7.584   -3.957  1.00 21.89 ? 322 HOH A O   1 
HETATM 1157 O  O   . HOH I 6 .   ? -8.275  9.481   -3.419  1.00 14.67 ? 323 HOH A O   1 
HETATM 1158 O  O   . HOH I 6 .   ? 4.016   15.727  1.908   1.00 34.10 ? 324 HOH A O   1 
HETATM 1159 O  O   . HOH I 6 .   ? -15.879 -6.222  12.100  1.00 20.89 ? 325 HOH A O   1 
HETATM 1160 O  O   . HOH I 6 .   ? 4.656   -2.316  5.121   1.00 10.73 ? 326 HOH A O   1 
HETATM 1161 O  O   . HOH I 6 .   ? -0.725  -15.378 -4.399  0.58 23.71 ? 327 HOH A O   1 
HETATM 1162 O  O   . HOH I 6 .   ? -4.061  13.372  14.143  1.00 32.82 ? 328 HOH A O   1 
HETATM 1163 O  O   . HOH I 6 .   ? 14.237  -6.907  3.084   1.00 22.93 ? 329 HOH A O   1 
HETATM 1164 O  O   . HOH I 6 .   ? -4.729  -10.152 -13.240 1.00 28.54 ? 330 HOH A O   1 
HETATM 1165 O  O   . HOH I 6 .   ? 9.628   -12.978 -2.604  1.00 22.65 ? 331 HOH A O   1 
HETATM 1166 O  O   . HOH I 6 .   ? 11.765  -18.099 -6.444  1.00 26.04 ? 332 HOH A O   1 
HETATM 1167 O  O   . HOH I 6 .   ? -0.708  -13.996 -7.996  1.00 21.74 ? 333 HOH A O   1 
HETATM 1168 O  O   . HOH I 6 .   ? -1.413  5.888   -8.645  1.00 16.43 ? 334 HOH A O   1 
HETATM 1169 O  O   . HOH I 6 .   ? -3.073  16.352  12.452  1.00 20.51 ? 335 HOH A O   1 
HETATM 1170 O  O   . HOH I 6 .   ? 2.672   1.610   10.680  1.00 15.29 ? 336 HOH A O   1 
HETATM 1171 O  O   . HOH I 6 .   ? -9.465  4.385   -17.101 1.00 28.90 ? 337 HOH A O   1 
HETATM 1172 O  O   . HOH I 6 .   ? 22.203  -1.669  -2.752  1.00 23.76 ? 338 HOH A O   1 
HETATM 1173 O  O   . HOH I 6 .   ? -1.593  -6.475  7.708   1.00 13.93 ? 339 HOH A O   1 
HETATM 1174 O  O   . HOH I 6 .   ? 11.418  10.037  -1.081  1.00 17.48 ? 340 HOH A O   1 
HETATM 1175 O  O   . HOH I 6 .   ? 11.023  -9.357  -10.486 1.00 29.27 ? 341 HOH A O   1 
HETATM 1176 O  O   . HOH I 6 .   ? -16.549 -2.683  4.541   1.00 21.66 ? 342 HOH A O   1 
HETATM 1177 O  O   . HOH I 6 .   ? -17.137 0.494   3.962   1.00 17.78 ? 343 HOH A O   1 
HETATM 1178 O  O   . HOH I 6 .   ? -11.092 -13.028 12.679  1.00 32.08 ? 344 HOH A O   1 
HETATM 1179 O  O   . HOH I 6 .   ? 3.916   11.113  -8.178  1.00 41.75 ? 345 HOH A O   1 
HETATM 1180 O  O   . HOH I 6 .   ? 13.396  -8.136  -10.370 0.50 61.94 ? 346 HOH A O   1 
HETATM 1181 O  O   . HOH I 6 .   ? -3.490  3.534   -10.668 1.00 12.27 ? 347 HOH A O   1 
HETATM 1182 O  O   . HOH I 6 .   ? 4.261   17.851  7.422   1.00 24.29 ? 348 HOH A O   1 
HETATM 1183 O  O   . HOH I 6 .   ? -5.940  2.920   -11.660 1.00 12.83 ? 349 HOH A O   1 
HETATM 1184 O  O   . HOH I 6 .   ? -10.032 4.109   10.382  1.00 15.61 ? 350 HOH A O   1 
HETATM 1185 O  O   . HOH I 6 .   ? -9.699  8.596   14.478  1.00 29.74 ? 351 HOH A O   1 
HETATM 1186 O  O   . HOH I 6 .   ? 8.056   7.136   10.411  1.00 16.03 ? 352 HOH A O   1 
HETATM 1187 O  O   . HOH I 6 .   ? 13.790  -6.886  5.828   1.00 22.55 ? 353 HOH A O   1 
HETATM 1188 O  O   . HOH I 6 .   ? -3.625  -9.223  13.799  1.00 24.77 ? 354 HOH A O   1 
HETATM 1189 O  O   . HOH I 6 .   ? -8.632  16.091  7.696   1.00 18.74 ? 355 HOH A O   1 
HETATM 1190 O  O   . HOH I 6 .   ? -3.808  -4.732  7.886   1.00 9.76  ? 356 HOH A O   1 
HETATM 1191 O  O   . HOH I 6 .   ? 0.599   7.472   -11.688 1.00 30.24 ? 357 HOH A O   1 
HETATM 1192 O  O   . HOH I 6 .   ? -8.060  4.438   -10.912 1.00 16.30 ? 358 HOH A O   1 
HETATM 1193 O  O   . HOH I 6 .   ? -7.950  15.042  5.247   1.00 19.34 ? 359 HOH A O   1 
HETATM 1194 O  O   . HOH I 6 .   ? -12.630 2.926   12.685  1.00 29.73 ? 360 HOH A O   1 
HETATM 1195 O  O   . HOH I 6 .   ? -10.157 -12.543 -9.771  1.00 22.76 ? 361 HOH A O   1 
HETATM 1196 O  O   . HOH I 6 .   ? -15.880 3.169   1.232   1.00 9.64  ? 362 HOH A O   1 
HETATM 1197 O  O   . HOH I 6 .   ? -4.087  10.232  9.728   1.00 16.31 ? 363 HOH A O   1 
HETATM 1198 O  O   . HOH I 6 .   ? -14.954 -7.710  14.575  1.00 23.36 ? 364 HOH A O   1 
HETATM 1199 O  O   . HOH I 6 .   ? -9.141  3.405   -8.607  1.00 13.00 ? 365 HOH A O   1 
HETATM 1200 O  O   . HOH I 6 .   ? 14.845  1.236   8.587   1.00 19.53 ? 366 HOH A O   1 
HETATM 1201 O  O   . HOH I 6 .   ? 19.791  1.554   6.876   1.00 16.15 ? 367 HOH A O   1 
HETATM 1202 O  O   . HOH I 6 .   ? 0.244   6.560   -1.247  1.00 12.96 ? 368 HOH A O   1 
HETATM 1203 O  O   . HOH I 6 .   ? 16.672  1.136   -9.122  1.00 33.92 ? 369 HOH A O   1 
HETATM 1204 O  O   . HOH I 6 .   ? 8.938   -8.459  -11.898 1.00 35.80 ? 370 HOH A O   1 
HETATM 1205 O  O   . HOH I 6 .   ? -5.037  -11.020 -5.473  0.58 21.87 ? 371 HOH A O   1 
HETATM 1206 O  O   . HOH I 6 .   ? -1.255  0.102   15.664  1.00 19.07 ? 372 HOH A O   1 
HETATM 1207 O  O   . HOH I 6 .   ? 20.828  0.343   -1.397  1.00 20.51 ? 373 HOH A O   1 
HETATM 1208 O  O   . HOH I 6 .   ? 4.168   5.963   -11.843 1.00 25.52 ? 374 HOH A O   1 
HETATM 1209 O  O   . HOH I 6 .   ? 13.477  -13.971 -0.889  1.00 32.67 ? 375 HOH A O   1 
HETATM 1210 O  O   . HOH I 6 .   ? 3.006   -2.951  11.726  1.00 21.36 ? 376 HOH A O   1 
HETATM 1211 O  O   . HOH I 6 .   ? -14.026 1.667   -11.770 1.00 33.79 ? 377 HOH A O   1 
HETATM 1212 O  O   . HOH I 6 .   ? 8.729   8.737   -7.428  1.00 37.71 ? 378 HOH A O   1 
HETATM 1213 O  O   . HOH I 6 .   ? -15.719 3.830   9.432   1.00 14.96 ? 379 HOH A O   1 
HETATM 1214 O  O   . HOH I 6 .   ? -7.767  -4.454  17.883  1.00 11.59 ? 380 HOH A O   1 
HETATM 1215 O  O   . HOH I 6 .   ? 0.041   11.571  8.217   1.00 13.77 ? 381 HOH A O   1 
HETATM 1216 O  O   . HOH I 6 .   ? -14.813 -0.651  -9.802  1.00 22.36 ? 382 HOH A O   1 
HETATM 1217 O  O   . HOH I 6 .   ? 1.257   4.991   -3.704  1.00 10.71 ? 383 HOH A O   1 
HETATM 1218 O  O   . HOH I 6 .   ? -1.760  7.275   14.661  1.00 27.38 ? 384 HOH A O   1 
HETATM 1219 O  O   . HOH I 6 .   ? 9.076   7.002   5.439   1.00 14.05 ? 385 HOH A O   1 
HETATM 1220 O  O   . HOH I 6 .   ? -1.879  -13.971 -11.998 0.58 25.28 ? 386 HOH A O   1 
HETATM 1221 O  O   . HOH I 6 .   ? 7.531   -14.106 -10.891 1.00 32.53 ? 387 HOH A O   1 
HETATM 1222 O  O   . HOH I 6 .   ? -8.594  9.528   7.681   1.00 15.44 ? 388 HOH A O   1 
HETATM 1223 O  O   . HOH I 6 .   ? 0.497   -7.770  3.016   1.00 17.55 ? 389 HOH A O   1 
HETATM 1224 O  O   . HOH I 6 .   ? 14.681  9.562   0.582   1.00 19.13 ? 390 HOH A O   1 
HETATM 1225 O  O   . HOH I 6 .   ? -9.095  13.347  8.743   1.00 17.29 ? 391 HOH A O   1 
HETATM 1226 O  O   . HOH I 6 .   ? 0.770   7.489   5.761   1.00 13.17 ? 392 HOH A O   1 
HETATM 1227 O  O   . HOH I 6 .   ? 2.986   12.765  14.257  1.00 36.05 ? 393 HOH A O   1 
HETATM 1228 O  O   . HOH I 6 .   ? -10.054 -0.625  17.537  1.00 15.90 ? 394 HOH A O   1 
HETATM 1229 O  O   . HOH I 6 .   ? -12.277 -11.949 6.821   1.00 20.57 ? 395 HOH A O   1 
HETATM 1230 O  O   . HOH I 6 .   ? -2.145  -12.849 -3.364  1.00 25.68 ? 396 HOH A O   1 
HETATM 1231 O  O   . HOH I 6 .   ? -10.245 -1.289  -15.356 1.00 15.88 ? 397 HOH A O   1 
HETATM 1232 O  O   . HOH I 6 .   ? 10.622  -10.431 3.624   1.00 31.65 ? 398 HOH A O   1 
HETATM 1233 O  O   . HOH I 6 .   ? 8.202   13.850  2.580   1.00 27.41 ? 399 HOH A O   1 
HETATM 1234 O  O   . HOH I 6 .   ? -6.924  11.783  4.838   1.00 15.12 ? 400 HOH A O   1 
HETATM 1235 O  O   . HOH I 6 .   ? -13.257 10.957  7.767   1.00 17.51 ? 401 HOH A O   1 
HETATM 1236 O  O   . HOH I 6 .   ? -6.359  9.160   6.017   1.00 15.73 ? 402 HOH A O   1 
HETATM 1237 O  O   . HOH I 6 .   ? -17.664 -4.859  -7.296  1.00 48.67 ? 403 HOH A O   1 
HETATM 1238 O  O   . HOH I 6 .   ? 8.125   4.613   -10.706 1.00 31.14 ? 404 HOH A O   1 
HETATM 1239 O  O   . HOH I 6 .   ? -5.850  16.111  -5.385  1.00 44.21 ? 405 HOH A O   1 
HETATM 1240 O  O   . HOH I 6 .   ? 2.059   -8.519  -11.543 1.00 17.24 ? 406 HOH A O   1 
HETATM 1241 O  O   . HOH I 6 .   ? 8.618   -11.124 -4.202  1.00 18.79 ? 407 HOH A O   1 
HETATM 1242 O  O   . HOH I 6 .   ? 3.516   -8.836  8.258   1.00 31.99 ? 408 HOH A O   1 
HETATM 1243 O  O   . HOH I 6 .   ? 17.172  -5.277  8.168   1.00 18.32 ? 409 HOH A O   1 
HETATM 1244 O  O   . HOH I 6 .   ? -16.091 -8.570  6.079   1.00 22.06 ? 410 HOH A O   1 
HETATM 1245 O  O   . HOH I 6 .   ? -15.947 -4.657  -2.718  1.00 31.42 ? 411 HOH A O   1 
HETATM 1246 O  O   . HOH I 6 .   ? -6.949  -8.447  0.853   1.00 15.67 ? 412 HOH A O   1 
HETATM 1247 O  O   . HOH I 6 .   ? -11.638 -5.710  -16.518 1.00 31.61 ? 413 HOH A O   1 
HETATM 1248 O  O   . HOH I 6 .   ? 18.871  -2.954  -5.661  1.00 36.87 ? 414 HOH A O   1 
HETATM 1249 O  O   . HOH I 6 .   ? -4.957  -6.302  -14.842 1.00 15.12 ? 415 HOH A O   1 
HETATM 1250 O  O   . HOH I 6 .   ? -1.663  11.522  -6.585  1.00 19.04 ? 416 HOH A O   1 
HETATM 1251 O  O   . HOH I 6 .   ? -14.420 8.077   -9.652  1.00 33.47 ? 417 HOH A O   1 
HETATM 1252 O  O   . HOH I 6 .   ? 23.387  -4.666  0.127   1.00 24.29 ? 418 HOH A O   1 
HETATM 1253 O  O   . HOH I 6 .   ? 6.903   -6.503  6.015   1.00 20.21 ? 419 HOH A O   1 
HETATM 1254 O  O   . HOH I 6 .   ? -12.320 8.749   -7.391  1.00 15.92 ? 420 HOH A O   1 
HETATM 1255 O  O   . HOH I 6 .   ? -8.122  4.592   13.686  1.00 28.67 ? 421 HOH A O   1 
HETATM 1256 O  O   . HOH I 6 .   ? -10.076 -10.417 -5.707  1.00 21.59 ? 422 HOH A O   1 
HETATM 1257 O  O   . HOH I 6 .   ? -14.548 -2.314  13.010  1.00 23.12 ? 423 HOH A O   1 
HETATM 1258 O  O   . HOH I 6 .   ? -0.163  -6.137  11.082  1.00 22.18 ? 424 HOH A O   1 
HETATM 1259 O  O   . HOH I 6 .   ? -14.624 -1.227  5.802   1.00 14.56 ? 425 HOH A O   1 
HETATM 1260 O  O   . HOH I 6 .   ? -0.116  8.706   8.292   1.00 14.11 ? 426 HOH A O   1 
HETATM 1261 O  O   . HOH I 6 .   ? -4.713  14.579  -6.988  1.00 31.03 ? 427 HOH A O   1 
HETATM 1262 O  O   . HOH I 6 .   ? -4.375  9.694   12.389  1.00 23.99 ? 428 HOH A O   1 
HETATM 1263 O  O   . HOH I 6 .   ? 14.443  -15.495 -8.495  1.00 35.28 ? 429 HOH A O   1 
HETATM 1264 O  O   . HOH I 6 .   ? -3.098  3.376   9.441   1.00 16.40 ? 430 HOH A O   1 
HETATM 1265 O  O   . HOH I 6 .   ? 1.673   17.388  12.211  1.00 17.37 ? 431 HOH A O   1 
HETATM 1266 O  O   . HOH I 6 .   ? 14.834  -6.928  -8.265  0.50 21.08 ? 432 HOH A O   1 
HETATM 1267 O  O   . HOH I 6 .   ? 15.728  -2.596  10.294  1.00 25.87 ? 433 HOH A O   1 
HETATM 1268 O  O   . HOH I 6 .   ? -10.849 5.320   12.605  1.00 20.16 ? 434 HOH A O   1 
HETATM 1269 O  O   . HOH I 6 .   ? -7.258  -1.808  18.724  1.00 14.44 ? 435 HOH A O   1 
HETATM 1270 O  O   . HOH I 6 .   ? 7.175   3.297   11.597  1.00 22.10 ? 436 HOH A O   1 
HETATM 1271 O  O   . HOH I 6 .   ? 2.811   18.017  2.923   1.00 24.37 ? 437 HOH A O   1 
HETATM 1272 O  O   . HOH I 6 .   ? -2.220  -11.647 -6.507  1.00 19.41 ? 438 HOH A O   1 
HETATM 1273 O  O   . HOH I 6 .   ? 0.631   10.917  5.620   1.00 20.99 ? 439 HOH A O   1 
HETATM 1274 O  O   . HOH I 6 .   ? 3.827   -3.665  -16.971 1.00 25.73 ? 440 HOH A O   1 
HETATM 1275 O  O   . HOH I 6 .   ? -2.954  -16.067 -6.180  1.00 19.76 ? 441 HOH A O   1 
HETATM 1276 O  O   . HOH I 6 .   ? -17.089 0.713   1.189   1.00 14.59 ? 442 HOH A O   1 
HETATM 1277 O  O   . HOH I 6 .   ? -6.575  12.243  7.613   1.00 15.49 ? 443 HOH A O   1 
HETATM 1278 O  O   . HOH I 6 .   ? 20.232  0.682   -3.957  1.00 28.60 ? 444 HOH A O   1 
HETATM 1279 O  O   . HOH I 6 .   ? -13.529 -1.830  8.263   1.00 11.62 ? 445 HOH A O   1 
HETATM 1280 O  O   . HOH I 6 .   ? 5.369   8.451   -8.334  1.00 25.31 ? 446 HOH A O   1 
HETATM 1281 O  O   . HOH I 6 .   ? 5.645   -4.151  6.992   1.00 13.14 ? 447 HOH A O   1 
HETATM 1282 O  O   . HOH I 6 .   ? -7.096  -11.032 -7.109  0.58 19.71 ? 448 HOH A O   1 
HETATM 1283 O  O   . HOH I 6 .   ? -2.736  -8.563  3.553   1.00 13.91 ? 449 HOH A O   1 
HETATM 1284 O  O   . HOH I 6 .   ? 0.647   -14.213 -1.387  0.58 25.42 ? 450 HOH A O   1 
HETATM 1285 O  O   . HOH I 6 .   ? 5.999   5.502   14.841  1.00 33.96 ? 451 HOH A O   1 
HETATM 1286 O  O   . HOH I 6 .   ? 13.844  6.055   -5.727  1.00 19.00 ? 452 HOH A O   1 
HETATM 1287 O  O   . HOH I 6 .   ? -12.875 -6.189  -7.621  1.00 20.11 ? 453 HOH A O   1 
HETATM 1288 O  O   . HOH I 6 .   ? 3.398   -9.623  4.084   1.00 20.52 ? 454 HOH A O   1 
HETATM 1289 O  O   . HOH I 6 .   ? -2.744  7.843   9.029   1.00 12.75 ? 455 HOH A O   1 
HETATM 1290 O  O   . HOH I 6 .   ? 15.085  -11.750 -0.042  1.00 34.12 ? 456 HOH A O   1 
HETATM 1291 O  O   . HOH I 6 .   ? 7.005   -0.112  -17.895 1.00 30.90 ? 457 HOH A O   1 
HETATM 1292 O  O   . HOH I 6 .   ? -1.334  2.325   17.330  1.00 25.18 ? 458 HOH A O   1 
HETATM 1293 O  O   . HOH I 6 .   ? -4.668  -10.529 2.497   1.00 16.45 ? 459 HOH A O   1 
HETATM 1294 O  O   . HOH I 6 .   ? -6.990  -12.217 -9.342  0.58 42.04 ? 460 HOH A O   1 
HETATM 1295 O  O   . HOH I 6 .   ? 5.265   2.839   -14.807 1.00 23.41 ? 461 HOH A O   1 
HETATM 1296 O  O   . HOH I 6 .   ? -2.649  -13.764 16.677  1.00 36.05 ? 462 HOH A O   1 
HETATM 1297 O  O   . HOH I 6 .   ? -11.301 0.225   -17.322 1.00 22.88 ? 463 HOH A O   1 
HETATM 1298 O  O   . HOH I 6 .   ? 24.501  -3.624  4.772   1.00 24.70 ? 464 HOH A O   1 
HETATM 1299 O  O   . HOH I 6 .   ? -2.500  9.755   -8.412  1.00 33.08 ? 465 HOH A O   1 
HETATM 1300 O  O   . HOH I 6 .   ? 2.156   0.102   14.740  1.00 35.58 ? 466 HOH A O   1 
HETATM 1301 O  O   . HOH I 6 .   ? -14.789 9.706   12.259  1.00 36.59 ? 467 HOH A O   1 
HETATM 1302 O  O   . HOH I 6 .   ? 22.221  -6.773  2.216   1.00 35.25 ? 468 HOH A O   1 
HETATM 1303 O  O   . HOH I 6 .   ? -14.845 2.013   11.123  1.00 23.24 ? 469 HOH A O   1 
HETATM 1304 O  O   . HOH I 6 .   ? 12.760  11.823  0.572   0.58 20.49 ? 470 HOH A O   1 
HETATM 1305 O  O   . HOH I 6 .   ? 3.680   -12.058 -10.691 1.00 47.41 ? 471 HOH A O   1 
HETATM 1306 O  O   . HOH I 6 .   ? -8.012  14.247  12.801  1.00 44.87 ? 472 HOH A O   1 
HETATM 1307 O  O   . HOH I 6 .   ? 1.221   20.287  8.731   1.00 40.58 ? 473 HOH A O   1 
HETATM 1308 O  O   . HOH I 6 .   ? -17.945 -2.421  -2.059  1.00 30.55 ? 474 HOH A O   1 
HETATM 1309 O  O   . HOH I 6 .   ? 11.296  -11.174 -12.354 0.50 34.69 ? 475 HOH A O   1 
HETATM 1310 O  O   . HOH I 6 .   ? -4.212  2.617   17.624  1.00 26.88 ? 476 HOH A O   1 
HETATM 1311 O  O   . HOH I 6 .   ? -7.104  2.084   18.535  1.00 37.26 ? 477 HOH A O   1 
HETATM 1312 O  O   . HOH I 6 .   ? -2.974  5.859   10.977  1.00 20.96 ? 478 HOH A O   1 
HETATM 1313 O  O   . HOH I 6 .   ? 11.790  12.290  2.881   0.58 27.88 ? 479 HOH A O   1 
HETATM 1314 O  O   . HOH I 6 .   ? -10.143 -10.440 -14.009 1.00 44.87 ? 480 HOH A O   1 
HETATM 1315 O  O   . HOH I 6 .   ? 14.663  4.938   -7.971  1.00 39.50 ? 481 HOH A O   1 
HETATM 1316 O  O   . HOH I 6 .   ? -10.457 -13.604 8.257   1.00 27.30 ? 482 HOH A O   1 
HETATM 1317 O  O   . HOH I 6 .   ? 5.986   15.012  3.801   1.00 26.19 ? 483 HOH A O   1 
HETATM 1318 O  O   . HOH I 6 .   ? 0.767   11.235  -10.711 1.00 42.67 ? 484 HOH A O   1 
HETATM 1319 O  O   . HOH I 6 .   ? 3.783   1.608   13.088  1.00 24.41 ? 485 HOH A O   1 
HETATM 1320 O  O   . HOH I 6 .   ? 3.336   9.555   -11.073 1.00 41.16 ? 486 HOH A O   1 
HETATM 1321 O  O   . HOH I 6 .   ? -7.396  11.025  10.573  1.00 23.48 ? 487 HOH A O   1 
HETATM 1322 O  O   . HOH I 6 .   ? -15.292 -6.728  -8.903  1.00 33.25 ? 488 HOH A O   1 
HETATM 1323 O  O   . HOH I 6 .   ? 5.891   4.213   -12.558 1.00 26.26 ? 489 HOH A O   1 
HETATM 1324 O  O   . HOH I 6 .   ? -12.184 -2.133  -13.562 1.00 18.68 ? 490 HOH A O   1 
HETATM 1325 O  O   . HOH I 6 .   ? -19.393 0.693   0.233   0.50 55.07 ? 491 HOH A O   1 
HETATM 1326 O  O   . HOH I 6 .   ? 14.188  -17.653 -7.325  1.00 30.56 ? 492 HOH A O   1 
HETATM 1327 O  O   . HOH I 6 .   ? -7.481  -15.465 16.866  1.00 36.04 ? 493 HOH A O   1 
HETATM 1328 O  O   . HOH I 6 .   ? 3.462   14.711  -4.074  1.00 33.00 ? 494 HOH A O   1 
HETATM 1329 O  O   . HOH I 6 .   ? 11.376  -7.832  7.188   1.00 31.98 ? 495 HOH A O   1 
HETATM 1330 O  O   . HOH I 6 .   ? 4.162   -8.037  -17.716 1.00 46.26 ? 496 HOH A O   1 
HETATM 1331 O  O   . HOH I 6 .   ? 7.195   7.278   -9.287  1.00 49.96 ? 497 HOH A O   1 
HETATM 1332 O  O   . HOH I 6 .   ? -14.245 -0.352  -13.008 1.00 31.58 ? 498 HOH A O   1 
HETATM 1333 O  O   . HOH I 6 .   ? 3.119   15.453  -1.749  1.00 38.06 ? 499 HOH A O   1 
HETATM 1334 O  O   . HOH I 6 .   ? 7.327   1.917   -16.044 1.00 27.43 ? 500 HOH A O   1 
HETATM 1335 O  O   . HOH I 6 .   ? 1.292   20.604  6.130   1.00 45.93 ? 501 HOH A O   1 
HETATM 1336 O  O   . HOH I 6 .   ? 15.408  -7.437  7.915   1.00 35.09 ? 502 HOH A O   1 
HETATM 1337 O  O   . HOH I 6 .   ? -1.084  -8.571  5.886   0.58 21.19 ? 503 HOH A O   1 
HETATM 1338 O  O   . HOH I 6 .   ? 10.374  5.166   -11.263 1.00 40.31 ? 504 HOH A O   1 
HETATM 1339 O  O   . HOH I 6 .   ? -15.138 -2.017  10.476  1.00 22.90 ? 505 HOH A O   1 
HETATM 1340 O  O   . HOH I 6 .   ? 13.830  -9.355  1.202   1.00 38.74 ? 506 HOH A O   1 
HETATM 1341 O  O   . HOH I 6 .   ? 2.886   -11.749 2.075   0.58 23.21 ? 507 HOH A O   1 
HETATM 1342 O  O   . HOH I 6 .   ? 6.732   -17.551 -1.772  1.00 36.25 ? 508 HOH A O   1 
HETATM 1343 O  O   . HOH I 6 .   ? 3.611   19.328  5.363   1.00 29.93 ? 509 HOH A O   1 
HETATM 1344 O  O   . HOH I 6 .   ? 5.660   -8.493  7.135   0.58 25.57 ? 510 HOH A O   1 
HETATM 1345 O  O   . HOH I 6 .   ? 3.377   -0.662  12.613  1.00 43.65 ? 511 HOH A O   1 
HETATM 1346 O  O   . HOH I 6 .   ? 11.592  -10.665 1.542   1.00 38.68 ? 512 HOH A O   1 
HETATM 1347 O  O   . HOH I 6 .   ? 11.281  -12.636 -0.395  1.00 31.34 ? 513 HOH A O   1 
HETATM 1348 O  O   . HOH I 6 .   ? 7.565   -14.666 -1.031  1.00 28.22 ? 514 HOH A O   1 
HETATM 1349 O  O   . HOH I 6 .   ? -13.518 -4.157  -14.825 1.00 33.84 ? 515 HOH A O   1 
HETATM 1350 O  O   . HOH I 6 .   ? -6.008  6.222   14.415  1.00 31.54 ? 516 HOH A O   1 
HETATM 1351 O  O   . HOH I 6 .   ? 19.781  -6.322  8.152   1.00 33.65 ? 517 HOH A O   1 
HETATM 1352 O  O   . HOH I 6 .   ? 15.320  -18.819 -3.519  1.00 45.71 ? 518 HOH A O   1 
HETATM 1353 O  O   . HOH I 6 .   ? -3.576  6.206   -10.918 1.00 23.65 ? 519 HOH A O   1 
HETATM 1354 O  O   . HOH I 6 .   ? -3.932  7.037   12.963  1.00 25.33 ? 520 HOH A O   1 
HETATM 1355 O  O   . HOH I 6 .   ? -1.468  20.628  10.424  1.00 35.13 ? 521 HOH A O   1 
HETATM 1356 O  O   . HOH I 6 .   ? 12.689  6.526   -10.564 1.00 42.05 ? 522 HOH A O   1 
HETATM 1357 O  O   . HOH I 6 .   ? -10.509 11.609  7.083   1.00 15.85 ? 523 HOH A O   1 
HETATM 1358 O  O   . HOH I 6 .   ? 7.830   5.721   12.795  1.00 25.25 ? 524 HOH A O   1 
HETATM 1359 O  O   . HOH I 6 .   ? -6.487  10.719  13.145  1.00 38.56 ? 525 HOH A O   1 
HETATM 1360 O  O   . HOH I 6 .   ? -9.197  3.477   16.313  1.00 33.15 ? 526 HOH A O   1 
HETATM 1361 O  O   . HOH I 6 .   ? -9.609  12.787  4.657   1.00 14.86 ? 527 HOH A O   1 
HETATM 1362 O  O   . HOH I 6 .   ? 11.904  0.486   -15.626 1.00 40.65 ? 528 HOH A O   1 
HETATM 1363 O  O   . HOH I 6 .   ? -17.540 -3.639  10.500  1.00 31.72 ? 529 HOH A O   1 
HETATM 1364 O  O   . HOH I 6 .   ? -6.825  7.039   -11.496 1.00 27.44 ? 530 HOH A O   1 
HETATM 1365 O  O   . HOH I 6 .   ? -3.736  15.863  14.814  1.00 39.26 ? 531 HOH A O   1 
HETATM 1366 O  O   . HOH I 6 .   ? 5.126   0.013   17.627  1.00 46.48 ? 532 HOH A O   1 
HETATM 1367 O  O   . HOH I 6 .   ? -0.874  18.239  12.882  1.00 31.83 ? 533 HOH A O   1 
HETATM 1368 O  O   . HOH I 6 .   ? -16.971 0.887   -8.883  1.00 39.73 ? 534 HOH A O   1 
HETATM 1369 O  O   . HOH I 6 .   ? -10.974 -12.789 15.554  1.00 31.90 ? 535 HOH A O   1 
HETATM 1370 O  O   . HOH I 6 .   ? 6.629   -4.080  9.521   1.00 18.62 ? 536 HOH A O   1 
HETATM 1371 O  O   . HOH I 6 .   ? -8.907  -15.201 13.117  1.00 41.61 ? 537 HOH A O   1 
HETATM 1372 O  O   . HOH I 6 .   ? 1.585   -10.045 5.939   0.58 25.91 ? 538 HOH A O   1 
HETATM 1373 O  O   . HOH I 6 .   ? -7.225  8.647   15.106  1.00 36.44 ? 539 HOH A O   1 
HETATM 1374 O  O   . HOH I 6 .   ? 5.777   15.549  -0.423  1.00 47.93 ? 540 HOH A O   1 
HETATM 1375 O  O   . HOH I 6 .   ? 18.980  -3.184  -8.140  1.00 50.83 ? 541 HOH A O   1 
HETATM 1376 O  O   . HOH I 6 .   ? -20.176 -5.013  3.262   1.00 45.19 ? 542 HOH A O   1 
HETATM 1377 O  O   . HOH I 6 .   ? -0.876  -10.613 2.465   0.58 25.59 ? 543 HOH A O   1 
HETATM 1378 O  O   . HOH I 6 .   ? -6.510  13.052  14.497  1.00 32.15 ? 544 HOH A O   1 
HETATM 1379 O  O   . HOH I 6 .   ? 10.441  1.386   -19.705 1.00 25.92 ? 545 HOH A O   1 
HETATM 1380 O  O   . HOH I 6 .   ? 11.131  -4.078  11.297  1.00 28.68 ? 546 HOH A O   1 
HETATM 1381 O  O   . HOH I 6 .   ? 24.779  -4.591  2.298   1.00 30.36 ? 547 HOH A O   1 
HETATM 1382 O  O   . HOH I 6 .   ? 16.672  -5.074  -8.416  1.00 35.09 ? 548 HOH A O   1 
HETATM 1383 O  O   . HOH I 6 .   ? 9.967   2.732   -15.729 1.00 34.19 ? 549 HOH A O   1 
HETATM 1384 O  O   . HOH I 6 .   ? -17.594 -7.585  8.386   1.00 33.09 ? 550 HOH A O   1 
HETATM 1385 O  O   . HOH I 6 .   ? 13.612  -6.412  10.739  1.00 47.42 ? 551 HOH A O   1 
HETATM 1386 O  O   . HOH I 6 .   ? 0.579   22.176  -0.160  1.00 48.53 ? 552 HOH A O   1 
HETATM 1387 O  O   . HOH I 6 .   ? 1.679   18.823  -1.638  1.00 45.90 ? 553 HOH A O   1 
HETATM 1388 O  O   . HOH I 6 .   ? -18.418 -4.605  8.302   1.00 36.74 ? 554 HOH A O   1 
HETATM 1389 O  O   . HOH I 6 .   ? 5.877   -0.921  13.473  1.00 31.84 ? 555 HOH A O   1 
HETATM 1390 O  O   . HOH I 6 .   ? 0.593   20.378  -5.125  1.00 45.86 ? 556 HOH A O   1 
# 
